data_6ARE
#
_entry.id   6ARE
#
_cell.length_a   71.360
_cell.length_b   106.590
_cell.length_c   110.840
_cell.angle_alpha   90.000
_cell.angle_beta   104.270
_cell.angle_gamma   90.000
#
_symmetry.space_group_name_H-M   'P 1 21 1'
#
loop_
_entity.id
_entity.type
_entity.pdbx_description
1 polymer 'Acetyl-CoA acetyltransferase, acetylated enzyme'
2 polymer 'Acetyl-CoA acetyltransferase'
3 non-polymer 'COENZYME A'
4 non-polymer 'CHLORIDE ION'
5 non-polymer 'AMMONIUM ION'
6 non-polymer 'ACETATE ION'
7 non-polymer 'ACETYL COENZYME *A'
8 water water
#
loop_
_entity_poly.entity_id
_entity_poly.type
_entity_poly.pdbx_seq_one_letter_code
_entity_poly.pdbx_strand_id
1 'polypeptide(L)'
;GMSSLPAVYIVSSARTPVGSFLGSLSSLTAPQLGAHAIKAALAKVDGLKPSDVQEVFFGNVISANVGQNPARQCALGAGL
EESTICTTVNKV(SCY)ASGLKAIILGAQTIMTGNADVVVAGGTESMSNAPHYLPNLRTGAKYGHQSLVDGIMKDGLTDA
GKQELMGLQAEECAQDHGFSREQQDEYAIRTYEKAQAAQKAGLFDEEIAPIQLPGFRGKPDVTVTQDEEPKNLNPEKLRA
IKPAFIPGSGTVTAPNSSPLNDGAAAVVLVSEAKLKELNLKPVAKILGWGDAAQQPSKFTTAPALAIPKALKHAGVGQDA
IDAFEINEAFSVVALANMKLLGIPEEKVNLHGGAVAIGHPIGASGARILTTLLGVLKAKKGKLGCAGICNGGGGASALVV
ELL
;
A,B
2 'polypeptide(L)'
;GMSSLPAVYIVSSARTPVGSFLGSLSSLTAPQLGAHAIKAALAKVDGLKPSDVQEVFFGNVISANVGQNPARQCALGAGL
EESTICTTVNKVCASGLKAIILGAQTIMTGNADVVVAGGTESMSNAPHYLPNLRTGAKYGHQSLVDGIMKDGLTDAGKQE
LMGLQAEECAQDHGFSREQQDEYAIRTYEKAQAAQKAGLFDEEIAPIQLPGFRGKPDVTVTQDEEPKNLNPEKLRAIKPA
FIPGSGTVTAPNSSPLNDGAAAVVLVSEAKLKELNLKPVAKILGWGDAAQQPSKFTTAPALAIPKALKHAGVGQDAIDAF
EINEAFSVVALANMKLLGIPEEKVNLHGGAVAIGHPIGASGARILTTLLGVLKAKKGKLGCAGICNGGGGASALVVELL
;
C,D
#
# COMPACT_ATOMS: atom_id res chain seq x y z
N GLY A 1 -39.37 -3.53 32.73
CA GLY A 1 -39.43 -4.73 33.55
C GLY A 1 -38.20 -4.93 34.42
N MET A 2 -37.46 -3.84 34.64
CA MET A 2 -36.28 -3.89 35.48
C MET A 2 -36.58 -3.87 36.98
N SER A 3 -37.83 -3.58 37.36
CA SER A 3 -38.19 -3.61 38.78
C SER A 3 -38.01 -5.00 39.38
N SER A 4 -38.20 -6.06 38.58
CA SER A 4 -38.01 -7.42 39.04
C SER A 4 -36.54 -7.85 39.05
N LEU A 5 -35.67 -7.07 38.42
CA LEU A 5 -34.27 -7.43 38.24
C LEU A 5 -33.38 -6.72 39.25
N PRO A 6 -32.23 -7.31 39.60
CA PRO A 6 -31.33 -6.68 40.58
C PRO A 6 -30.89 -5.30 40.13
N ALA A 7 -30.60 -4.44 41.09
CA ALA A 7 -30.32 -3.05 40.76
C ALA A 7 -28.85 -2.87 40.39
N VAL A 8 -28.60 -1.94 39.47
CA VAL A 8 -27.25 -1.57 39.03
C VAL A 8 -27.07 -0.08 39.26
N TYR A 9 -25.97 0.29 39.93
CA TYR A 9 -25.69 1.69 40.24
C TYR A 9 -24.45 2.17 39.49
N ILE A 10 -24.51 3.39 39.00
CA ILE A 10 -23.32 4.06 38.48
C ILE A 10 -22.68 4.78 39.66
N VAL A 11 -21.45 4.41 39.98
CA VAL A 11 -20.75 5.12 41.06
C VAL A 11 -19.78 6.18 40.56
N SER A 12 -19.45 6.19 39.26
CA SER A 12 -18.67 7.28 38.70
C SER A 12 -18.67 7.17 37.19
N SER A 13 -18.15 8.22 36.56
CA SER A 13 -17.98 8.28 35.12
C SER A 13 -16.89 9.29 34.81
N ALA A 14 -16.29 9.18 33.63
CA ALA A 14 -15.27 10.12 33.21
C ALA A 14 -15.08 10.00 31.71
N ARG A 15 -14.60 11.06 31.10
CA ARG A 15 -14.27 11.00 29.68
C ARG A 15 -12.99 11.77 29.45
N THR A 16 -12.34 11.45 28.34
CA THR A 16 -11.28 12.30 27.83
C THR A 16 -11.90 13.54 27.21
N PRO A 17 -11.14 14.62 27.08
CA PRO A 17 -11.46 15.62 26.06
C PRO A 17 -11.68 14.88 24.75
N VAL A 18 -12.55 15.42 23.91
CA VAL A 18 -12.70 14.92 22.55
C VAL A 18 -11.78 15.72 21.65
N GLY A 19 -10.88 15.04 20.95
CA GLY A 19 -9.94 15.70 20.07
C GLY A 19 -10.42 15.70 18.63
N SER A 20 -9.97 16.69 17.87
CA SER A 20 -10.32 16.78 16.46
C SER A 20 -9.53 15.76 15.66
N PHE A 21 -10.06 15.45 14.47
CA PHE A 21 -9.39 14.53 13.56
C PHE A 21 -7.98 15.02 13.21
N LEU A 22 -6.98 14.15 13.46
CA LEU A 22 -5.56 14.50 13.33
C LEU A 22 -5.19 15.68 14.23
N GLY A 23 -5.89 15.82 15.36
CA GLY A 23 -5.76 16.99 16.21
C GLY A 23 -5.08 16.72 17.55
N SER A 24 -5.64 17.29 18.62
CA SER A 24 -4.94 17.38 19.90
C SER A 24 -4.60 16.02 20.49
N LEU A 25 -5.40 14.98 20.22
CA LEU A 25 -5.16 13.67 20.79
C LEU A 25 -4.75 12.64 19.76
N SER A 26 -4.38 13.08 18.56
CA SER A 26 -4.09 12.13 17.49
C SER A 26 -2.83 11.30 17.74
N SER A 27 -1.98 11.71 18.67
CA SER A 27 -0.79 10.93 18.98
C SER A 27 -1.07 9.71 19.87
N LEU A 28 -2.29 9.58 20.39
CA LEU A 28 -2.64 8.49 21.30
C LEU A 28 -3.46 7.44 20.58
N THR A 29 -3.22 6.18 20.93
CA THR A 29 -4.02 5.09 20.39
C THR A 29 -5.34 5.01 21.13
N ALA A 30 -6.27 4.24 20.55
CA ALA A 30 -7.57 4.04 21.20
C ALA A 30 -7.45 3.43 22.58
N PRO A 31 -6.65 2.38 22.82
CA PRO A 31 -6.54 1.88 24.20
C PRO A 31 -5.89 2.88 25.16
N GLN A 32 -5.02 3.78 24.69
CA GLN A 32 -4.46 4.76 25.63
C GLN A 32 -5.53 5.76 26.08
N LEU A 33 -6.39 6.18 25.14
CA LEU A 33 -7.53 7.00 25.52
C LEU A 33 -8.47 6.24 26.46
N GLY A 34 -8.75 4.97 26.14
CA GLY A 34 -9.64 4.19 26.97
C GLY A 34 -9.08 3.98 28.36
N ALA A 35 -7.80 3.62 28.44
CA ALA A 35 -7.17 3.48 29.75
C ALA A 35 -7.32 4.76 30.54
N HIS A 36 -7.09 5.90 29.89
CA HIS A 36 -7.16 7.19 30.58
C HIS A 36 -8.54 7.41 31.19
N ALA A 37 -9.62 7.12 30.43
CA ALA A 37 -10.95 7.36 30.96
C ALA A 37 -11.30 6.40 32.09
N ILE A 38 -10.91 5.12 31.95
CA ILE A 38 -11.18 4.14 33.01
C ILE A 38 -10.50 4.53 34.30
N LYS A 39 -9.20 4.84 34.21
CA LYS A 39 -8.45 5.22 35.40
CA LYS A 39 -8.45 5.22 35.40
C LYS A 39 -9.07 6.45 36.07
N ALA A 40 -9.46 7.43 35.27
CA ALA A 40 -10.04 8.64 35.83
C ALA A 40 -11.39 8.35 36.50
N ALA A 41 -12.20 7.47 35.90
CA ALA A 41 -13.49 7.16 36.51
C ALA A 41 -13.31 6.44 37.85
N LEU A 42 -12.40 5.47 37.91
CA LEU A 42 -12.19 4.75 39.16
C LEU A 42 -11.66 5.67 40.25
N ALA A 43 -10.82 6.64 39.89
CA ALA A 43 -10.25 7.50 40.92
C ALA A 43 -11.28 8.38 41.60
N LYS A 44 -12.51 8.49 41.08
CA LYS A 44 -13.54 9.28 41.73
C LYS A 44 -14.31 8.53 42.79
N VAL A 45 -14.19 7.21 42.87
CA VAL A 45 -15.04 6.41 43.75
C VAL A 45 -14.26 6.17 45.03
N ASP A 46 -14.69 6.83 46.10
CA ASP A 46 -14.09 6.63 47.41
C ASP A 46 -14.47 5.25 47.93
N GLY A 47 -13.48 4.51 48.41
CA GLY A 47 -13.71 3.20 48.96
C GLY A 47 -13.73 2.09 47.94
N LEU A 48 -13.50 2.37 46.67
CA LEU A 48 -13.36 1.33 45.66
C LEU A 48 -11.91 1.33 45.15
N LYS A 49 -11.36 0.14 45.01
CA LYS A 49 -10.03 -0.02 44.44
C LYS A 49 -10.13 -0.49 42.99
N PRO A 50 -9.20 -0.07 42.13
CA PRO A 50 -9.19 -0.59 40.76
C PRO A 50 -9.11 -2.12 40.72
N SER A 51 -8.43 -2.73 41.69
CA SER A 51 -8.38 -4.19 41.77
C SER A 51 -9.75 -4.82 42.04
N ASP A 52 -10.76 -4.04 42.43
CA ASP A 52 -12.09 -4.56 42.65
C ASP A 52 -12.86 -4.79 41.36
N VAL A 53 -12.39 -4.23 40.25
CA VAL A 53 -13.11 -4.30 38.98
C VAL A 53 -12.97 -5.72 38.43
N GLN A 54 -14.09 -6.39 38.19
CA GLN A 54 -14.05 -7.78 37.77
C GLN A 54 -14.14 -7.97 36.27
N GLU A 55 -14.77 -7.04 35.56
CA GLU A 55 -15.07 -7.27 34.15
C GLU A 55 -15.21 -5.93 33.45
N VAL A 56 -14.83 -5.92 32.16
CA VAL A 56 -14.84 -4.71 31.33
C VAL A 56 -15.55 -5.04 30.02
N PHE A 57 -16.46 -4.16 29.60
CA PHE A 57 -16.99 -4.16 28.24
C PHE A 57 -16.67 -2.80 27.65
N PHE A 58 -16.03 -2.79 26.48
CA PHE A 58 -15.61 -1.52 25.93
C PHE A 58 -15.86 -1.49 24.44
N GLY A 59 -16.57 -0.45 24.00
CA GLY A 59 -16.84 -0.28 22.60
C GLY A 59 -15.63 0.21 21.83
N ASN A 60 -15.56 -0.26 20.59
CA ASN A 60 -14.53 0.14 19.63
C ASN A 60 -14.96 -0.34 18.25
N VAL A 61 -15.03 0.57 17.28
CA VAL A 61 -15.59 0.23 15.96
C VAL A 61 -14.50 -0.08 14.95
N ILE A 62 -13.60 0.88 14.73
CA ILE A 62 -12.51 0.71 13.74
CA ILE A 62 -12.50 0.72 13.75
C ILE A 62 -11.32 0.15 14.53
N SER A 63 -11.32 -1.17 14.69
CA SER A 63 -10.30 -1.82 15.51
C SER A 63 -9.05 -2.18 14.72
N ALA A 64 -9.02 -1.94 13.42
CA ALA A 64 -7.88 -2.38 12.62
C ALA A 64 -6.62 -1.72 13.12
N ASN A 65 -5.58 -2.53 13.30
CA ASN A 65 -4.26 -2.11 13.78
C ASN A 65 -4.26 -1.68 15.24
N VAL A 66 -5.37 -1.85 15.96
CA VAL A 66 -5.35 -1.56 17.39
C VAL A 66 -4.70 -2.70 18.18
N GLY A 67 -4.63 -3.90 17.63
CA GLY A 67 -4.07 -5.04 18.31
C GLY A 67 -5.13 -5.88 19.01
N GLN A 68 -4.70 -7.02 19.55
CA GLN A 68 -5.61 -7.96 20.20
C GLN A 68 -6.46 -7.27 21.25
N ASN A 69 -7.77 -7.52 21.18
CA ASN A 69 -8.81 -7.22 22.16
C ASN A 69 -8.66 -5.80 22.70
N PRO A 70 -9.06 -4.78 21.92
CA PRO A 70 -8.94 -3.38 22.40
C PRO A 70 -9.36 -3.18 23.85
N ALA A 71 -10.49 -3.75 24.25
CA ALA A 71 -10.96 -3.63 25.62
C ALA A 71 -9.94 -4.12 26.64
N ARG A 72 -9.29 -5.25 26.36
CA ARG A 72 -8.26 -5.76 27.27
C ARG A 72 -7.12 -4.78 27.42
N GLN A 73 -6.66 -4.20 26.31
CA GLN A 73 -5.60 -3.21 26.39
C GLN A 73 -6.04 -1.98 27.18
N CYS A 74 -7.30 -1.57 27.02
CA CYS A 74 -7.83 -0.45 27.81
C CYS A 74 -7.75 -0.78 29.29
N ALA A 75 -8.21 -1.98 29.66
CA ALA A 75 -8.22 -2.37 31.07
C ALA A 75 -6.81 -2.43 31.64
N LEU A 76 -5.91 -3.14 30.96
CA LEU A 76 -4.57 -3.29 31.53
C LEU A 76 -3.85 -1.95 31.55
N GLY A 77 -4.06 -1.13 30.54
CA GLY A 77 -3.40 0.17 30.51
C GLY A 77 -3.88 1.09 31.62
N ALA A 78 -5.13 0.92 32.04
CA ALA A 78 -5.69 1.69 33.15
C ALA A 78 -5.26 1.18 34.52
N GLY A 79 -4.49 0.09 34.58
CA GLY A 79 -4.04 -0.44 35.85
C GLY A 79 -4.94 -1.48 36.48
N LEU A 80 -5.90 -2.03 35.73
CA LEU A 80 -6.73 -3.09 36.28
C LEU A 80 -5.93 -4.40 36.37
N GLU A 81 -6.43 -5.30 37.20
CA GLU A 81 -5.78 -6.59 37.41
C GLU A 81 -5.85 -7.46 36.16
N GLU A 82 -4.84 -8.32 35.99
CA GLU A 82 -4.85 -9.25 34.87
C GLU A 82 -5.96 -10.27 34.98
N SER A 83 -6.58 -10.41 36.15
CA SER A 83 -7.72 -11.29 36.29
C SER A 83 -8.98 -10.72 35.67
N THR A 84 -8.95 -9.48 35.21
CA THR A 84 -10.17 -8.82 34.74
C THR A 84 -10.64 -9.39 33.40
N ILE A 85 -11.94 -9.67 33.31
CA ILE A 85 -12.53 -10.19 32.09
CA ILE A 85 -12.58 -10.18 32.10
C ILE A 85 -12.84 -9.03 31.15
N CYS A 86 -12.36 -9.13 29.91
CA CYS A 86 -12.47 -8.01 28.98
C CYS A 86 -13.06 -8.42 27.63
N THR A 87 -14.04 -7.67 27.16
CA THR A 87 -14.66 -7.94 25.87
C THR A 87 -14.84 -6.63 25.11
N THR A 88 -14.45 -6.65 23.84
CA THR A 88 -14.65 -5.52 22.94
C THR A 88 -16.00 -5.64 22.23
N VAL A 89 -16.74 -4.53 22.18
CA VAL A 89 -18.09 -4.50 21.64
C VAL A 89 -18.13 -3.57 20.42
N ASN A 90 -18.82 -4.01 19.35
CA ASN A 90 -19.02 -3.19 18.14
C ASN A 90 -20.48 -3.24 17.74
N LYS A 91 -21.20 -2.15 18.04
CA LYS A 91 -22.51 -1.87 17.49
C LYS A 91 -22.48 -0.51 16.82
N VAL A 92 -21.40 -0.31 16.05
CA VAL A 92 -21.00 0.96 15.41
C VAL A 92 -21.16 2.08 16.42
N ALA A 94 -23.40 2.86 18.41
CA ALA A 94 -24.05 2.51 19.67
C ALA A 94 -23.15 1.68 20.62
N SER A 95 -21.94 1.38 20.15
CA SER A 95 -21.03 0.46 20.86
C SER A 95 -20.85 0.84 22.31
N GLY A 96 -20.55 2.12 22.57
CA GLY A 96 -20.24 2.55 23.93
C GLY A 96 -21.41 2.41 24.89
N LEU A 97 -22.64 2.48 24.38
CA LEU A 97 -23.81 2.33 25.21
C LEU A 97 -24.24 0.87 25.32
N LYS A 98 -24.15 0.11 24.23
CA LYS A 98 -24.36 -1.33 24.35
C LYS A 98 -23.36 -1.96 25.31
N ALA A 99 -22.13 -1.44 25.36
CA ALA A 99 -21.15 -1.96 26.32
C ALA A 99 -21.66 -1.81 27.76
N ILE A 100 -22.28 -0.66 28.06
CA ILE A 100 -22.79 -0.40 29.40
C ILE A 100 -23.99 -1.28 29.70
N ILE A 101 -24.84 -1.50 28.70
CA ILE A 101 -25.97 -2.41 28.87
C ILE A 101 -25.46 -3.81 29.22
N LEU A 102 -24.50 -4.30 28.46
CA LEU A 102 -23.96 -5.64 28.72
C LEU A 102 -23.31 -5.70 30.11
N GLY A 103 -22.62 -4.62 30.48
CA GLY A 103 -22.07 -4.52 31.82
C GLY A 103 -23.13 -4.62 32.89
N ALA A 104 -24.23 -3.88 32.73
CA ALA A 104 -25.30 -3.97 33.72
C ALA A 104 -25.89 -5.36 33.77
N GLN A 105 -26.14 -5.97 32.59
CA GLN A 105 -26.65 -7.33 32.55
C GLN A 105 -25.72 -8.30 33.27
N THR A 106 -24.41 -8.08 33.17
CA THR A 106 -23.49 -9.01 33.82
C THR A 106 -23.59 -8.90 35.35
N ILE A 107 -23.91 -7.71 35.88
CA ILE A 107 -24.17 -7.58 37.31
C ILE A 107 -25.51 -8.24 37.65
N MET A 108 -26.53 -7.97 36.84
CA MET A 108 -27.86 -8.50 37.09
C MET A 108 -27.90 -10.02 37.12
N THR A 109 -27.11 -10.69 36.29
CA THR A 109 -27.13 -12.15 36.32
C THR A 109 -26.21 -12.70 37.39
N GLY A 110 -25.57 -11.84 38.17
CA GLY A 110 -24.78 -12.29 39.30
C GLY A 110 -23.36 -12.69 38.98
N ASN A 111 -22.88 -12.44 37.76
CA ASN A 111 -21.55 -12.88 37.37
C ASN A 111 -20.47 -11.88 37.73
N ALA A 112 -20.83 -10.66 38.09
CA ALA A 112 -19.87 -9.70 38.59
C ALA A 112 -20.58 -8.75 39.54
N ASP A 113 -19.78 -8.11 40.39
CA ASP A 113 -20.29 -7.07 41.28
C ASP A 113 -19.73 -5.69 40.99
N VAL A 114 -18.62 -5.60 40.23
CA VAL A 114 -18.02 -4.34 39.83
C VAL A 114 -17.64 -4.47 38.36
N VAL A 115 -18.17 -3.60 37.51
CA VAL A 115 -17.96 -3.64 36.07
C VAL A 115 -17.63 -2.24 35.60
N VAL A 116 -16.65 -2.14 34.70
CA VAL A 116 -16.34 -0.91 33.99
C VAL A 116 -16.77 -1.09 32.55
N ALA A 117 -17.52 -0.10 32.03
CA ALA A 117 -18.02 -0.19 30.68
C ALA A 117 -17.92 1.18 30.02
N GLY A 118 -17.74 1.17 28.72
CA GLY A 118 -17.58 2.41 27.98
C GLY A 118 -17.17 2.15 26.54
N GLY A 119 -16.40 3.08 26.00
CA GLY A 119 -16.00 2.96 24.61
C GLY A 119 -14.83 3.87 24.35
N THR A 120 -14.15 3.61 23.24
CA THR A 120 -13.04 4.43 22.86
C THR A 120 -12.93 4.39 21.34
N GLU A 121 -12.39 5.46 20.77
CA GLU A 121 -12.15 5.47 19.33
C GLU A 121 -11.03 6.45 19.03
N SER A 122 -10.05 6.01 18.27
CA SER A 122 -9.07 6.90 17.69
C SER A 122 -9.28 6.87 16.19
N MET A 123 -10.07 7.81 15.69
CA MET A 123 -10.27 7.86 14.24
C MET A 123 -9.03 8.36 13.53
N SER A 124 -8.21 9.20 14.18
CA SER A 124 -6.95 9.65 13.58
C SER A 124 -6.05 8.46 13.21
N ASN A 125 -6.03 7.43 14.03
CA ASN A 125 -5.11 6.31 13.83
C ASN A 125 -5.76 5.13 13.14
N ALA A 126 -6.96 5.32 12.58
CA ALA A 126 -7.55 4.27 11.75
C ALA A 126 -6.70 4.12 10.49
N PRO A 127 -6.33 2.91 10.11
CA PRO A 127 -5.41 2.77 8.97
C PRO A 127 -6.12 2.72 7.63
N HIS A 128 -5.35 2.53 6.56
CA HIS A 128 -5.87 2.12 5.27
C HIS A 128 -5.61 0.64 5.05
N TYR A 129 -6.45 0.01 4.22
CA TYR A 129 -6.38 -1.42 3.96
C TYR A 129 -5.90 -1.71 2.56
N LEU A 130 -5.08 -2.75 2.44
CA LEU A 130 -4.76 -3.35 1.15
C LEU A 130 -5.36 -4.75 1.12
N PRO A 131 -6.51 -4.94 0.48
CA PRO A 131 -7.24 -6.21 0.61
C PRO A 131 -6.73 -7.39 -0.23
N ASN A 132 -6.00 -7.18 -1.32
CA ASN A 132 -5.75 -8.26 -2.29
C ASN A 132 -4.32 -8.80 -2.24
N LEU A 133 -3.56 -8.49 -1.20
CA LEU A 133 -2.13 -8.82 -1.18
C LEU A 133 -1.84 -10.31 -0.96
N ARG A 134 -2.73 -11.06 -0.30
CA ARG A 134 -2.40 -12.46 -0.01
C ARG A 134 -2.41 -13.30 -1.28
N THR A 135 -3.47 -13.18 -2.07
CA THR A 135 -3.55 -13.95 -3.30
C THR A 135 -2.94 -13.20 -4.48
N GLY A 136 -2.84 -11.88 -4.39
CA GLY A 136 -2.25 -11.09 -5.44
C GLY A 136 -3.26 -10.55 -6.42
N ALA A 137 -2.78 -9.62 -7.24
CA ALA A 137 -3.58 -8.96 -8.27
C ALA A 137 -2.63 -8.73 -9.44
N LYS A 138 -2.82 -9.51 -10.51
CA LYS A 138 -1.79 -9.61 -11.53
C LYS A 138 -1.57 -8.30 -12.27
N TYR A 139 -2.63 -7.51 -12.45
CA TYR A 139 -2.49 -6.36 -13.33
C TYR A 139 -3.66 -5.41 -13.10
N GLY A 140 -3.37 -4.12 -13.10
CA GLY A 140 -4.38 -3.10 -12.92
C GLY A 140 -4.16 -2.31 -11.66
N HIS A 141 -4.71 -1.10 -11.62
CA HIS A 141 -4.67 -0.29 -10.42
C HIS A 141 -5.50 -0.95 -9.32
N GLN A 142 -5.06 -0.77 -8.09
CA GLN A 142 -5.72 -1.33 -6.93
C GLN A 142 -6.09 -0.19 -6.00
N SER A 143 -6.86 -0.50 -4.98
CA SER A 143 -7.39 0.52 -4.09
C SER A 143 -6.85 0.33 -2.68
N LEU A 144 -6.43 1.44 -2.06
CA LEU A 144 -6.16 1.49 -0.63
C LEU A 144 -7.42 1.97 0.07
N VAL A 145 -8.06 1.07 0.82
CA VAL A 145 -9.37 1.34 1.40
C VAL A 145 -9.20 2.12 2.70
N ASP A 146 -9.96 3.21 2.84
CA ASP A 146 -9.94 3.99 4.07
C ASP A 146 -10.77 3.26 5.13
N GLY A 147 -10.13 2.84 6.22
CA GLY A 147 -10.83 2.06 7.23
C GLY A 147 -11.99 2.80 7.87
N ILE A 148 -11.84 4.12 8.07
CA ILE A 148 -12.94 4.95 8.54
C ILE A 148 -14.14 4.82 7.60
N MET A 149 -13.91 4.99 6.30
CA MET A 149 -15.03 4.93 5.36
C MET A 149 -15.66 3.55 5.34
N LYS A 150 -14.83 2.50 5.35
CA LYS A 150 -15.30 1.15 5.11
C LYS A 150 -15.97 0.53 6.33
N ASP A 151 -15.32 0.63 7.49
CA ASP A 151 -15.82 -0.06 8.67
C ASP A 151 -16.59 0.85 9.61
N GLY A 152 -16.52 2.16 9.42
CA GLY A 152 -17.22 3.07 10.30
C GLY A 152 -18.41 3.75 9.65
N LEU A 153 -18.26 4.25 8.43
CA LEU A 153 -19.21 5.23 7.89
C LEU A 153 -20.00 4.80 6.66
N THR A 154 -19.84 3.57 6.17
CA THR A 154 -20.53 3.15 4.95
C THR A 154 -21.54 2.06 5.29
N ASP A 155 -22.78 2.28 4.89
CA ASP A 155 -23.79 1.24 5.02
C ASP A 155 -23.38 0.04 4.17
N ALA A 156 -23.34 -1.15 4.80
CA ALA A 156 -22.82 -2.34 4.11
C ALA A 156 -23.72 -2.76 2.96
N GLY A 157 -25.04 -2.65 3.13
CA GLY A 157 -25.95 -3.15 2.11
C GLY A 157 -26.02 -2.26 0.87
N LYS A 158 -26.12 -0.94 1.08
CA LYS A 158 -26.25 -0.03 -0.04
C LYS A 158 -24.93 0.61 -0.45
N GLN A 159 -23.85 0.39 0.31
CA GLN A 159 -22.55 1.01 0.05
C GLN A 159 -22.68 2.54 -0.03
N GLU A 160 -23.44 3.11 0.91
CA GLU A 160 -23.72 4.54 0.95
C GLU A 160 -23.13 5.12 2.21
N LEU A 161 -22.44 6.26 2.07
CA LEU A 161 -21.95 6.94 3.25
C LEU A 161 -23.12 7.36 4.15
N MET A 162 -22.89 7.34 5.46
CA MET A 162 -23.91 7.78 6.41
C MET A 162 -24.44 9.17 6.05
N GLY A 163 -23.57 10.05 5.54
CA GLY A 163 -24.01 11.38 5.13
C GLY A 163 -25.11 11.36 4.09
N LEU A 164 -25.04 10.41 3.14
CA LEU A 164 -26.12 10.30 2.16
C LEU A 164 -27.41 9.84 2.81
N GLN A 165 -27.32 8.90 3.75
CA GLN A 165 -28.52 8.49 4.47
C GLN A 165 -29.03 9.59 5.39
N ALA A 166 -28.17 10.51 5.80
CA ALA A 166 -28.66 11.69 6.50
C ALA A 166 -29.49 12.56 5.57
N GLU A 167 -29.08 12.68 4.30
CA GLU A 167 -29.89 13.39 3.31
C GLU A 167 -31.22 12.69 3.09
N GLU A 168 -31.21 11.36 3.11
CA GLU A 168 -32.46 10.62 3.04
C GLU A 168 -33.34 10.96 4.24
N CYS A 169 -32.72 11.21 5.39
CA CYS A 169 -33.46 11.61 6.58
C CYS A 169 -34.07 12.99 6.40
N ALA A 170 -33.30 13.95 5.84
CA ALA A 170 -33.84 15.30 5.66
C ALA A 170 -35.01 15.29 4.68
N GLN A 171 -34.95 14.44 3.67
CA GLN A 171 -36.03 14.34 2.70
C GLN A 171 -37.27 13.70 3.32
N ASP A 172 -37.08 12.60 4.04
CA ASP A 172 -38.21 11.87 4.62
C ASP A 172 -38.95 12.70 5.65
N HIS A 173 -38.26 13.56 6.40
CA HIS A 173 -38.88 14.26 7.51
C HIS A 173 -38.95 15.77 7.31
N GLY A 174 -38.53 16.28 6.15
CA GLY A 174 -38.75 17.66 5.76
C GLY A 174 -37.91 18.71 6.45
N PHE A 175 -36.61 18.47 6.59
CA PHE A 175 -35.72 19.42 7.25
C PHE A 175 -34.79 20.05 6.22
N SER A 176 -34.84 21.36 6.13
CA SER A 176 -34.09 22.13 5.15
C SER A 176 -32.64 22.31 5.58
N ARG A 177 -31.82 22.73 4.61
CA ARG A 177 -30.48 23.20 4.91
C ARG A 177 -30.49 24.23 6.05
N GLU A 178 -31.42 25.18 5.99
CA GLU A 178 -31.46 26.25 6.99
C GLU A 178 -31.86 25.72 8.36
N GLN A 179 -32.80 24.79 8.41
CA GLN A 179 -33.19 24.24 9.72
C GLN A 179 -32.04 23.47 10.35
N GLN A 180 -31.32 22.67 9.56
CA GLN A 180 -30.16 21.94 10.07
C GLN A 180 -29.06 22.90 10.50
N ASP A 181 -28.81 23.95 9.71
CA ASP A 181 -27.76 24.89 10.06
C ASP A 181 -28.06 25.61 11.36
N GLU A 182 -29.31 26.06 11.55
CA GLU A 182 -29.65 26.78 12.78
C GLU A 182 -29.63 25.86 13.99
N TYR A 183 -29.99 24.59 13.80
CA TYR A 183 -29.80 23.62 14.88
C TYR A 183 -28.32 23.50 15.24
N ALA A 184 -27.45 23.40 14.22
CA ALA A 184 -26.03 23.23 14.48
C ALA A 184 -25.49 24.45 15.23
N ILE A 185 -25.95 25.64 14.85
CA ILE A 185 -25.49 26.85 15.54
C ILE A 185 -25.91 26.82 17.00
N ARG A 186 -27.15 26.40 17.27
CA ARG A 186 -27.63 26.35 18.66
C ARG A 186 -26.84 25.33 19.49
N THR A 187 -26.50 24.18 18.89
CA THR A 187 -25.80 23.18 19.69
C THR A 187 -24.34 23.58 19.94
N TYR A 188 -23.70 24.27 19.00
CA TYR A 188 -22.39 24.87 19.28
C TYR A 188 -22.48 25.90 20.39
N GLU A 189 -23.49 26.78 20.33
CA GLU A 189 -23.61 27.81 21.36
C GLU A 189 -23.84 27.17 22.74
N LYS A 190 -24.61 26.08 22.80
CA LYS A 190 -24.78 25.39 24.08
C LYS A 190 -23.46 24.76 24.54
N ALA A 191 -22.69 24.20 23.62
CA ALA A 191 -21.44 23.57 24.02
C ALA A 191 -20.44 24.61 24.50
N GLN A 192 -20.38 25.75 23.81
CA GLN A 192 -19.49 26.83 24.24
C GLN A 192 -19.92 27.41 25.59
N ALA A 193 -21.22 27.58 25.81
CA ALA A 193 -21.69 28.08 27.11
C ALA A 193 -21.30 27.12 28.23
N ALA A 194 -21.58 25.83 28.04
CA ALA A 194 -21.21 24.83 29.04
C ALA A 194 -19.71 24.83 29.28
N GLN A 195 -18.91 24.91 28.21
CA GLN A 195 -17.46 24.99 28.33
C GLN A 195 -17.07 26.18 29.18
N LYS A 196 -17.58 27.36 28.83
CA LYS A 196 -17.18 28.60 29.50
C LYS A 196 -17.57 28.60 30.97
N ALA A 197 -18.69 27.97 31.30
CA ALA A 197 -19.19 27.89 32.67
C ALA A 197 -18.51 26.81 33.50
N GLY A 198 -17.57 26.07 32.92
CA GLY A 198 -16.93 24.99 33.64
C GLY A 198 -17.76 23.74 33.79
N LEU A 199 -18.88 23.64 33.08
CA LEU A 199 -19.80 22.53 33.29
C LEU A 199 -19.29 21.19 32.74
N PHE A 200 -18.22 21.19 31.95
CA PHE A 200 -17.55 19.94 31.58
C PHE A 200 -16.39 19.60 32.48
N ASP A 201 -16.06 20.47 33.44
CA ASP A 201 -14.81 20.30 34.21
C ASP A 201 -14.80 19.00 34.99
N GLU A 202 -15.92 18.64 35.63
CA GLU A 202 -15.94 17.43 36.43
C GLU A 202 -15.84 16.18 35.56
N GLU A 203 -16.56 16.15 34.44
CA GLU A 203 -16.60 14.90 33.68
C GLU A 203 -15.30 14.67 32.90
N ILE A 204 -14.60 15.73 32.50
CA ILE A 204 -13.41 15.58 31.66
C ILE A 204 -12.18 15.31 32.53
N ALA A 205 -11.41 14.28 32.18
CA ALA A 205 -10.08 14.08 32.72
C ALA A 205 -9.03 14.64 31.76
N PRO A 206 -8.43 15.80 32.05
CA PRO A 206 -7.40 16.34 31.16
C PRO A 206 -6.27 15.34 30.90
N ILE A 207 -5.66 15.45 29.73
CA ILE A 207 -4.62 14.54 29.29
C ILE A 207 -3.30 15.29 29.23
N GLN A 208 -2.26 14.70 29.83
CA GLN A 208 -0.92 15.28 29.81
C GLN A 208 -0.10 14.53 28.77
N LEU A 209 0.35 15.22 27.73
CA LEU A 209 1.19 14.61 26.73
C LEU A 209 2.63 15.06 26.99
N PRO A 210 3.50 14.22 27.55
CA PRO A 210 4.89 14.63 27.78
C PRO A 210 5.59 14.92 26.45
N GLY A 211 6.42 15.97 26.46
CA GLY A 211 7.15 16.33 25.25
C GLY A 211 8.26 15.34 24.94
N PHE A 212 8.61 15.27 23.65
CA PHE A 212 9.63 14.35 23.17
C PHE A 212 10.95 15.10 22.97
N ARG A 213 11.98 14.66 23.69
CA ARG A 213 13.34 15.18 23.55
C ARG A 213 13.39 16.70 23.65
N GLY A 214 13.31 17.22 24.87
CA GLY A 214 13.44 18.65 25.10
C GLY A 214 12.17 19.46 24.89
N LYS A 215 11.27 18.97 24.04
CA LYS A 215 10.04 19.69 23.73
C LYS A 215 9.15 19.78 24.95
N PRO A 216 8.35 20.84 25.07
CA PRO A 216 7.53 21.02 26.28
C PRO A 216 6.33 20.09 26.30
N ASP A 217 5.92 19.73 27.52
CA ASP A 217 4.70 18.97 27.72
C ASP A 217 3.50 19.77 27.24
N VAL A 218 2.43 19.05 26.91
CA VAL A 218 1.17 19.67 26.49
C VAL A 218 0.07 19.07 27.34
N THR A 219 -0.80 19.90 27.85
CA THR A 219 -2.00 19.44 28.53
C THR A 219 -3.19 19.74 27.65
N VAL A 220 -4.01 18.72 27.41
CA VAL A 220 -5.25 18.88 26.66
C VAL A 220 -6.39 18.86 27.67
N THR A 221 -7.11 19.97 27.77
CA THR A 221 -8.07 20.18 28.84
C THR A 221 -9.50 20.19 28.34
N GLN A 222 -9.73 20.79 27.17
CA GLN A 222 -11.09 20.97 26.67
C GLN A 222 -11.28 20.26 25.34
N ASP A 223 -12.53 19.98 25.02
CA ASP A 223 -12.88 19.50 23.69
C ASP A 223 -12.44 20.50 22.62
N GLU A 224 -11.96 19.97 21.51
CA GLU A 224 -11.35 20.80 20.47
C GLU A 224 -12.39 21.49 19.58
N GLU A 225 -13.53 20.83 19.32
CA GLU A 225 -14.45 21.27 18.27
C GLU A 225 -15.31 22.48 18.63
N PRO A 226 -15.84 22.62 19.87
CA PRO A 226 -16.77 23.74 20.13
C PRO A 226 -16.29 25.11 19.68
N LYS A 227 -15.00 25.42 19.84
CA LYS A 227 -14.52 26.74 19.46
C LYS A 227 -14.55 27.01 17.95
N ASN A 228 -14.84 26.00 17.11
CA ASN A 228 -14.72 26.21 15.67
C ASN A 228 -15.92 26.92 15.06
N LEU A 229 -17.01 27.09 15.81
CA LEU A 229 -18.21 27.74 15.30
C LEU A 229 -17.89 29.09 14.68
N ASN A 230 -18.18 29.20 13.38
CA ASN A 230 -18.23 30.49 12.69
C ASN A 230 -19.58 30.54 12.00
N PRO A 231 -20.56 31.27 12.56
CA PRO A 231 -21.94 31.17 12.03
C PRO A 231 -22.07 31.61 10.58
N GLU A 232 -21.43 32.72 10.23
CA GLU A 232 -21.49 33.19 8.85
C GLU A 232 -20.88 32.16 7.91
N LYS A 233 -19.70 31.64 8.25
CA LYS A 233 -19.06 30.65 7.41
C LYS A 233 -19.87 29.35 7.35
N LEU A 234 -20.51 28.99 8.47
CA LEU A 234 -21.34 27.80 8.51
C LEU A 234 -22.52 27.91 7.55
N ARG A 235 -23.20 29.07 7.54
CA ARG A 235 -24.37 29.22 6.67
C ARG A 235 -23.99 29.27 5.21
N ALA A 236 -22.72 29.51 4.89
CA ALA A 236 -22.27 29.71 3.52
C ALA A 236 -21.53 28.52 2.93
N ILE A 237 -21.26 27.48 3.70
CA ILE A 237 -20.38 26.42 3.22
C ILE A 237 -21.12 25.54 2.21
N LYS A 238 -20.36 24.83 1.39
CA LYS A 238 -20.93 23.92 0.41
C LYS A 238 -21.48 22.67 1.10
N PRO A 239 -22.45 22.00 0.49
CA PRO A 239 -22.96 20.75 1.06
C PRO A 239 -21.91 19.66 0.89
N ALA A 240 -21.92 18.70 1.81
CA ALA A 240 -20.85 17.71 1.86
C ALA A 240 -21.16 16.41 1.11
N PHE A 241 -22.42 16.13 0.80
CA PHE A 241 -22.74 14.79 0.30
C PHE A 241 -23.52 14.84 -1.01
N ILE A 242 -24.30 15.88 -1.22
CA ILE A 242 -25.00 16.09 -2.46
C ILE A 242 -24.62 17.46 -3.01
N PRO A 243 -23.95 17.53 -4.16
CA PRO A 243 -23.54 18.83 -4.70
C PRO A 243 -24.70 19.77 -4.95
N GLY A 244 -24.51 21.04 -4.59
CA GLY A 244 -25.47 22.07 -4.93
C GLY A 244 -26.69 22.13 -4.03
N SER A 245 -27.57 21.15 -4.15
CA SER A 245 -28.83 21.11 -3.44
C SER A 245 -28.78 20.31 -2.14
N GLY A 246 -27.62 19.81 -1.73
CA GLY A 246 -27.55 19.06 -0.50
C GLY A 246 -27.87 19.93 0.70
N THR A 247 -28.35 19.29 1.77
CA THR A 247 -28.64 20.00 3.02
C THR A 247 -27.67 19.66 4.14
N VAL A 248 -26.93 18.56 4.01
CA VAL A 248 -25.98 18.13 5.02
C VAL A 248 -24.59 18.71 4.73
N THR A 249 -23.95 19.29 5.74
CA THR A 249 -22.65 19.91 5.57
C THR A 249 -21.70 19.45 6.66
N ALA A 250 -20.40 19.67 6.42
CA ALA A 250 -19.43 19.33 7.47
C ALA A 250 -19.74 20.05 8.77
N PRO A 251 -20.02 21.36 8.80
CA PRO A 251 -20.34 22.01 10.08
C PRO A 251 -21.62 21.50 10.76
N ASN A 252 -22.64 21.06 10.02
CA ASN A 252 -23.87 20.60 10.67
C ASN A 252 -23.91 19.08 10.80
N SER A 253 -22.81 18.40 10.48
CA SER A 253 -22.63 16.98 10.73
C SER A 253 -21.65 16.79 11.89
N SER A 254 -21.69 15.61 12.49
CA SER A 254 -20.63 15.29 13.43
CA SER A 254 -20.64 15.23 13.42
C SER A 254 -19.29 15.26 12.70
N PRO A 255 -18.21 15.65 13.36
CA PRO A 255 -16.89 15.53 12.75
C PRO A 255 -16.38 14.11 12.95
N LEU A 256 -15.15 13.88 12.54
CA LEU A 256 -14.40 12.69 12.94
C LEU A 256 -13.52 13.08 14.12
N ASN A 257 -13.42 12.20 15.13
CA ASN A 257 -12.86 12.60 16.42
C ASN A 257 -12.21 11.43 17.15
N ASP A 258 -11.43 11.78 18.18
CA ASP A 258 -10.71 10.85 19.03
C ASP A 258 -11.20 11.04 20.45
N GLY A 259 -11.46 9.95 21.16
CA GLY A 259 -11.88 10.13 22.54
C GLY A 259 -12.34 8.83 23.15
N ALA A 260 -12.59 8.90 24.45
CA ALA A 260 -13.03 7.73 25.22
C ALA A 260 -13.82 8.19 26.43
N ALA A 261 -14.74 7.32 26.88
CA ALA A 261 -15.51 7.54 28.09
C ALA A 261 -15.75 6.21 28.79
N ALA A 262 -15.98 6.28 30.10
CA ALA A 262 -16.10 5.08 30.89
C ALA A 262 -16.96 5.36 32.10
N VAL A 263 -17.73 4.35 32.52
CA VAL A 263 -18.59 4.41 33.69
C VAL A 263 -18.23 3.23 34.58
N VAL A 264 -18.40 3.40 35.89
CA VAL A 264 -18.18 2.33 36.85
C VAL A 264 -19.53 1.89 37.41
N LEU A 265 -19.87 0.62 37.25
CA LEU A 265 -21.12 0.02 37.69
C LEU A 265 -20.86 -0.92 38.86
N VAL A 266 -21.77 -0.91 39.86
CA VAL A 266 -21.70 -1.85 40.98
C VAL A 266 -23.08 -2.37 41.31
N SER A 267 -23.11 -3.55 41.93
CA SER A 267 -24.35 -4.14 42.39
C SER A 267 -24.81 -3.49 43.69
N GLU A 268 -26.09 -3.68 44.01
CA GLU A 268 -26.60 -3.30 45.32
C GLU A 268 -25.73 -3.88 46.44
N ALA A 269 -25.38 -5.17 46.32
CA ALA A 269 -24.63 -5.81 47.39
C ALA A 269 -23.26 -5.15 47.57
N LYS A 270 -22.59 -4.79 46.48
CA LYS A 270 -21.28 -4.17 46.62
C LYS A 270 -21.37 -2.75 47.15
N LEU A 271 -22.44 -2.04 46.75
CA LEU A 271 -22.71 -0.73 47.32
C LEU A 271 -22.82 -0.82 48.84
N LYS A 272 -23.49 -1.87 49.33
CA LYS A 272 -23.61 -2.06 50.78
C LYS A 272 -22.30 -2.51 51.40
N GLU A 273 -21.56 -3.41 50.74
CA GLU A 273 -20.34 -3.93 51.36
C GLU A 273 -19.33 -2.83 51.61
N LEU A 274 -19.14 -1.94 50.63
CA LEU A 274 -18.11 -0.94 50.74
C LEU A 274 -18.68 0.42 51.14
N ASN A 275 -19.98 0.49 51.41
CA ASN A 275 -20.65 1.73 51.77
C ASN A 275 -20.34 2.84 50.76
N LEU A 276 -20.48 2.51 49.48
CA LEU A 276 -20.23 3.47 48.41
C LEU A 276 -21.41 4.42 48.23
N LYS A 277 -21.12 5.61 47.71
CA LYS A 277 -22.18 6.57 47.43
C LYS A 277 -22.49 6.54 45.94
N PRO A 278 -23.66 6.07 45.51
CA PRO A 278 -23.92 5.99 44.07
C PRO A 278 -24.21 7.37 43.50
N VAL A 279 -23.77 7.57 42.24
CA VAL A 279 -24.16 8.78 41.51
C VAL A 279 -25.55 8.62 40.92
N ALA A 280 -25.85 7.44 40.39
CA ALA A 280 -27.09 7.25 39.66
C ALA A 280 -27.45 5.78 39.68
N LYS A 281 -28.69 5.49 39.28
CA LYS A 281 -29.18 4.13 39.15
C LYS A 281 -29.64 3.93 37.71
N ILE A 282 -29.28 2.79 37.11
CA ILE A 282 -29.80 2.46 35.79
C ILE A 282 -31.22 1.93 35.94
N LEU A 283 -32.18 2.59 35.30
CA LEU A 283 -33.56 2.17 35.42
C LEU A 283 -33.98 1.20 34.34
N GLY A 284 -33.40 1.29 33.15
CA GLY A 284 -33.81 0.43 32.05
C GLY A 284 -33.08 0.85 30.79
N TRP A 285 -33.32 0.06 29.74
CA TRP A 285 -32.65 0.27 28.46
C TRP A 285 -33.48 -0.39 27.37
N GLY A 286 -33.13 -0.06 26.12
CA GLY A 286 -33.77 -0.67 24.98
C GLY A 286 -32.91 -0.54 23.73
N ASP A 287 -32.84 -1.61 22.95
CA ASP A 287 -32.26 -1.58 21.62
C ASP A 287 -33.37 -1.75 20.60
N ALA A 288 -33.21 -1.14 19.43
CA ALA A 288 -34.19 -1.32 18.38
C ALA A 288 -33.47 -1.24 17.04
N ALA A 289 -34.13 -1.73 15.99
CA ALA A 289 -33.56 -1.60 14.66
C ALA A 289 -34.67 -1.57 13.62
N GLN A 290 -34.31 -1.09 12.44
CA GLN A 290 -35.22 -1.01 11.31
C GLN A 290 -34.40 -1.03 10.02
N GLN A 291 -35.03 -0.63 8.92
CA GLN A 291 -34.40 -0.65 7.62
C GLN A 291 -33.07 0.10 7.68
N PRO A 292 -31.97 -0.52 7.24
CA PRO A 292 -30.63 0.10 7.47
C PRO A 292 -30.53 1.56 7.07
N SER A 293 -31.03 1.94 5.89
CA SER A 293 -30.88 3.32 5.47
C SER A 293 -31.72 4.29 6.29
N LYS A 294 -32.66 3.79 7.11
CA LYS A 294 -33.40 4.61 8.06
C LYS A 294 -32.82 4.53 9.46
N PHE A 295 -31.54 4.16 9.61
CA PHE A 295 -30.92 4.12 10.93
C PHE A 295 -31.09 5.44 11.65
N THR A 296 -31.21 6.54 10.89
CA THR A 296 -31.25 7.87 11.48
C THR A 296 -32.39 8.01 12.49
N THR A 297 -33.51 7.30 12.29
CA THR A 297 -34.64 7.44 13.20
C THR A 297 -34.89 6.19 14.03
N ALA A 298 -33.96 5.24 14.06
CA ALA A 298 -34.09 4.13 14.99
C ALA A 298 -34.20 4.58 16.45
N PRO A 299 -33.60 5.70 16.90
CA PRO A 299 -33.85 6.13 18.29
C PRO A 299 -35.32 6.39 18.60
N ALA A 300 -36.14 6.76 17.60
CA ALA A 300 -37.58 6.90 17.86
C ALA A 300 -38.23 5.58 18.26
N LEU A 301 -37.57 4.45 18.01
CA LEU A 301 -37.99 3.15 18.53
C LEU A 301 -37.28 2.77 19.82
N ALA A 302 -35.98 3.02 19.90
CA ALA A 302 -35.24 2.59 21.08
C ALA A 302 -35.64 3.37 22.32
N ILE A 303 -35.86 4.68 22.17
CA ILE A 303 -36.16 5.50 23.35
C ILE A 303 -37.46 5.07 24.02
N PRO A 304 -38.61 4.97 23.30
CA PRO A 304 -39.82 4.43 23.95
C PRO A 304 -39.60 3.06 24.55
N LYS A 305 -38.88 2.19 23.86
CA LYS A 305 -38.60 0.87 24.42
C LYS A 305 -37.84 0.98 25.74
N ALA A 306 -36.83 1.83 25.80
CA ALA A 306 -36.07 2.00 27.04
C ALA A 306 -36.94 2.58 28.15
N LEU A 307 -37.74 3.59 27.83
CA LEU A 307 -38.63 4.17 28.82
C LEU A 307 -39.62 3.14 29.36
N LYS A 308 -40.12 2.28 28.48
CA LYS A 308 -41.05 1.24 28.94
C LYS A 308 -40.33 0.23 29.83
N HIS A 309 -39.11 -0.17 29.45
CA HIS A 309 -38.33 -1.07 30.28
C HIS A 309 -38.12 -0.48 31.67
N ALA A 310 -37.95 0.85 31.75
CA ALA A 310 -37.65 1.53 33.00
C ALA A 310 -38.90 1.84 33.81
N GLY A 311 -40.08 1.70 33.22
CA GLY A 311 -41.31 2.13 33.88
C GLY A 311 -41.44 3.63 34.02
N VAL A 312 -40.92 4.40 33.07
CA VAL A 312 -40.94 5.86 33.14
C VAL A 312 -41.65 6.40 31.91
N GLY A 313 -42.47 7.44 32.08
CA GLY A 313 -43.09 8.08 30.94
C GLY A 313 -42.17 9.10 30.30
N GLN A 314 -42.33 9.28 28.99
CA GLN A 314 -41.46 10.23 28.28
C GLN A 314 -41.53 11.63 28.89
N ASP A 315 -42.70 12.02 29.41
CA ASP A 315 -42.88 13.35 29.95
C ASP A 315 -42.21 13.53 31.30
N ALA A 316 -41.80 12.45 31.97
CA ALA A 316 -41.11 12.59 33.23
C ALA A 316 -39.61 12.78 33.07
N ILE A 317 -39.07 12.61 31.86
CA ILE A 317 -37.64 12.78 31.65
C ILE A 317 -37.27 14.25 31.83
N ASP A 318 -36.25 14.49 32.64
CA ASP A 318 -35.81 15.87 32.85
C ASP A 318 -34.84 16.34 31.77
N ALA A 319 -34.04 15.43 31.20
CA ALA A 319 -33.12 15.78 30.13
C ALA A 319 -32.86 14.57 29.24
N PHE A 320 -32.82 14.82 27.93
CA PHE A 320 -32.46 13.79 26.97
C PHE A 320 -31.09 14.11 26.36
N GLU A 321 -30.35 13.05 26.05
CA GLU A 321 -29.23 13.11 25.12
C GLU A 321 -29.65 12.30 23.90
N ILE A 322 -29.83 12.97 22.78
CA ILE A 322 -30.05 12.32 21.50
C ILE A 322 -28.79 12.57 20.67
N ASN A 323 -28.04 11.52 20.36
CA ASN A 323 -26.72 11.73 19.79
C ASN A 323 -26.84 12.40 18.43
N GLU A 324 -26.00 13.41 18.20
CA GLU A 324 -26.11 14.20 16.99
C GLU A 324 -25.14 13.67 15.94
N ALA A 325 -25.44 12.47 15.42
CA ALA A 325 -24.65 11.97 14.30
C ALA A 325 -24.64 13.00 13.19
N PHE A 326 -25.79 13.63 12.99
CA PHE A 326 -25.99 14.76 12.10
C PHE A 326 -27.00 15.65 12.79
N SER A 327 -26.99 16.94 12.47
CA SER A 327 -28.02 17.81 13.01
C SER A 327 -29.41 17.27 12.68
N VAL A 328 -29.59 16.77 11.46
CA VAL A 328 -30.91 16.28 11.07
C VAL A 328 -31.34 15.05 11.87
N VAL A 329 -30.41 14.27 12.43
CA VAL A 329 -30.80 13.13 13.24
C VAL A 329 -31.51 13.59 14.49
N ALA A 330 -30.95 14.59 15.16
CA ALA A 330 -31.59 15.12 16.35
C ALA A 330 -32.94 15.75 16.01
N LEU A 331 -33.00 16.49 14.90
CA LEU A 331 -34.24 17.15 14.51
C LEU A 331 -35.33 16.15 14.20
N ALA A 332 -34.97 15.06 13.50
CA ALA A 332 -35.98 14.09 13.09
C ALA A 332 -36.49 13.27 14.26
N ASN A 333 -35.61 12.89 15.20
CA ASN A 333 -36.08 12.13 16.35
C ASN A 333 -36.84 13.02 17.32
N MET A 334 -36.45 14.30 17.46
CA MET A 334 -37.25 15.21 18.27
C MET A 334 -38.67 15.30 17.72
N LYS A 335 -38.80 15.39 16.39
CA LYS A 335 -40.11 15.50 15.76
C LYS A 335 -40.93 14.22 15.93
N LEU A 336 -40.32 13.06 15.70
CA LEU A 336 -41.09 11.81 15.78
C LEU A 336 -41.54 11.52 17.21
N LEU A 337 -40.73 11.87 18.20
CA LEU A 337 -41.03 11.60 19.59
C LEU A 337 -41.78 12.75 20.25
N GLY A 338 -41.82 13.91 19.61
CA GLY A 338 -42.47 15.04 20.25
C GLY A 338 -41.72 15.52 21.48
N ILE A 339 -40.39 15.58 21.40
CA ILE A 339 -39.56 16.08 22.49
C ILE A 339 -39.10 17.49 22.11
N PRO A 340 -39.35 18.49 22.94
CA PRO A 340 -38.92 19.84 22.55
C PRO A 340 -37.42 19.97 22.72
N GLU A 341 -36.81 20.76 21.84
CA GLU A 341 -35.36 20.92 21.87
C GLU A 341 -34.87 21.49 23.21
N GLU A 342 -35.73 22.18 23.96
CA GLU A 342 -35.32 22.71 25.27
C GLU A 342 -35.00 21.60 26.27
N LYS A 343 -35.30 20.34 25.97
CA LYS A 343 -34.93 19.23 26.84
C LYS A 343 -33.84 18.35 26.27
N VAL A 344 -33.20 18.75 25.16
CA VAL A 344 -32.32 17.86 24.41
C VAL A 344 -30.91 18.45 24.39
N ASN A 345 -29.92 17.65 24.75
CA ASN A 345 -28.52 18.02 24.60
C ASN A 345 -28.25 19.40 25.21
N LEU A 346 -28.53 19.54 26.51
CA LEU A 346 -28.55 20.87 27.14
C LEU A 346 -27.17 21.49 27.21
N HIS A 347 -26.11 20.69 27.20
CA HIS A 347 -24.74 21.18 27.16
C HIS A 347 -24.13 21.05 25.76
N GLY A 348 -24.97 20.96 24.73
CA GLY A 348 -24.52 20.73 23.37
C GLY A 348 -24.40 19.25 23.06
N GLY A 349 -24.26 18.95 21.77
CA GLY A 349 -24.08 17.58 21.33
C GLY A 349 -22.92 17.34 20.38
N ALA A 350 -22.89 16.14 19.76
CA ALA A 350 -21.71 15.68 19.03
C ALA A 350 -21.36 16.55 17.84
N VAL A 351 -22.33 17.27 17.26
CA VAL A 351 -22.02 18.20 16.18
C VAL A 351 -21.02 19.26 16.65
N ALA A 352 -21.11 19.67 17.91
CA ALA A 352 -20.20 20.65 18.47
C ALA A 352 -19.10 20.05 19.33
N ILE A 353 -19.32 18.88 19.92
CA ILE A 353 -18.37 18.33 20.87
C ILE A 353 -17.44 17.33 20.18
N GLY A 354 -17.94 16.64 19.17
CA GLY A 354 -17.15 15.62 18.52
C GLY A 354 -17.77 14.23 18.64
N HIS A 355 -17.37 13.29 17.79
CA HIS A 355 -18.06 12.01 17.68
C HIS A 355 -17.07 10.89 17.43
N PRO A 356 -16.32 10.51 18.47
CA PRO A 356 -15.48 9.30 18.36
C PRO A 356 -16.38 8.09 18.44
N ILE A 357 -16.58 7.42 17.30
CA ILE A 357 -17.83 6.67 17.12
C ILE A 357 -17.98 5.55 18.15
N GLY A 358 -16.88 4.84 18.48
CA GLY A 358 -17.02 3.76 19.46
C GLY A 358 -17.21 4.22 20.89
N ALA A 359 -16.90 5.49 21.17
CA ALA A 359 -17.02 6.07 22.51
C ALA A 359 -18.30 6.86 22.73
N SER A 360 -18.95 7.31 21.66
CA SER A 360 -20.01 8.31 21.83
C SER A 360 -21.17 7.81 22.67
N GLY A 361 -21.50 6.51 22.58
CA GLY A 361 -22.55 5.97 23.43
C GLY A 361 -22.30 6.17 24.90
N ALA A 362 -21.05 6.03 25.33
CA ALA A 362 -20.72 6.25 26.73
C ALA A 362 -20.46 7.72 27.02
N ARG A 363 -19.93 8.45 26.03
CA ARG A 363 -19.69 9.87 26.20
C ARG A 363 -20.99 10.61 26.48
N ILE A 364 -22.06 10.28 25.74
CA ILE A 364 -23.29 11.05 25.98
C ILE A 364 -23.86 10.69 27.34
N LEU A 365 -23.54 9.49 27.85
CA LEU A 365 -24.05 9.15 29.18
C LEU A 365 -23.31 9.94 30.26
N THR A 366 -22.00 10.12 30.11
CA THR A 366 -21.27 10.94 31.06
CA THR A 366 -21.29 10.93 31.08
C THR A 366 -21.76 12.38 31.03
N THR A 367 -21.98 12.91 29.84
CA THR A 367 -22.48 14.28 29.72
C THR A 367 -23.88 14.40 30.31
N LEU A 368 -24.75 13.40 30.05
CA LEU A 368 -26.10 13.43 30.61
C LEU A 368 -26.06 13.51 32.13
N LEU A 369 -25.19 12.73 32.77
CA LEU A 369 -25.09 12.80 34.22
C LEU A 369 -24.67 14.20 34.66
N GLY A 370 -23.79 14.85 33.89
CA GLY A 370 -23.40 16.21 34.23
C GLY A 370 -24.53 17.20 34.00
N VAL A 371 -25.38 16.95 33.00
CA VAL A 371 -26.51 17.83 32.73
C VAL A 371 -27.54 17.74 33.86
N LEU A 372 -27.87 16.51 34.27
CA LEU A 372 -28.82 16.34 35.37
C LEU A 372 -28.34 17.01 36.64
N LYS A 373 -27.04 16.88 36.95
CA LYS A 373 -26.50 17.56 38.12
C LYS A 373 -26.63 19.07 37.98
N ALA A 374 -26.20 19.62 36.83
CA ALA A 374 -26.16 21.08 36.70
C ALA A 374 -27.56 21.69 36.66
N LYS A 375 -28.50 21.00 36.02
CA LYS A 375 -29.86 21.50 35.89
C LYS A 375 -30.79 20.93 36.95
N LYS A 376 -30.25 20.27 37.98
CA LYS A 376 -31.02 19.79 39.13
C LYS A 376 -32.16 18.86 38.70
N GLY A 377 -31.89 17.97 37.76
CA GLY A 377 -32.87 17.01 37.30
C GLY A 377 -32.69 15.67 37.98
N LYS A 378 -33.64 14.77 37.73
CA LYS A 378 -33.57 13.42 38.30
C LYS A 378 -33.54 12.32 37.25
N LEU A 379 -34.40 12.37 36.24
CA LEU A 379 -34.50 11.29 35.26
C LEU A 379 -33.91 11.75 33.92
N GLY A 380 -33.06 10.91 33.33
CA GLY A 380 -32.46 11.23 32.06
C GLY A 380 -32.52 10.04 31.12
N CYS A 381 -32.44 10.33 29.82
CA CYS A 381 -32.46 9.26 28.83
C CYS A 381 -31.48 9.59 27.73
N ALA A 382 -30.58 8.65 27.43
CA ALA A 382 -29.65 8.79 26.33
C ALA A 382 -30.07 7.84 25.23
N GLY A 383 -30.03 8.30 23.99
CA GLY A 383 -30.29 7.43 22.87
C GLY A 383 -29.36 7.74 21.72
N ILE A 384 -28.88 6.71 21.01
CA ILE A 384 -27.88 6.88 19.97
C ILE A 384 -28.19 5.91 18.85
N CYS A 385 -28.21 6.40 17.61
CA CYS A 385 -28.43 5.58 16.44
C CYS A 385 -27.11 4.95 15.99
N ASN A 386 -27.19 3.88 15.20
CA ASN A 386 -25.97 3.31 14.66
C ASN A 386 -26.19 2.86 13.22
N GLY A 387 -25.20 3.11 12.36
CA GLY A 387 -25.22 2.59 11.01
C GLY A 387 -25.57 1.13 10.96
N GLY A 388 -26.38 0.74 9.95
CA GLY A 388 -26.94 -0.60 9.87
C GLY A 388 -28.41 -0.68 10.23
N GLY A 389 -28.96 0.38 10.84
CA GLY A 389 -30.39 0.46 11.11
C GLY A 389 -30.74 0.44 12.59
N GLY A 390 -29.77 0.37 13.49
CA GLY A 390 -30.02 0.17 14.90
C GLY A 390 -29.97 1.45 15.73
N ALA A 391 -30.39 1.30 16.99
CA ALA A 391 -30.22 2.33 18.01
C ALA A 391 -30.29 1.68 19.38
N SER A 392 -29.66 2.32 20.36
CA SER A 392 -29.71 1.88 21.75
C SER A 392 -30.06 3.08 22.60
N ALA A 393 -30.70 2.83 23.74
CA ALA A 393 -31.10 3.90 24.63
C ALA A 393 -31.10 3.38 26.06
N LEU A 394 -30.88 4.29 27.00
CA LEU A 394 -30.74 3.93 28.39
C LEU A 394 -31.36 5.03 29.24
N VAL A 395 -31.98 4.64 30.35
CA VAL A 395 -32.64 5.57 31.27
C VAL A 395 -31.94 5.48 32.61
N VAL A 396 -31.57 6.65 33.18
CA VAL A 396 -30.92 6.72 34.48
C VAL A 396 -31.69 7.64 35.42
N GLU A 397 -31.52 7.38 36.70
CA GLU A 397 -32.03 8.25 37.76
C GLU A 397 -30.85 8.80 38.56
N LEU A 398 -30.74 10.11 38.65
CA LEU A 398 -29.70 10.72 39.47
C LEU A 398 -30.12 10.62 40.93
N LEU A 399 -29.18 10.26 41.79
CA LEU A 399 -29.51 9.93 43.18
C LEU A 399 -29.07 11.03 44.13
N GLY B 1 -24.67 -20.56 40.24
CA GLY B 1 -25.63 -19.51 40.58
C GLY B 1 -26.73 -19.38 39.55
N MET B 2 -26.50 -20.01 38.39
CA MET B 2 -27.44 -19.87 37.29
C MET B 2 -28.79 -20.52 37.58
N SER B 3 -28.85 -21.46 38.53
CA SER B 3 -30.10 -22.17 38.81
C SER B 3 -31.15 -21.29 39.47
N SER B 4 -30.77 -20.14 40.03
CA SER B 4 -31.75 -19.18 40.54
C SER B 4 -32.38 -18.35 39.43
N LEU B 5 -31.83 -18.40 38.22
CA LEU B 5 -32.12 -17.53 37.10
C LEU B 5 -32.90 -18.26 36.01
N PRO B 6 -33.55 -17.53 35.09
CA PRO B 6 -34.38 -18.19 34.07
C PRO B 6 -33.55 -19.12 33.17
N ALA B 7 -34.21 -20.17 32.71
CA ALA B 7 -33.56 -21.23 31.95
C ALA B 7 -33.33 -20.80 30.51
N VAL B 8 -32.23 -21.26 29.92
CA VAL B 8 -31.89 -20.93 28.53
C VAL B 8 -31.62 -22.21 27.79
N TYR B 9 -32.38 -22.45 26.69
CA TYR B 9 -32.29 -23.67 25.92
C TYR B 9 -31.64 -23.45 24.56
N ILE B 10 -30.77 -24.38 24.18
CA ILE B 10 -30.22 -24.47 22.84
C ILE B 10 -31.18 -25.35 22.05
N VAL B 11 -31.75 -24.82 20.96
CA VAL B 11 -32.68 -25.60 20.16
C VAL B 11 -32.08 -26.08 18.85
N SER B 12 -30.98 -25.49 18.40
CA SER B 12 -30.25 -25.98 17.24
C SER B 12 -28.87 -25.36 17.23
N SER B 13 -28.01 -25.96 16.43
CA SER B 13 -26.70 -25.39 16.12
C SER B 13 -26.35 -25.83 14.70
N ALA B 14 -25.42 -25.09 14.10
CA ALA B 14 -24.89 -25.48 12.79
C ALA B 14 -23.53 -24.79 12.63
N ARG B 15 -22.68 -25.37 11.79
CA ARG B 15 -21.41 -24.73 11.46
C ARG B 15 -21.14 -24.92 9.97
N THR B 16 -20.36 -24.00 9.38
CA THR B 16 -19.83 -24.26 8.06
C THR B 16 -18.78 -25.36 8.16
N PRO B 17 -18.42 -26.00 7.04
CA PRO B 17 -17.12 -26.68 7.02
C PRO B 17 -16.05 -25.65 7.38
N VAL B 18 -14.93 -26.13 7.91
CA VAL B 18 -13.82 -25.23 8.22
C VAL B 18 -12.83 -25.31 7.07
N GLY B 19 -12.67 -24.20 6.36
CA GLY B 19 -11.74 -24.15 5.23
C GLY B 19 -10.31 -23.80 5.63
N SER B 20 -9.37 -24.29 4.83
CA SER B 20 -7.96 -23.97 5.05
C SER B 20 -7.65 -22.54 4.62
N PHE B 21 -6.57 -22.00 5.17
CA PHE B 21 -6.12 -20.65 4.82
C PHE B 21 -5.90 -20.55 3.31
N LEU B 22 -6.56 -19.55 2.68
CA LEU B 22 -6.54 -19.37 1.22
C LEU B 22 -7.04 -20.61 0.48
N GLY B 23 -7.92 -21.39 1.12
CA GLY B 23 -8.36 -22.67 0.60
C GLY B 23 -9.81 -22.68 0.16
N SER B 24 -10.55 -23.75 0.52
CA SER B 24 -11.83 -24.05 -0.11
C SER B 24 -12.91 -22.99 0.12
N LEU B 25 -12.79 -22.17 1.17
CA LEU B 25 -13.82 -21.18 1.47
C LEU B 25 -13.31 -19.77 1.35
N SER B 26 -12.10 -19.59 0.77
CA SER B 26 -11.46 -18.29 0.75
C SER B 26 -12.21 -17.29 -0.12
N SER B 27 -13.10 -17.75 -0.99
CA SER B 27 -13.86 -16.80 -1.78
C SER B 27 -14.99 -16.15 -0.98
N LEU B 28 -15.28 -16.61 0.23
CA LEU B 28 -16.40 -16.09 1.00
C LEU B 28 -15.90 -15.13 2.09
N THR B 29 -16.65 -14.05 2.28
CA THR B 29 -16.39 -13.11 3.38
C THR B 29 -16.90 -13.70 4.69
N ALA B 30 -16.43 -13.12 5.80
CA ALA B 30 -16.90 -13.56 7.10
C ALA B 30 -18.41 -13.44 7.28
N PRO B 31 -19.09 -12.39 6.83
CA PRO B 31 -20.56 -12.36 6.98
C PRO B 31 -21.27 -13.39 6.11
N GLN B 32 -20.75 -13.72 4.93
CA GLN B 32 -21.33 -14.79 4.13
C GLN B 32 -21.24 -16.12 4.85
N LEU B 33 -20.10 -16.39 5.49
CA LEU B 33 -19.95 -17.61 6.28
C LEU B 33 -20.89 -17.58 7.48
N GLY B 34 -20.98 -16.42 8.16
CA GLY B 34 -21.85 -16.32 9.32
C GLY B 34 -23.31 -16.50 8.97
N ALA B 35 -23.77 -15.85 7.89
CA ALA B 35 -25.14 -15.99 7.43
C ALA B 35 -25.47 -17.44 7.12
N HIS B 36 -24.53 -18.16 6.52
CA HIS B 36 -24.76 -19.55 6.16
C HIS B 36 -24.99 -20.39 7.41
N ALA B 37 -24.15 -20.19 8.44
CA ALA B 37 -24.32 -20.94 9.68
C ALA B 37 -25.64 -20.60 10.35
N ILE B 38 -26.00 -19.31 10.40
CA ILE B 38 -27.22 -18.89 11.09
C ILE B 38 -28.43 -19.47 10.38
N LYS B 39 -28.51 -19.31 9.06
CA LYS B 39 -29.62 -19.87 8.30
C LYS B 39 -29.73 -21.37 8.53
N ALA B 40 -28.61 -22.08 8.42
CA ALA B 40 -28.64 -23.53 8.62
C ALA B 40 -29.14 -23.90 10.02
N ALA B 41 -28.66 -23.20 11.06
CA ALA B 41 -29.13 -23.52 12.41
C ALA B 41 -30.65 -23.31 12.55
N LEU B 42 -31.18 -22.21 12.01
CA LEU B 42 -32.61 -21.95 12.19
C LEU B 42 -33.46 -22.95 11.41
N ALA B 43 -32.96 -23.42 10.27
CA ALA B 43 -33.72 -24.40 9.48
C ALA B 43 -33.95 -25.70 10.23
N LYS B 44 -33.15 -26.00 11.25
CA LYS B 44 -33.32 -27.21 12.04
C LYS B 44 -34.35 -27.09 13.15
N VAL B 45 -34.92 -25.91 13.39
CA VAL B 45 -35.83 -25.71 14.51
C VAL B 45 -37.26 -25.81 13.99
N ASP B 46 -37.88 -26.96 14.20
CA ASP B 46 -39.28 -27.13 13.82
CA ASP B 46 -39.28 -27.13 13.83
C ASP B 46 -40.17 -26.23 14.69
N GLY B 47 -40.96 -25.37 14.05
CA GLY B 47 -41.89 -24.56 14.79
C GLY B 47 -41.40 -23.17 15.15
N LEU B 48 -40.16 -22.86 14.81
CA LEU B 48 -39.58 -21.52 14.96
C LEU B 48 -39.37 -20.90 13.58
N LYS B 49 -39.71 -19.60 13.44
CA LYS B 49 -39.41 -18.96 12.16
C LYS B 49 -38.19 -18.05 12.30
N PRO B 50 -37.47 -17.81 11.19
CA PRO B 50 -36.38 -16.83 11.24
C PRO B 50 -36.83 -15.47 11.73
N SER B 51 -38.09 -15.10 11.50
CA SER B 51 -38.57 -13.80 11.95
C SER B 51 -38.85 -13.76 13.45
N ASP B 52 -38.80 -14.90 14.15
CA ASP B 52 -38.88 -14.90 15.60
C ASP B 52 -37.56 -14.47 16.27
N VAL B 53 -36.45 -14.43 15.54
CA VAL B 53 -35.17 -14.08 16.16
C VAL B 53 -35.15 -12.59 16.47
N GLN B 54 -34.91 -12.24 17.73
CA GLN B 54 -34.95 -10.85 18.19
C GLN B 54 -33.58 -10.21 18.27
N GLU B 55 -32.54 -10.97 18.52
CA GLU B 55 -31.24 -10.37 18.80
C GLU B 55 -30.18 -11.39 18.40
N VAL B 56 -29.02 -10.87 18.03
CA VAL B 56 -27.90 -11.65 17.54
C VAL B 56 -26.66 -11.11 18.21
N PHE B 57 -25.84 -11.99 18.79
CA PHE B 57 -24.47 -11.66 19.17
C PHE B 57 -23.56 -12.55 18.35
N PHE B 58 -22.59 -11.97 17.66
CA PHE B 58 -21.72 -12.80 16.83
C PHE B 58 -20.27 -12.36 16.99
N GLY B 59 -19.41 -13.34 17.28
CA GLY B 59 -18.00 -13.05 17.40
C GLY B 59 -17.34 -12.83 16.05
N ASN B 60 -16.29 -12.02 16.07
CA ASN B 60 -15.47 -11.76 14.89
C ASN B 60 -14.26 -11.00 15.38
N VAL B 61 -13.06 -11.49 15.08
CA VAL B 61 -11.86 -10.89 15.63
C VAL B 61 -11.23 -9.88 14.68
N ILE B 62 -10.90 -10.31 13.46
CA ILE B 62 -10.20 -9.47 12.48
C ILE B 62 -11.25 -8.88 11.56
N SER B 63 -11.84 -7.77 11.99
CA SER B 63 -13.00 -7.20 11.32
C SER B 63 -12.64 -6.17 10.27
N ALA B 64 -11.36 -5.86 10.13
CA ALA B 64 -10.90 -4.89 9.13
C ALA B 64 -11.39 -5.27 7.76
N ASN B 65 -12.03 -4.31 7.08
CA ASN B 65 -12.53 -4.45 5.71
C ASN B 65 -13.76 -5.36 5.65
N VAL B 66 -14.31 -5.78 6.78
CA VAL B 66 -15.55 -6.56 6.73
C VAL B 66 -16.75 -5.64 6.58
N GLY B 67 -16.62 -4.36 6.91
CA GLY B 67 -17.70 -3.39 6.85
C GLY B 67 -18.40 -3.23 8.17
N GLN B 68 -19.37 -2.29 8.19
CA GLN B 68 -20.10 -1.94 9.41
C GLN B 68 -20.71 -3.15 10.10
N ASN B 69 -20.41 -3.31 11.41
CA ASN B 69 -21.06 -4.26 12.31
C ASN B 69 -21.18 -5.63 11.65
N PRO B 70 -20.11 -6.43 11.65
CA PRO B 70 -20.20 -7.76 11.02
C PRO B 70 -21.40 -8.60 11.45
N ALA B 71 -21.78 -8.57 12.73
CA ALA B 71 -22.93 -9.35 13.20
C ALA B 71 -24.22 -8.98 12.46
N ARG B 72 -24.45 -7.68 12.28
CA ARG B 72 -25.61 -7.23 11.53
C ARG B 72 -25.58 -7.80 10.12
N GLN B 73 -24.41 -7.77 9.46
CA GLN B 73 -24.33 -8.32 8.10
C GLN B 73 -24.63 -9.82 8.08
N CYS B 74 -24.17 -10.56 9.09
CA CYS B 74 -24.50 -11.99 9.17
C CYS B 74 -25.99 -12.19 9.33
N ALA B 75 -26.62 -11.38 10.21
CA ALA B 75 -28.04 -11.53 10.48
C ALA B 75 -28.86 -11.26 9.23
N LEU B 76 -28.64 -10.09 8.62
CA LEU B 76 -29.41 -9.74 7.42
C LEU B 76 -29.13 -10.71 6.28
N GLY B 77 -27.87 -11.14 6.15
CA GLY B 77 -27.54 -12.14 5.14
C GLY B 77 -28.27 -13.45 5.34
N ALA B 78 -28.54 -13.82 6.57
CA ALA B 78 -29.21 -15.08 6.85
C ALA B 78 -30.72 -14.98 6.67
N GLY B 79 -31.24 -13.79 6.34
CA GLY B 79 -32.66 -13.60 6.19
C GLY B 79 -33.39 -13.17 7.45
N LEU B 80 -32.68 -12.67 8.46
CA LEU B 80 -33.37 -12.21 9.65
C LEU B 80 -34.02 -10.84 9.39
N GLU B 81 -34.99 -10.52 10.22
CA GLU B 81 -35.71 -9.25 10.05
C GLU B 81 -34.82 -8.06 10.38
N GLU B 82 -35.06 -6.94 9.69
CA GLU B 82 -34.32 -5.73 9.95
C GLU B 82 -34.53 -5.20 11.36
N SER B 83 -35.57 -5.65 12.05
CA SER B 83 -35.78 -5.32 13.46
C SER B 83 -34.78 -5.99 14.40
N THR B 84 -33.98 -6.93 13.91
CA THR B 84 -33.13 -7.72 14.80
C THR B 84 -31.98 -6.89 15.36
N ILE B 85 -31.76 -6.99 16.67
CA ILE B 85 -30.67 -6.29 17.34
CA ILE B 85 -30.68 -6.30 17.37
C ILE B 85 -29.38 -7.07 17.13
N CYS B 86 -28.34 -6.39 16.66
CA CYS B 86 -27.13 -7.11 16.31
C CYS B 86 -25.90 -6.45 16.92
N THR B 87 -25.04 -7.27 17.54
CA THR B 87 -23.81 -6.76 18.15
C THR B 87 -22.67 -7.70 17.82
N THR B 88 -21.53 -7.15 17.40
CA THR B 88 -20.32 -7.92 17.13
C THR B 88 -19.43 -7.95 18.37
N VAL B 89 -18.81 -9.10 18.63
CA VAL B 89 -18.13 -9.37 19.89
C VAL B 89 -16.69 -9.77 19.58
N ASN B 90 -15.72 -9.18 20.29
CA ASN B 90 -14.32 -9.57 20.13
C ASN B 90 -13.72 -9.86 21.50
N LYS B 91 -13.49 -11.13 21.77
CA LYS B 91 -12.71 -11.65 22.89
C LYS B 91 -11.66 -12.59 22.34
N VAL B 92 -11.08 -12.18 21.21
CA VAL B 92 -10.12 -12.95 20.40
C VAL B 92 -10.66 -14.34 20.18
N ALA B 94 -11.93 -16.44 22.13
CA ALA B 94 -13.08 -16.78 22.94
C ALA B 94 -14.36 -16.09 22.43
N SER B 95 -14.23 -15.28 21.36
CA SER B 95 -15.34 -14.42 20.90
C SER B 95 -16.63 -15.20 20.66
N GLY B 96 -16.55 -16.37 20.02
CA GLY B 96 -17.74 -17.10 19.67
C GLY B 96 -18.46 -17.70 20.86
N LEU B 97 -17.73 -18.00 21.93
CA LEU B 97 -18.38 -18.50 23.12
C LEU B 97 -18.87 -17.35 24.00
N LYS B 98 -18.09 -16.27 24.13
CA LYS B 98 -18.61 -15.11 24.84
C LYS B 98 -19.88 -14.57 24.20
N ALA B 99 -19.99 -14.62 22.85
CA ALA B 99 -21.24 -14.21 22.20
C ALA B 99 -22.41 -15.05 22.69
N ILE B 100 -22.20 -16.37 22.85
CA ILE B 100 -23.28 -17.23 23.29
C ILE B 100 -23.66 -16.90 24.74
N ILE B 101 -22.65 -16.62 25.57
CA ILE B 101 -22.89 -16.22 26.96
C ILE B 101 -23.73 -14.94 27.00
N LEU B 102 -23.37 -13.95 26.19
CA LEU B 102 -24.11 -12.70 26.18
C LEU B 102 -25.52 -12.91 25.69
N GLY B 103 -25.73 -13.84 24.76
CA GLY B 103 -27.08 -14.10 24.29
C GLY B 103 -27.91 -14.79 25.35
N ALA B 104 -27.30 -15.74 26.07
CA ALA B 104 -27.99 -16.35 27.19
C ALA B 104 -28.39 -15.31 28.23
N GLN B 105 -27.46 -14.41 28.58
CA GLN B 105 -27.77 -13.40 29.57
C GLN B 105 -28.91 -12.51 29.12
N THR B 106 -29.00 -12.21 27.83
CA THR B 106 -30.04 -11.33 27.31
C THR B 106 -31.40 -12.00 27.41
N ILE B 107 -31.45 -13.32 27.26
CA ILE B 107 -32.67 -14.05 27.54
C ILE B 107 -32.95 -14.01 29.03
N MET B 108 -31.91 -14.16 29.85
CA MET B 108 -32.10 -14.23 31.29
C MET B 108 -32.55 -12.92 31.89
N THR B 109 -32.17 -11.77 31.32
CA THR B 109 -32.66 -10.50 31.84
C THR B 109 -34.00 -10.12 31.25
N GLY B 110 -34.58 -10.96 30.38
CA GLY B 110 -35.92 -10.73 29.89
C GLY B 110 -36.04 -9.82 28.69
N ASN B 111 -34.91 -9.45 28.07
CA ASN B 111 -34.91 -8.54 26.93
C ASN B 111 -35.02 -9.24 25.58
N ALA B 112 -34.91 -10.57 25.54
CA ALA B 112 -35.22 -11.34 24.34
C ALA B 112 -35.77 -12.69 24.75
N ASP B 113 -36.50 -13.32 23.82
CA ASP B 113 -36.94 -14.69 23.95
C ASP B 113 -36.26 -15.63 22.98
N VAL B 114 -35.80 -15.11 21.84
CA VAL B 114 -35.12 -15.91 20.82
C VAL B 114 -33.86 -15.15 20.40
N VAL B 115 -32.71 -15.82 20.53
CA VAL B 115 -31.42 -15.19 20.26
C VAL B 115 -30.58 -16.15 19.43
N VAL B 116 -29.89 -15.62 18.42
CA VAL B 116 -28.89 -16.37 17.67
C VAL B 116 -27.51 -15.87 18.10
N ALA B 117 -26.58 -16.79 18.32
CA ALA B 117 -25.26 -16.36 18.77
C ALA B 117 -24.23 -17.34 18.24
N GLY B 118 -22.99 -16.86 18.09
CA GLY B 118 -21.94 -17.67 17.49
C GLY B 118 -20.78 -16.78 17.07
N GLY B 119 -20.11 -17.17 16.00
CA GLY B 119 -19.03 -16.35 15.51
C GLY B 119 -18.65 -16.77 14.11
N THR B 120 -17.84 -15.94 13.48
CA THR B 120 -17.37 -16.18 12.14
C THR B 120 -15.98 -15.58 12.04
N GLU B 121 -15.16 -16.16 11.17
CA GLU B 121 -13.89 -15.54 10.83
C GLU B 121 -13.53 -15.93 9.41
N SER B 122 -13.10 -14.95 8.61
CA SER B 122 -12.45 -15.24 7.33
C SER B 122 -11.01 -14.77 7.43
N MET B 123 -10.12 -15.68 7.85
CA MET B 123 -8.73 -15.27 7.97
C MET B 123 -8.10 -15.07 6.60
N SER B 124 -8.58 -15.80 5.59
CA SER B 124 -8.12 -15.63 4.21
C SER B 124 -8.30 -14.20 3.74
N ASN B 125 -9.37 -13.55 4.17
CA ASN B 125 -9.72 -12.23 3.65
C ASN B 125 -9.31 -11.14 4.62
N ALA B 126 -8.53 -11.47 5.63
CA ALA B 126 -7.93 -10.45 6.46
C ALA B 126 -6.97 -9.62 5.62
N PRO B 127 -7.08 -8.30 5.63
CA PRO B 127 -6.24 -7.47 4.76
C PRO B 127 -4.91 -7.17 5.41
N HIS B 128 -4.04 -6.47 4.70
CA HIS B 128 -2.91 -5.79 5.30
C HIS B 128 -3.26 -4.32 5.52
N TYR B 129 -2.51 -3.69 6.44
CA TYR B 129 -2.78 -2.32 6.85
C TYR B 129 -1.64 -1.43 6.42
N LEU B 130 -1.98 -0.22 6.02
CA LEU B 130 -0.99 0.83 5.84
C LEU B 130 -1.28 1.87 6.90
N PRO B 131 -0.46 1.97 7.96
N PRO B 131 -0.49 1.93 7.97
CA PRO B 131 -0.90 2.66 9.17
CA PRO B 131 -0.59 3.07 8.89
C PRO B 131 -0.70 4.17 9.18
C PRO B 131 0.06 4.30 8.27
N ASN B 132 0.14 4.72 8.31
N ASN B 132 -0.22 5.44 8.89
CA ASN B 132 0.61 6.11 8.44
CA ASN B 132 0.47 6.70 8.67
C ASN B 132 0.43 6.89 7.14
C ASN B 132 0.19 7.33 7.31
N LEU B 133 -0.75 6.79 6.53
CA LEU B 133 -1.07 7.49 5.29
C LEU B 133 -1.77 8.82 5.52
N ARG B 134 -2.42 9.02 6.68
CA ARG B 134 -3.12 10.27 6.93
C ARG B 134 -2.14 11.40 7.21
N THR B 135 -1.15 11.14 8.05
CA THR B 135 -0.14 12.13 8.37
C THR B 135 1.01 12.15 7.38
N GLY B 136 1.26 11.04 6.70
CA GLY B 136 2.38 10.96 5.79
C GLY B 136 3.65 10.49 6.48
N ALA B 137 4.58 10.00 5.66
CA ALA B 137 5.91 9.63 6.08
C ALA B 137 6.89 10.20 5.06
N LYS B 138 7.73 11.14 5.50
CA LYS B 138 8.48 11.96 4.56
C LYS B 138 9.50 11.13 3.77
N TYR B 139 10.18 10.19 4.42
CA TYR B 139 11.34 9.56 3.79
C TYR B 139 11.72 8.28 4.53
N GLY B 140 11.86 7.20 3.78
CA GLY B 140 12.27 5.92 4.32
C GLY B 140 11.30 4.82 3.95
N HIS B 141 11.73 3.57 4.02
CA HIS B 141 10.84 2.46 3.74
C HIS B 141 9.81 2.32 4.85
N GLN B 142 8.61 1.89 4.45
CA GLN B 142 7.47 1.80 5.34
C GLN B 142 6.97 0.35 5.37
N SER B 143 6.19 0.03 6.39
CA SER B 143 5.72 -1.32 6.63
CA SER B 143 5.72 -1.32 6.64
C SER B 143 4.24 -1.45 6.27
N LEU B 144 3.88 -2.60 5.74
CA LEU B 144 2.49 -3.01 5.55
C LEU B 144 2.21 -4.07 6.59
N VAL B 145 1.27 -3.79 7.48
CA VAL B 145 1.00 -4.65 8.64
C VAL B 145 0.07 -5.77 8.24
N ASP B 146 0.44 -7.02 8.55
CA ASP B 146 -0.45 -8.15 8.33
C ASP B 146 -1.51 -8.18 9.44
N GLY B 147 -2.77 -8.02 9.06
CA GLY B 147 -3.84 -7.91 10.03
C GLY B 147 -4.05 -9.17 10.87
N ILE B 148 -3.77 -10.34 10.30
CA ILE B 148 -3.82 -11.55 11.11
C ILE B 148 -2.82 -11.46 12.25
N MET B 149 -1.58 -11.11 11.92
CA MET B 149 -0.54 -11.04 12.94
C MET B 149 -0.86 -9.98 13.97
N LYS B 150 -1.28 -8.79 13.50
CA LYS B 150 -1.45 -7.65 14.38
C LYS B 150 -2.65 -7.82 15.31
N ASP B 151 -3.82 -8.11 14.74
CA ASP B 151 -5.06 -8.07 15.49
C ASP B 151 -5.53 -9.45 15.93
N GLY B 152 -4.96 -10.51 15.39
CA GLY B 152 -5.34 -11.85 15.79
C GLY B 152 -4.34 -12.58 16.69
N LEU B 153 -3.05 -12.53 16.37
CA LEU B 153 -2.10 -13.51 16.88
C LEU B 153 -0.92 -12.94 17.66
N THR B 154 -0.90 -11.64 17.94
CA THR B 154 0.23 -11.03 18.64
C THR B 154 -0.24 -10.48 19.98
N ASP B 155 0.42 -10.92 21.04
CA ASP B 155 0.15 -10.36 22.36
C ASP B 155 0.49 -8.88 22.36
N ALA B 156 -0.47 -8.04 22.76
CA ALA B 156 -0.26 -6.60 22.68
C ALA B 156 0.90 -6.15 23.56
N GLY B 157 0.99 -6.70 24.77
CA GLY B 157 1.93 -6.17 25.74
C GLY B 157 3.37 -6.52 25.44
N LYS B 158 3.61 -7.75 24.97
CA LYS B 158 4.97 -8.17 24.67
C LYS B 158 5.29 -8.18 23.18
N GLN B 159 4.31 -7.97 22.31
CA GLN B 159 4.52 -8.05 20.86
C GLN B 159 5.14 -9.40 20.48
N GLU B 160 4.59 -10.47 21.06
CA GLU B 160 5.02 -11.81 20.70
C GLU B 160 3.86 -12.55 20.05
N LEU B 161 4.18 -13.33 19.02
CA LEU B 161 3.15 -14.20 18.42
C LEU B 161 2.69 -15.25 19.42
N MET B 162 1.43 -15.67 19.25
CA MET B 162 0.87 -16.72 20.11
C MET B 162 1.76 -17.95 20.17
N GLY B 163 2.38 -18.32 19.04
CA GLY B 163 3.18 -19.52 19.00
C GLY B 163 4.43 -19.43 19.84
N LEU B 164 4.91 -18.22 20.11
CA LEU B 164 6.03 -18.05 21.03
C LEU B 164 5.57 -18.23 22.47
N GLN B 165 4.34 -17.79 22.77
CA GLN B 165 3.76 -18.01 24.09
C GLN B 165 3.30 -19.45 24.30
N ALA B 166 3.04 -20.18 23.21
CA ALA B 166 2.87 -21.63 23.34
C ALA B 166 4.17 -22.29 23.79
N GLU B 167 5.31 -21.83 23.27
CA GLU B 167 6.59 -22.32 23.75
C GLU B 167 6.76 -22.06 25.23
N GLU B 168 6.32 -20.89 25.69
CA GLU B 168 6.31 -20.57 27.11
C GLU B 168 5.53 -21.62 27.89
N CYS B 169 4.40 -22.07 27.35
CA CYS B 169 3.60 -23.10 27.98
C CYS B 169 4.35 -24.43 28.07
N ALA B 170 4.98 -24.84 26.97
CA ALA B 170 5.74 -26.10 26.95
C ALA B 170 6.89 -26.06 27.96
N GLN B 171 7.58 -24.92 28.06
CA GLN B 171 8.63 -24.79 29.07
C GLN B 171 8.04 -24.83 30.48
N ASP B 172 6.91 -24.13 30.70
CA ASP B 172 6.36 -23.97 32.05
C ASP B 172 5.80 -25.28 32.61
N HIS B 173 5.23 -26.12 31.74
CA HIS B 173 4.54 -27.31 32.18
C HIS B 173 5.23 -28.56 31.69
N GLY B 174 6.39 -28.42 31.05
CA GLY B 174 7.28 -29.54 30.81
C GLY B 174 6.80 -30.49 29.73
N PHE B 175 6.29 -29.97 28.62
CA PHE B 175 5.85 -30.81 27.50
C PHE B 175 6.86 -30.71 26.36
N SER B 176 7.41 -31.86 25.96
CA SER B 176 8.40 -31.96 24.92
C SER B 176 7.77 -31.86 23.53
N ARG B 177 8.63 -31.63 22.54
CA ARG B 177 8.24 -31.73 21.14
C ARG B 177 7.52 -33.04 20.85
N GLU B 178 8.06 -34.14 21.37
CA GLU B 178 7.48 -35.44 21.06
CA GLU B 178 7.49 -35.46 21.09
C GLU B 178 6.08 -35.59 21.66
N GLN B 179 5.89 -35.15 22.92
CA GLN B 179 4.57 -35.23 23.53
C GLN B 179 3.55 -34.41 22.76
N GLN B 180 3.96 -33.23 22.29
CA GLN B 180 3.06 -32.40 21.50
C GLN B 180 2.72 -33.05 20.16
N ASP B 181 3.72 -33.66 19.52
CA ASP B 181 3.48 -34.33 18.25
C ASP B 181 2.54 -35.52 18.41
N GLU B 182 2.79 -36.37 19.42
CA GLU B 182 1.91 -37.52 19.59
C GLU B 182 0.49 -37.07 19.90
N TYR B 183 0.33 -36.01 20.70
CA TYR B 183 -1.01 -35.48 20.92
C TYR B 183 -1.64 -35.07 19.59
N ALA B 184 -0.90 -34.35 18.75
CA ALA B 184 -1.43 -33.89 17.48
C ALA B 184 -1.84 -35.06 16.58
N ILE B 185 -1.01 -36.10 16.53
CA ILE B 185 -1.38 -37.26 15.72
C ILE B 185 -2.68 -37.87 16.22
N ARG B 186 -2.84 -37.97 17.55
CA ARG B 186 -4.06 -38.58 18.09
C ARG B 186 -5.28 -37.74 17.72
N THR B 187 -5.19 -36.42 17.79
CA THR B 187 -6.38 -35.62 17.53
C THR B 187 -6.72 -35.60 16.03
N TYR B 188 -5.71 -35.63 15.15
CA TYR B 188 -5.98 -35.88 13.74
C TYR B 188 -6.67 -37.22 13.53
N GLU B 189 -6.18 -38.27 14.19
CA GLU B 189 -6.79 -39.60 14.02
C GLU B 189 -8.26 -39.57 14.42
N LYS B 190 -8.58 -38.89 15.52
CA LYS B 190 -9.96 -38.81 15.99
C LYS B 190 -10.83 -38.03 15.02
N ALA B 191 -10.29 -36.95 14.45
CA ALA B 191 -11.03 -36.17 13.46
C ALA B 191 -11.29 -37.00 12.21
N GLN B 192 -10.26 -37.70 11.72
CA GLN B 192 -10.44 -38.56 10.55
C GLN B 192 -11.45 -39.68 10.82
N ALA B 193 -11.36 -40.31 12.00
CA ALA B 193 -12.31 -41.38 12.32
C ALA B 193 -13.74 -40.85 12.33
N ALA B 194 -13.94 -39.70 13.00
CA ALA B 194 -15.26 -39.08 13.06
C ALA B 194 -15.72 -38.67 11.67
N GLN B 195 -14.81 -38.13 10.87
CA GLN B 195 -15.16 -37.79 9.49
C GLN B 195 -15.71 -39.00 8.73
N LYS B 196 -14.96 -40.11 8.78
CA LYS B 196 -15.35 -41.27 8.00
C LYS B 196 -16.63 -41.90 8.52
N ALA B 197 -16.82 -41.90 9.84
CA ALA B 197 -18.05 -42.42 10.43
C ALA B 197 -19.25 -41.51 10.23
N GLY B 198 -19.09 -40.37 9.54
CA GLY B 198 -20.21 -39.48 9.31
C GLY B 198 -20.63 -38.65 10.51
N LEU B 199 -19.82 -38.60 11.58
CA LEU B 199 -20.27 -37.96 12.80
C LEU B 199 -20.32 -36.45 12.72
N PHE B 200 -19.74 -35.84 11.69
CA PHE B 200 -19.89 -34.41 11.48
C PHE B 200 -21.03 -34.05 10.53
N ASP B 201 -21.66 -35.06 9.90
CA ASP B 201 -22.68 -34.77 8.89
C ASP B 201 -23.81 -33.90 9.44
N GLU B 202 -24.25 -34.16 10.67
CA GLU B 202 -25.39 -33.43 11.20
C GLU B 202 -25.04 -31.97 11.49
N GLU B 203 -23.85 -31.72 12.05
CA GLU B 203 -23.50 -30.35 12.44
C GLU B 203 -23.06 -29.49 11.26
N ILE B 204 -22.44 -30.08 10.24
CA ILE B 204 -21.94 -29.31 9.11
C ILE B 204 -23.07 -29.00 8.14
N ALA B 205 -23.17 -27.72 7.76
CA ALA B 205 -24.01 -27.24 6.69
C ALA B 205 -23.15 -27.03 5.45
N PRO B 206 -23.22 -27.91 4.45
CA PRO B 206 -22.33 -27.78 3.29
C PRO B 206 -22.58 -26.49 2.54
N ILE B 207 -21.53 -26.05 1.81
CA ILE B 207 -21.54 -24.78 1.10
C ILE B 207 -21.36 -25.05 -0.39
N GLN B 208 -22.25 -24.49 -1.21
CA GLN B 208 -22.20 -24.63 -2.66
CA GLN B 208 -22.20 -24.62 -2.66
C GLN B 208 -21.56 -23.37 -3.24
N LEU B 209 -20.45 -23.54 -3.93
CA LEU B 209 -19.77 -22.42 -4.59
C LEU B 209 -19.94 -22.53 -6.09
N PRO B 210 -20.44 -21.48 -6.74
CA PRO B 210 -20.48 -21.48 -8.21
C PRO B 210 -19.07 -21.50 -8.79
N GLY B 211 -18.98 -21.90 -10.06
CA GLY B 211 -17.70 -22.07 -10.70
C GLY B 211 -17.23 -20.85 -11.49
N PHE B 212 -15.90 -20.69 -11.55
CA PHE B 212 -15.27 -19.64 -12.36
C PHE B 212 -14.49 -20.27 -13.51
N LYS B 215 -14.38 -24.11 -14.09
CA LYS B 215 -14.84 -25.44 -13.78
C LYS B 215 -16.29 -25.39 -13.30
N PRO B 216 -16.99 -26.54 -13.28
CA PRO B 216 -18.36 -26.53 -12.73
C PRO B 216 -18.39 -26.24 -11.24
N ASP B 217 -19.58 -26.35 -10.65
CA ASP B 217 -19.76 -25.91 -9.28
C ASP B 217 -19.13 -26.88 -8.30
N VAL B 218 -18.71 -26.34 -7.16
CA VAL B 218 -18.04 -27.08 -6.10
C VAL B 218 -18.95 -27.08 -4.88
N THR B 219 -19.13 -28.24 -4.27
CA THR B 219 -19.76 -28.33 -2.96
C THR B 219 -18.69 -28.67 -1.93
N VAL B 220 -18.55 -27.82 -0.92
CA VAL B 220 -17.64 -28.07 0.18
C VAL B 220 -18.44 -28.73 1.30
N THR B 221 -18.16 -30.01 1.57
CA THR B 221 -18.93 -30.73 2.58
C THR B 221 -18.12 -31.16 3.79
N GLN B 222 -16.79 -31.16 3.69
CA GLN B 222 -15.94 -31.66 4.75
CA GLN B 222 -15.93 -31.66 4.74
C GLN B 222 -14.97 -30.57 5.21
N ASP B 223 -14.58 -30.64 6.47
CA ASP B 223 -13.47 -29.82 6.95
C ASP B 223 -12.22 -30.17 6.12
N GLU B 224 -11.43 -29.13 5.81
CA GLU B 224 -10.32 -29.29 4.89
C GLU B 224 -9.07 -29.86 5.55
N GLU B 225 -8.82 -29.53 6.82
CA GLU B 225 -7.54 -29.84 7.45
C GLU B 225 -7.33 -31.32 7.84
N PRO B 226 -8.33 -32.05 8.38
CA PRO B 226 -8.02 -33.39 8.94
C PRO B 226 -7.28 -34.32 7.98
N LYS B 227 -7.57 -34.24 6.69
CA LYS B 227 -6.91 -35.13 5.72
C LYS B 227 -5.42 -34.88 5.57
N ASN B 228 -4.89 -33.78 6.11
CA ASN B 228 -3.50 -33.42 5.88
C ASN B 228 -2.52 -34.19 6.75
N LEU B 229 -2.99 -35.00 7.68
CA LEU B 229 -2.07 -35.71 8.57
C LEU B 229 -1.10 -36.58 7.78
N ASN B 230 0.19 -36.37 8.01
CA ASN B 230 1.25 -37.26 7.55
C ASN B 230 2.13 -37.47 8.77
N PRO B 231 1.96 -38.59 9.48
CA PRO B 231 2.69 -38.78 10.75
C PRO B 231 4.19 -38.59 10.60
N GLU B 232 4.78 -39.16 9.57
CA GLU B 232 6.24 -39.11 9.42
C GLU B 232 6.71 -37.69 9.16
N LYS B 233 6.00 -36.97 8.28
CA LYS B 233 6.32 -35.57 8.01
C LYS B 233 6.12 -34.73 9.26
N LEU B 234 5.05 -35.00 10.03
CA LEU B 234 4.77 -34.25 11.24
C LEU B 234 5.90 -34.39 12.25
N ARG B 235 6.41 -35.61 12.46
CA ARG B 235 7.47 -35.82 13.44
C ARG B 235 8.81 -35.25 13.00
N ALA B 236 9.01 -35.02 11.70
CA ALA B 236 10.32 -34.60 11.22
C ALA B 236 10.41 -33.10 10.91
N ILE B 237 9.29 -32.38 10.90
CA ILE B 237 9.32 -30.99 10.47
C ILE B 237 10.09 -30.13 11.48
N LYS B 238 10.68 -29.03 10.99
CA LYS B 238 11.39 -28.10 11.87
C LYS B 238 10.39 -27.29 12.71
N PRO B 239 10.83 -26.79 13.87
CA PRO B 239 9.94 -25.98 14.69
C PRO B 239 9.57 -24.68 14.00
N ALA B 240 8.46 -24.10 14.43
CA ALA B 240 7.85 -22.98 13.72
C ALA B 240 8.16 -21.62 14.32
N PHE B 241 8.53 -21.56 15.60
CA PHE B 241 8.72 -20.29 16.26
C PHE B 241 10.07 -20.12 16.92
N ILE B 242 10.78 -21.19 17.25
CA ILE B 242 12.11 -21.10 17.83
C ILE B 242 13.02 -22.07 17.06
N PRO B 243 13.95 -21.56 16.25
CA PRO B 243 14.80 -22.47 15.46
C PRO B 243 15.56 -23.45 16.35
N GLY B 244 15.73 -24.66 15.85
CA GLY B 244 16.51 -25.66 16.55
C GLY B 244 15.85 -26.26 17.79
N SER B 245 15.74 -25.48 18.86
CA SER B 245 15.28 -26.01 20.15
C SER B 245 13.76 -25.96 20.33
N GLY B 246 13.03 -25.33 19.42
CA GLY B 246 11.60 -25.17 19.61
C GLY B 246 10.85 -26.49 19.60
N THR B 247 9.66 -26.47 20.22
CA THR B 247 8.83 -27.65 20.30
C THR B 247 7.53 -27.50 19.54
N VAL B 248 7.10 -26.27 19.31
CA VAL B 248 5.84 -25.97 18.62
C VAL B 248 6.09 -25.93 17.12
N THR B 249 5.24 -26.61 16.36
CA THR B 249 5.38 -26.71 14.91
C THR B 249 4.07 -26.31 14.25
N ALA B 250 4.13 -26.06 12.95
CA ALA B 250 2.87 -25.86 12.22
C ALA B 250 1.97 -27.09 12.29
N PRO B 251 2.45 -28.34 12.12
CA PRO B 251 1.53 -29.48 12.28
C PRO B 251 0.93 -29.60 13.67
N ASN B 252 1.65 -29.23 14.74
CA ASN B 252 1.10 -29.45 16.07
C ASN B 252 0.43 -28.19 16.64
N SER B 253 0.29 -27.15 15.83
CA SER B 253 -0.45 -25.95 16.18
C SER B 253 -1.75 -25.89 15.39
N SER B 254 -2.69 -25.06 15.87
CA SER B 254 -3.86 -24.78 15.04
C SER B 254 -3.41 -24.09 13.75
N PRO B 255 -4.08 -24.35 12.63
CA PRO B 255 -3.82 -23.59 11.41
C PRO B 255 -4.55 -22.24 11.43
N LEU B 256 -4.38 -21.48 10.34
CA LEU B 256 -5.25 -20.35 10.03
C LEU B 256 -6.40 -20.85 9.15
N ASN B 257 -7.62 -20.36 9.41
CA ASN B 257 -8.79 -21.01 8.83
C ASN B 257 -9.93 -20.03 8.62
N ASP B 258 -10.94 -20.48 7.86
CA ASP B 258 -12.17 -19.75 7.60
C ASP B 258 -13.33 -20.63 8.07
N GLY B 259 -14.36 -20.01 8.64
CA GLY B 259 -15.54 -20.76 9.01
C GLY B 259 -16.41 -19.97 9.97
N ALA B 260 -17.62 -20.49 10.21
CA ALA B 260 -18.57 -19.88 11.14
C ALA B 260 -19.39 -20.96 11.82
N ALA B 261 -19.94 -20.61 12.98
CA ALA B 261 -20.86 -21.48 13.71
C ALA B 261 -21.88 -20.65 14.46
N ALA B 262 -23.09 -21.22 14.61
CA ALA B 262 -24.19 -20.51 15.21
C ALA B 262 -25.02 -21.47 16.06
N VAL B 263 -25.59 -20.94 17.14
CA VAL B 263 -26.58 -21.64 17.96
C VAL B 263 -27.81 -20.76 18.11
N VAL B 264 -28.96 -21.41 18.29
CA VAL B 264 -30.23 -20.72 18.52
C VAL B 264 -30.62 -20.95 19.98
N LEU B 265 -30.82 -19.86 20.72
CA LEU B 265 -31.19 -19.90 22.13
C LEU B 265 -32.61 -19.40 22.33
N VAL B 266 -33.36 -20.03 23.24
CA VAL B 266 -34.73 -19.61 23.50
C VAL B 266 -35.00 -19.70 25.00
N SER B 267 -35.87 -18.83 25.48
CA SER B 267 -36.32 -18.86 26.87
C SER B 267 -37.29 -20.02 27.11
N GLU B 268 -37.45 -20.37 28.39
CA GLU B 268 -38.43 -21.39 28.76
C GLU B 268 -39.81 -21.03 28.24
N ALA B 269 -40.20 -19.77 28.39
CA ALA B 269 -41.53 -19.35 27.95
C ALA B 269 -41.71 -19.56 26.45
N LYS B 270 -40.71 -19.21 25.65
CA LYS B 270 -40.83 -19.39 24.21
CA LYS B 270 -40.85 -19.39 24.21
C LYS B 270 -40.85 -20.86 23.84
N LEU B 271 -40.00 -21.67 24.50
CA LEU B 271 -40.03 -23.10 24.29
C LEU B 271 -41.45 -23.64 24.50
N LYS B 272 -42.11 -23.21 25.57
CA LYS B 272 -43.44 -23.73 25.89
C LYS B 272 -44.49 -23.14 24.95
N GLU B 273 -44.40 -21.85 24.64
CA GLU B 273 -45.36 -21.22 23.73
C GLU B 273 -45.37 -21.90 22.35
N LEU B 274 -44.21 -22.25 21.83
CA LEU B 274 -44.14 -22.84 20.50
C LEU B 274 -43.90 -24.34 20.53
N ASN B 275 -43.90 -24.95 21.72
CA ASN B 275 -43.66 -26.38 21.89
C ASN B 275 -42.40 -26.81 21.14
N LEU B 276 -41.29 -26.12 21.42
CA LEU B 276 -40.03 -26.45 20.77
C LEU B 276 -39.36 -27.62 21.47
N LYS B 277 -38.65 -28.43 20.70
CA LYS B 277 -37.86 -29.55 21.23
C LYS B 277 -36.44 -29.07 21.48
N PRO B 278 -36.02 -28.89 22.72
CA PRO B 278 -34.66 -28.39 22.96
C PRO B 278 -33.63 -29.47 22.70
N VAL B 279 -32.47 -29.05 22.21
CA VAL B 279 -31.36 -29.97 22.06
C VAL B 279 -30.58 -30.07 23.36
N ALA B 280 -30.44 -28.94 24.05
CA ALA B 280 -29.59 -28.87 25.22
C ALA B 280 -30.03 -27.71 26.10
N LYS B 281 -29.57 -27.75 27.34
CA LYS B 281 -29.78 -26.67 28.29
C LYS B 281 -28.43 -26.11 28.70
N ILE B 282 -28.33 -24.79 28.78
CA ILE B 282 -27.13 -24.17 29.35
C ILE B 282 -27.24 -24.23 30.86
N LEU B 283 -26.28 -24.89 31.49
CA LEU B 283 -26.26 -24.97 32.94
C LEU B 283 -25.43 -23.87 33.58
N GLY B 284 -24.39 -23.37 32.91
CA GLY B 284 -23.55 -22.36 33.53
C GLY B 284 -22.40 -21.98 32.63
N TRP B 285 -21.69 -20.93 33.03
CA TRP B 285 -20.53 -20.47 32.30
C TRP B 285 -19.57 -19.76 33.25
N GLY B 286 -18.38 -19.49 32.72
CA GLY B 286 -17.33 -18.81 33.45
C GLY B 286 -16.29 -18.22 32.53
N ASP B 287 -15.94 -16.97 32.78
CA ASP B 287 -14.78 -16.35 32.17
C ASP B 287 -13.70 -16.20 33.24
N ALA B 288 -12.45 -16.26 32.81
CA ALA B 288 -11.34 -16.01 33.74
C ALA B 288 -10.21 -15.39 32.94
N ALA B 289 -9.24 -14.82 33.65
CA ALA B 289 -8.11 -14.26 32.92
C ALA B 289 -6.90 -14.28 33.84
N GLN B 290 -5.73 -14.29 33.23
CA GLN B 290 -4.52 -14.18 34.04
C GLN B 290 -3.45 -13.45 33.23
N GLN B 291 -2.19 -13.62 33.62
CA GLN B 291 -1.11 -12.93 32.95
C GLN B 291 -1.18 -13.17 31.43
N PRO B 292 -1.11 -12.12 30.60
CA PRO B 292 -1.35 -12.33 29.14
C PRO B 292 -0.49 -13.41 28.48
N SER B 293 0.81 -13.48 28.78
CA SER B 293 1.59 -14.51 28.09
C SER B 293 1.25 -15.92 28.59
N LYS B 294 0.50 -16.04 29.69
CA LYS B 294 0.04 -17.33 30.20
C LYS B 294 -1.40 -17.66 29.79
N PHE B 295 -1.86 -17.11 28.66
CA PHE B 295 -3.25 -17.32 28.24
C PHE B 295 -3.53 -18.80 27.98
N THR B 296 -2.49 -19.54 27.60
CA THR B 296 -2.61 -20.96 27.30
C THR B 296 -3.29 -21.74 28.42
N THR B 297 -3.16 -21.32 29.67
CA THR B 297 -3.73 -22.08 30.79
C THR B 297 -4.80 -21.31 31.54
N ALA B 298 -5.28 -20.20 30.96
CA ALA B 298 -6.48 -19.59 31.50
C ALA B 298 -7.68 -20.54 31.50
N PRO B 299 -7.81 -21.52 30.58
CA PRO B 299 -8.95 -22.46 30.74
C PRO B 299 -8.91 -23.22 32.06
N ALA B 300 -7.73 -23.43 32.66
CA ALA B 300 -7.66 -24.08 33.96
C ALA B 300 -8.32 -23.25 35.05
N LEU B 301 -8.56 -21.96 34.79
CA LEU B 301 -9.36 -21.15 35.70
C LEU B 301 -10.82 -21.08 35.28
N ALA B 302 -11.07 -20.93 33.97
CA ALA B 302 -12.44 -20.75 33.53
C ALA B 302 -13.26 -22.02 33.67
N ILE B 303 -12.65 -23.19 33.52
CA ILE B 303 -13.45 -24.40 33.52
C ILE B 303 -13.96 -24.68 34.93
N PRO B 304 -13.14 -24.61 35.99
CA PRO B 304 -13.74 -24.75 37.34
C PRO B 304 -14.76 -23.66 37.66
N LYS B 305 -14.58 -22.45 37.13
CA LYS B 305 -15.56 -21.40 37.41
C LYS B 305 -16.90 -21.71 36.74
N ALA B 306 -16.87 -22.16 35.49
CA ALA B 306 -18.11 -22.54 34.82
C ALA B 306 -18.77 -23.73 35.50
N LEU B 307 -17.97 -24.71 35.93
CA LEU B 307 -18.51 -25.85 36.66
C LEU B 307 -19.21 -25.42 37.95
N LYS B 308 -18.56 -24.55 38.73
CA LYS B 308 -19.18 -24.08 39.95
C LYS B 308 -20.47 -23.30 39.65
N HIS B 309 -20.46 -22.50 38.59
CA HIS B 309 -21.64 -21.72 38.22
C HIS B 309 -22.80 -22.64 37.88
N ALA B 310 -22.52 -23.77 37.22
CA ALA B 310 -23.54 -24.73 36.85
C ALA B 310 -23.90 -25.66 38.00
N GLY B 311 -23.18 -25.63 39.11
CA GLY B 311 -23.38 -26.60 40.18
C GLY B 311 -23.07 -28.03 39.78
N VAL B 312 -22.03 -28.22 38.96
CA VAL B 312 -21.65 -29.53 38.45
C VAL B 312 -20.18 -29.76 38.77
N GLY B 313 -19.88 -30.92 39.35
CA GLY B 313 -18.50 -31.27 39.62
C GLY B 313 -17.80 -31.78 38.37
N GLN B 314 -16.50 -31.52 38.31
CA GLN B 314 -15.72 -31.88 37.13
C GLN B 314 -15.85 -33.37 36.80
N ASP B 315 -16.00 -34.23 37.81
CA ASP B 315 -16.02 -35.66 37.52
C ASP B 315 -17.33 -36.12 36.88
N ALA B 316 -18.36 -35.31 36.91
CA ALA B 316 -19.63 -35.68 36.30
C ALA B 316 -19.69 -35.32 34.82
N ILE B 317 -18.74 -34.52 34.33
CA ILE B 317 -18.74 -34.17 32.91
C ILE B 317 -18.43 -35.41 32.08
N ASP B 318 -19.25 -35.66 31.06
CA ASP B 318 -19.03 -36.82 30.21
C ASP B 318 -18.05 -36.56 29.07
N ALA B 319 -17.98 -35.33 28.56
CA ALA B 319 -17.01 -34.96 27.55
C ALA B 319 -16.62 -33.50 27.70
N PHE B 320 -15.34 -33.22 27.45
CA PHE B 320 -14.83 -31.86 27.39
C PHE B 320 -14.42 -31.51 25.96
N GLU B 321 -14.59 -30.24 25.61
CA GLU B 321 -13.95 -29.63 24.46
C GLU B 321 -12.98 -28.61 25.01
N ILE B 322 -11.68 -28.94 24.98
CA ILE B 322 -10.64 -27.98 25.31
C ILE B 322 -10.04 -27.50 23.99
N ASN B 323 -10.20 -26.22 23.67
CA ASN B 323 -9.81 -25.79 22.33
C ASN B 323 -8.31 -25.93 22.14
N GLU B 324 -7.94 -26.44 20.97
CA GLU B 324 -6.53 -26.76 20.70
C GLU B 324 -5.87 -25.63 19.91
N ALA B 325 -5.80 -24.46 20.53
CA ALA B 325 -5.00 -23.40 19.94
C ALA B 325 -3.62 -23.95 19.58
N PHE B 326 -3.09 -24.79 20.46
CA PHE B 326 -1.87 -25.54 20.23
C PHE B 326 -2.06 -26.89 20.91
N SER B 327 -1.36 -27.91 20.42
CA SER B 327 -1.37 -29.18 21.14
C SER B 327 -0.95 -28.99 22.60
N VAL B 328 0.08 -28.18 22.85
CA VAL B 328 0.52 -27.99 24.24
C VAL B 328 -0.56 -27.34 25.11
N VAL B 329 -1.46 -26.55 24.53
CA VAL B 329 -2.54 -25.96 25.31
C VAL B 329 -3.46 -27.04 25.87
N ALA B 330 -3.87 -27.99 25.03
CA ALA B 330 -4.69 -29.08 25.53
C ALA B 330 -3.91 -29.93 26.54
N LEU B 331 -2.64 -30.22 26.28
CA LEU B 331 -1.84 -31.00 27.21
C LEU B 331 -1.75 -30.32 28.57
N ALA B 332 -1.48 -29.02 28.56
CA ALA B 332 -1.28 -28.30 29.83
C ALA B 332 -2.55 -28.21 30.65
N ASN B 333 -3.68 -27.93 30.00
CA ASN B 333 -4.92 -27.79 30.75
C ASN B 333 -5.39 -29.14 31.28
N MET B 334 -5.23 -30.21 30.49
CA MET B 334 -5.52 -31.55 30.99
C MET B 334 -4.68 -31.86 32.23
N LYS B 335 -3.40 -31.47 32.21
CA LYS B 335 -2.54 -31.71 33.35
C LYS B 335 -3.01 -30.93 34.57
N LEU B 336 -3.27 -29.63 34.39
CA LEU B 336 -3.56 -28.78 35.54
C LEU B 336 -4.88 -29.15 36.20
N LEU B 337 -5.86 -29.58 35.41
CA LEU B 337 -7.18 -29.92 35.90
C LEU B 337 -7.33 -31.40 36.25
N GLY B 338 -6.37 -32.23 35.86
CA GLY B 338 -6.48 -33.66 36.05
C GLY B 338 -7.66 -34.22 35.27
N ILE B 339 -7.76 -33.87 34.01
CA ILE B 339 -8.80 -34.40 33.12
C ILE B 339 -8.13 -35.41 32.19
N PRO B 340 -8.56 -36.67 32.18
CA PRO B 340 -7.94 -37.64 31.26
C PRO B 340 -8.25 -37.34 29.81
N GLU B 341 -7.26 -37.56 28.93
CA GLU B 341 -7.47 -37.29 27.51
C GLU B 341 -8.60 -38.14 26.94
N GLU B 342 -8.93 -39.26 27.58
CA GLU B 342 -10.04 -40.10 27.14
C GLU B 342 -11.39 -39.39 27.19
N LYS B 343 -11.47 -38.23 27.83
CA LYS B 343 -12.70 -37.45 27.86
C LYS B 343 -12.61 -36.13 27.09
N VAL B 344 -11.59 -35.95 26.25
CA VAL B 344 -11.26 -34.64 25.70
C VAL B 344 -11.27 -34.72 24.18
N ASN B 345 -11.99 -33.79 23.55
CA ASN B 345 -12.03 -33.60 22.10
C ASN B 345 -12.23 -34.94 21.38
N LEU B 346 -13.33 -35.61 21.71
CA LEU B 346 -13.52 -36.97 21.25
C LEU B 346 -13.66 -37.10 19.74
N HIS B 347 -14.04 -36.02 19.03
CA HIS B 347 -14.04 -36.07 17.57
C HIS B 347 -12.88 -35.28 16.97
N GLY B 348 -11.82 -35.06 17.74
CA GLY B 348 -10.73 -34.21 17.30
C GLY B 348 -10.93 -32.77 17.73
N GLY B 349 -9.83 -32.01 17.71
CA GLY B 349 -9.86 -30.60 18.03
C GLY B 349 -9.27 -29.72 16.93
N ALA B 350 -9.04 -28.44 17.28
CA ALA B 350 -8.73 -27.44 16.26
C ALA B 350 -7.40 -27.69 15.56
N VAL B 351 -6.46 -28.40 16.21
CA VAL B 351 -5.22 -28.74 15.53
C VAL B 351 -5.52 -29.51 14.25
N ALA B 352 -6.53 -30.37 14.30
CA ALA B 352 -6.91 -31.21 13.16
C ALA B 352 -8.05 -30.65 12.32
N ILE B 353 -8.93 -29.83 12.89
CA ILE B 353 -10.17 -29.40 12.23
C ILE B 353 -10.00 -27.99 11.66
N GLY B 354 -9.17 -27.19 12.28
CA GLY B 354 -9.04 -25.80 11.89
C GLY B 354 -9.52 -24.86 12.98
N HIS B 355 -9.06 -23.60 12.91
CA HIS B 355 -9.26 -22.64 13.99
C HIS B 355 -9.59 -21.26 13.44
N PRO B 356 -10.83 -21.05 12.96
CA PRO B 356 -11.26 -19.68 12.58
C PRO B 356 -11.56 -18.89 13.84
N ILE B 357 -10.66 -17.97 14.19
CA ILE B 357 -10.55 -17.59 15.61
C ILE B 357 -11.86 -17.04 16.16
N GLY B 358 -12.52 -16.13 15.43
CA GLY B 358 -13.78 -15.58 15.92
C GLY B 358 -14.92 -16.57 16.03
N ALA B 359 -14.82 -17.73 15.39
CA ALA B 359 -15.90 -18.71 15.38
C ALA B 359 -15.66 -19.92 16.29
N SER B 360 -14.41 -20.17 16.67
CA SER B 360 -14.06 -21.45 17.30
C SER B 360 -14.78 -21.68 18.62
N GLY B 361 -15.01 -20.63 19.40
CA GLY B 361 -15.74 -20.81 20.64
C GLY B 361 -17.14 -21.37 20.41
N ALA B 362 -17.75 -20.99 19.30
CA ALA B 362 -19.04 -21.57 18.94
C ALA B 362 -18.91 -22.88 18.19
N ARG B 363 -17.84 -23.02 17.38
CA ARG B 363 -17.56 -24.27 16.70
C ARG B 363 -17.41 -25.43 17.68
N ILE B 364 -16.66 -25.21 18.78
CA ILE B 364 -16.45 -26.36 19.68
C ILE B 364 -17.73 -26.72 20.40
N LEU B 365 -18.63 -25.75 20.63
CA LEU B 365 -19.90 -26.07 21.29
C LEU B 365 -20.76 -26.91 20.37
N THR B 366 -20.77 -26.60 19.07
CA THR B 366 -21.52 -27.41 18.12
CA THR B 366 -21.58 -27.43 18.18
C THR B 366 -20.99 -28.85 18.10
N THR B 367 -19.68 -28.97 18.08
CA THR B 367 -19.07 -30.30 18.07
C THR B 367 -19.33 -31.04 19.37
N LEU B 368 -19.28 -30.33 20.49
CA LEU B 368 -19.56 -30.93 21.79
C LEU B 368 -20.95 -31.55 21.84
N LEU B 369 -21.97 -30.83 21.34
CA LEU B 369 -23.31 -31.41 21.31
C LEU B 369 -23.32 -32.70 20.52
N GLY B 370 -22.59 -32.75 19.41
CA GLY B 370 -22.51 -33.97 18.63
C GLY B 370 -21.76 -35.07 19.36
N VAL B 371 -20.69 -34.71 20.06
CA VAL B 371 -19.94 -35.70 20.82
C VAL B 371 -20.83 -36.32 21.90
N LEU B 372 -21.59 -35.48 22.63
CA LEU B 372 -22.42 -35.99 23.71
C LEU B 372 -23.45 -36.96 23.19
N LYS B 373 -24.04 -36.67 22.03
CA LYS B 373 -25.01 -37.59 21.46
C LYS B 373 -24.34 -38.89 21.04
N ALA B 374 -23.23 -38.80 20.30
CA ALA B 374 -22.59 -40.01 19.77
C ALA B 374 -22.10 -40.91 20.89
N LYS B 375 -21.54 -40.31 21.94
CA LYS B 375 -20.96 -41.07 23.03
C LYS B 375 -21.95 -41.32 24.16
N LYS B 376 -23.22 -40.94 23.97
CA LYS B 376 -24.30 -41.16 24.93
C LYS B 376 -24.01 -40.49 26.27
N GLY B 377 -23.40 -39.30 26.21
CA GLY B 377 -23.16 -38.50 27.39
C GLY B 377 -24.29 -37.52 27.65
N LYS B 378 -24.27 -36.92 28.84
CA LYS B 378 -25.29 -35.98 29.28
C LYS B 378 -24.74 -34.61 29.58
N LEU B 379 -23.58 -34.52 30.24
CA LEU B 379 -23.02 -33.25 30.68
C LEU B 379 -21.73 -32.97 29.93
N GLY B 380 -21.66 -31.79 29.30
CA GLY B 380 -20.48 -31.39 28.56
C GLY B 380 -19.98 -30.03 29.02
N CYS B 381 -18.69 -29.81 28.80
CA CYS B 381 -18.06 -28.55 29.13
C CYS B 381 -17.11 -28.16 28.00
N ALA B 382 -17.24 -26.93 27.50
CA ALA B 382 -16.35 -26.38 26.50
C ALA B 382 -15.54 -25.24 27.10
N GLY B 383 -14.25 -25.26 26.91
CA GLY B 383 -13.38 -24.18 27.38
C GLY B 383 -12.47 -23.74 26.26
N ILE B 384 -12.21 -22.44 26.19
CA ILE B 384 -11.38 -21.92 25.12
C ILE B 384 -10.56 -20.72 25.64
N CYS B 385 -9.28 -20.71 25.34
CA CYS B 385 -8.41 -19.62 25.80
C CYS B 385 -8.39 -18.52 24.74
N ASN B 386 -7.87 -17.34 25.12
CA ASN B 386 -7.79 -16.28 24.14
C ASN B 386 -6.59 -15.41 24.42
N GLY B 387 -6.00 -14.88 23.36
CA GLY B 387 -4.89 -13.96 23.51
C GLY B 387 -5.24 -12.77 24.38
N GLY B 388 -4.24 -12.30 25.13
CA GLY B 388 -4.45 -11.30 26.14
C GLY B 388 -4.57 -11.86 27.55
N GLY B 389 -4.66 -13.18 27.69
CA GLY B 389 -4.65 -13.83 28.97
C GLY B 389 -5.95 -14.46 29.43
N GLY B 390 -6.99 -14.48 28.57
CA GLY B 390 -8.32 -14.85 28.99
C GLY B 390 -8.74 -16.25 28.56
N ALA B 391 -9.86 -16.68 29.14
CA ALA B 391 -10.52 -17.89 28.67
C ALA B 391 -11.99 -17.80 29.01
N SER B 392 -12.79 -18.56 28.27
CA SER B 392 -14.23 -18.67 28.48
C SER B 392 -14.62 -20.14 28.47
N ALA B 393 -15.59 -20.51 29.31
CA ALA B 393 -16.05 -21.88 29.35
C ALA B 393 -17.56 -21.93 29.58
N LEU B 394 -18.20 -22.99 29.07
CA LEU B 394 -19.65 -23.17 29.12
C LEU B 394 -19.98 -24.62 29.45
N VAL B 395 -20.94 -24.84 30.35
CA VAL B 395 -21.41 -26.18 30.73
C VAL B 395 -22.82 -26.38 30.14
N VAL B 396 -23.02 -27.48 29.41
CA VAL B 396 -24.32 -27.78 28.80
C VAL B 396 -24.80 -29.16 29.22
N GLU B 397 -26.13 -29.34 29.14
CA GLU B 397 -26.75 -30.64 29.39
C GLU B 397 -27.52 -31.04 28.15
N LEU B 398 -27.21 -32.22 27.62
CA LEU B 398 -27.92 -32.74 26.45
C LEU B 398 -29.25 -33.32 26.89
N LEU B 399 -30.32 -32.93 26.20
CA LEU B 399 -31.67 -33.31 26.62
C LEU B 399 -32.20 -34.45 25.76
N MET C 2 42.96 14.70 -28.83
CA MET C 2 41.73 15.47 -28.70
C MET C 2 40.79 15.20 -29.88
N SER C 3 39.57 15.74 -29.78
CA SER C 3 38.53 15.51 -30.77
C SER C 3 38.78 16.32 -32.04
N SER C 4 38.18 15.84 -33.14
CA SER C 4 38.18 16.49 -34.46
C SER C 4 36.76 16.58 -35.00
N LEU C 5 35.82 16.95 -34.13
CA LEU C 5 34.39 16.85 -34.37
C LEU C 5 33.80 18.19 -34.80
N PRO C 6 32.65 18.18 -35.49
CA PRO C 6 32.00 19.45 -35.85
C PRO C 6 31.65 20.27 -34.61
N ALA C 7 31.61 21.58 -34.79
CA ALA C 7 31.35 22.49 -33.68
C ALA C 7 29.91 22.35 -33.19
N VAL C 8 29.75 22.40 -31.86
CA VAL C 8 28.45 22.46 -31.21
C VAL C 8 28.44 23.66 -30.27
N TYR C 9 27.49 24.57 -30.49
CA TYR C 9 27.39 25.79 -29.72
C TYR C 9 26.20 25.74 -28.78
N ILE C 10 26.40 26.23 -27.56
CA ILE C 10 25.31 26.54 -26.65
C ILE C 10 24.86 27.96 -26.98
N VAL C 11 23.59 28.11 -27.38
CA VAL C 11 23.04 29.44 -27.62
C VAL C 11 22.21 29.96 -26.45
N SER C 12 21.94 29.13 -25.44
CA SER C 12 21.29 29.60 -24.22
C SER C 12 21.19 28.46 -23.21
N SER C 13 20.83 28.82 -21.98
CA SER C 13 20.59 27.87 -20.92
C SER C 13 19.61 28.50 -19.93
N ALA C 14 18.98 27.65 -19.11
CA ALA C 14 18.10 28.13 -18.05
C ALA C 14 17.87 27.01 -17.04
N ARG C 15 17.52 27.42 -15.83
CA ARG C 15 17.14 26.46 -14.80
C ARG C 15 15.98 27.00 -14.00
N THR C 16 15.20 26.11 -13.41
CA THR C 16 14.28 26.50 -12.37
C THR C 16 15.07 26.87 -11.11
N PRO C 17 14.44 27.60 -10.18
CA PRO C 17 14.95 27.59 -8.81
C PRO C 17 15.01 26.14 -8.33
N VAL C 18 15.87 25.89 -7.36
CA VAL C 18 16.02 24.55 -6.82
C VAL C 18 15.26 24.53 -5.49
N GLY C 19 14.16 23.78 -5.43
CA GLY C 19 13.35 23.72 -4.24
C GLY C 19 13.80 22.65 -3.27
N SER C 20 13.45 22.82 -2.00
CA SER C 20 13.82 21.84 -0.99
C SER C 20 12.86 20.65 -1.00
N PHE C 21 13.31 19.55 -0.40
CA PHE C 21 12.51 18.33 -0.36
C PHE C 21 11.17 18.63 0.28
N LEU C 22 10.08 18.35 -0.46
CA LEU C 22 8.72 18.68 -0.04
C LEU C 22 8.55 20.18 0.22
N GLY C 23 9.32 21.00 -0.49
CA GLY C 23 9.38 22.45 -0.27
C GLY C 23 8.62 23.24 -1.31
N SER C 24 9.24 24.34 -1.75
CA SER C 24 8.54 25.37 -2.52
C SER C 24 8.12 24.91 -3.91
N LEU C 25 8.71 23.83 -4.44
CA LEU C 25 8.35 23.35 -5.77
C LEU C 25 7.69 21.98 -5.73
N SER C 26 7.35 21.48 -4.55
CA SER C 26 6.91 20.10 -4.42
C SER C 26 5.56 19.86 -5.08
N SER C 27 4.78 20.91 -5.36
CA SER C 27 3.51 20.71 -6.03
C SER C 27 3.69 20.36 -7.50
N LEU C 28 4.88 20.58 -8.06
CA LEU C 28 5.13 20.42 -9.48
C LEU C 28 5.73 19.04 -9.78
N THR C 29 5.36 18.48 -10.92
CA THR C 29 5.92 17.21 -11.36
C THR C 29 7.22 17.44 -12.13
N ALA C 30 8.01 16.37 -12.23
CA ALA C 30 9.29 16.46 -12.94
C ALA C 30 9.12 16.98 -14.35
N PRO C 31 8.13 16.57 -15.16
CA PRO C 31 8.01 17.16 -16.50
C PRO C 31 7.54 18.59 -16.47
N GLN C 32 6.80 18.99 -15.45
CA GLN C 32 6.43 20.40 -15.34
C GLN C 32 7.66 21.28 -15.12
N LEU C 33 8.56 20.85 -14.24
CA LEU C 33 9.79 21.61 -14.04
C LEU C 33 10.65 21.61 -15.30
N GLY C 34 10.72 20.46 -15.99
CA GLY C 34 11.52 20.39 -17.20
C GLY C 34 10.99 21.29 -18.29
N ALA C 35 9.68 21.25 -18.52
CA ALA C 35 9.06 22.14 -19.51
C ALA C 35 9.34 23.60 -19.18
N HIS C 36 9.22 23.96 -17.90
CA HIS C 36 9.50 25.32 -17.48
C HIS C 36 10.91 25.73 -17.88
N ALA C 37 11.88 24.85 -17.64
CA ALA C 37 13.28 25.17 -17.96
C ALA C 37 13.52 25.22 -19.46
N ILE C 38 12.88 24.32 -20.22
CA ILE C 38 13.11 24.30 -21.67
C ILE C 38 12.52 25.55 -22.31
N LYS C 39 11.30 25.93 -21.90
CA LYS C 39 10.65 27.10 -22.47
C LYS C 39 11.44 28.36 -22.18
N ALA C 40 11.95 28.48 -20.95
CA ALA C 40 12.71 29.68 -20.59
C ALA C 40 14.02 29.73 -21.35
N ALA C 41 14.69 28.59 -21.51
CA ALA C 41 15.95 28.56 -22.24
C ALA C 41 15.74 29.00 -23.69
N LEU C 42 14.67 28.52 -24.33
CA LEU C 42 14.40 28.88 -25.71
C LEU C 42 14.01 30.34 -25.87
N ALA C 43 13.34 30.92 -24.87
CA ALA C 43 12.93 32.31 -25.04
C ALA C 43 14.11 33.27 -25.04
N LYS C 44 15.31 32.82 -24.67
CA LYS C 44 16.49 33.69 -24.61
C LYS C 44 17.25 33.78 -25.93
N VAL C 45 16.93 32.95 -26.91
CA VAL C 45 17.68 32.93 -28.17
C VAL C 45 16.91 33.78 -29.17
N ASP C 46 17.36 35.01 -29.35
CA ASP C 46 16.80 35.85 -30.41
C ASP C 46 17.08 35.22 -31.77
N GLY C 47 16.02 34.92 -32.51
CA GLY C 47 16.16 34.38 -33.85
C GLY C 47 15.93 32.89 -33.99
N LEU C 48 15.58 32.21 -32.90
CA LEU C 48 15.29 30.78 -32.93
C LEU C 48 13.86 30.60 -32.43
N LYS C 49 13.08 29.83 -33.16
CA LYS C 49 11.75 29.53 -32.64
C LYS C 49 11.73 28.17 -31.99
N PRO C 50 10.83 27.96 -31.03
CA PRO C 50 10.72 26.63 -30.41
C PRO C 50 10.46 25.53 -31.43
N SER C 51 9.76 25.86 -32.52
CA SER C 51 9.48 24.91 -33.58
C SER C 51 10.73 24.46 -34.32
N ASP C 52 11.86 25.13 -34.12
CA ASP C 52 13.12 24.70 -34.73
C ASP C 52 13.78 23.57 -33.96
N VAL C 53 13.35 23.29 -32.73
CA VAL C 53 13.96 22.21 -31.95
C VAL C 53 13.58 20.88 -32.58
N GLN C 54 14.60 20.09 -32.95
CA GLN C 54 14.37 18.81 -33.60
C GLN C 54 14.43 17.62 -32.64
N GLU C 55 15.25 17.67 -31.61
CA GLU C 55 15.46 16.50 -30.77
C GLU C 55 15.76 16.97 -29.36
N VAL C 56 15.38 16.13 -28.39
CA VAL C 56 15.51 16.42 -26.97
C VAL C 56 16.08 15.19 -26.27
N PHE C 57 17.11 15.40 -25.44
CA PHE C 57 17.61 14.41 -24.50
C PHE C 57 17.45 14.99 -23.11
N PHE C 58 16.73 14.30 -22.23
CA PHE C 58 16.51 14.86 -20.90
C PHE C 58 16.73 13.82 -19.81
N GLY C 59 17.53 14.22 -18.82
CA GLY C 59 17.83 13.34 -17.71
C GLY C 59 16.69 13.29 -16.72
N ASN C 60 16.54 12.12 -16.12
CA ASN C 60 15.57 11.90 -15.06
C ASN C 60 15.91 10.56 -14.43
N VAL C 61 16.01 10.51 -13.12
CA VAL C 61 16.52 9.31 -12.47
C VAL C 61 15.35 8.49 -11.94
N ILE C 62 14.59 9.08 -11.02
CA ILE C 62 13.47 8.39 -10.38
C ILE C 62 12.23 8.70 -11.22
N SER C 63 11.99 7.85 -12.21
CA SER C 63 10.91 8.08 -13.17
C SER C 63 9.61 7.43 -12.76
N ALA C 64 9.61 6.62 -11.69
CA ALA C 64 8.39 5.99 -11.20
C ALA C 64 7.27 7.00 -11.02
N ASN C 65 6.12 6.69 -11.63
CA ASN C 65 4.88 7.47 -11.58
C ASN C 65 4.95 8.76 -12.40
N VAL C 66 6.03 8.97 -13.16
CA VAL C 66 6.09 10.17 -14.00
C VAL C 66 5.32 9.98 -15.31
N GLY C 67 5.14 8.75 -15.75
CA GLY C 67 4.40 8.46 -16.98
C GLY C 67 5.35 8.23 -18.14
N GLN C 68 4.76 7.85 -19.27
CA GLN C 68 5.55 7.54 -20.47
C GLN C 68 6.56 8.64 -20.76
N ASN C 69 7.82 8.23 -20.96
CA ASN C 69 8.90 9.04 -21.52
C ASN C 69 8.95 10.44 -20.92
N PRO C 70 9.52 10.60 -19.72
CA PRO C 70 9.58 11.95 -19.11
C PRO C 70 10.08 13.04 -20.05
N ALA C 71 11.07 12.73 -20.91
CA ALA C 71 11.63 13.77 -21.78
C ALA C 71 10.60 14.26 -22.79
N ARG C 72 9.80 13.34 -23.32
CA ARG C 72 8.74 13.73 -24.25
C ARG C 72 7.74 14.66 -23.56
N GLN C 73 7.34 14.34 -22.34
CA GLN C 73 6.44 15.22 -21.60
C GLN C 73 7.07 16.59 -21.36
N CYS C 74 8.38 16.62 -21.06
CA CYS C 74 9.07 17.90 -20.91
C CYS C 74 8.97 18.71 -22.20
N ALA C 75 9.25 18.07 -23.34
CA ALA C 75 9.26 18.77 -24.63
C ALA C 75 7.88 19.32 -24.96
N LEU C 76 6.84 18.48 -24.89
CA LEU C 76 5.51 18.94 -25.25
C LEU C 76 5.02 19.99 -24.27
N GLY C 77 5.30 19.79 -22.98
CA GLY C 77 4.91 20.77 -21.98
C GLY C 77 5.54 22.13 -22.24
N ALA C 78 6.73 22.16 -22.83
CA ALA C 78 7.41 23.40 -23.17
C ALA C 78 6.85 24.05 -24.44
N GLY C 79 5.96 23.37 -25.16
CA GLY C 79 5.45 23.89 -26.40
C GLY C 79 6.24 23.52 -27.64
N LEU C 80 7.04 22.45 -27.58
CA LEU C 80 7.78 21.96 -28.73
C LEU C 80 6.85 21.21 -29.68
N GLU C 81 7.30 21.06 -30.92
CA GLU C 81 6.46 20.42 -31.94
C GLU C 81 6.32 18.93 -31.65
N GLU C 82 5.16 18.39 -31.99
CA GLU C 82 4.94 16.95 -31.85
C GLU C 82 5.88 16.12 -32.71
N SER C 83 6.57 16.73 -33.67
CA SER C 83 7.58 16.03 -34.46
C SER C 83 8.90 15.86 -33.74
N THR C 84 9.08 16.49 -32.57
CA THR C 84 10.36 16.46 -31.86
C THR C 84 10.66 15.06 -31.33
N ILE C 85 11.88 14.59 -31.57
CA ILE C 85 12.33 13.29 -31.06
C ILE C 85 12.80 13.45 -29.62
N CYS C 86 12.33 12.57 -28.73
CA CYS C 86 12.57 12.72 -27.30
C CYS C 86 13.03 11.42 -26.67
N THR C 87 14.17 11.48 -25.98
CA THR C 87 14.70 10.34 -25.26
C THR C 87 14.99 10.75 -23.82
N THR C 88 14.57 9.92 -22.87
CA THR C 88 14.92 10.10 -21.46
C THR C 88 16.19 9.31 -21.13
N VAL C 89 17.08 9.94 -20.36
CA VAL C 89 18.42 9.43 -20.08
C VAL C 89 18.57 9.25 -18.57
N ASN C 90 19.09 8.10 -18.14
CA ASN C 90 19.38 7.86 -16.73
C ASN C 90 20.81 7.36 -16.57
N LYS C 91 21.66 8.23 -16.02
CA LYS C 91 23.00 7.91 -15.57
C LYS C 91 23.15 8.38 -14.13
N VAL C 92 22.10 8.14 -13.35
CA VAL C 92 21.92 8.64 -12.00
C VAL C 92 22.27 10.13 -11.96
N CYS C 93 23.10 10.54 -11.00
CA CYS C 93 23.40 11.97 -10.85
C CYS C 93 24.04 12.60 -12.10
N ALA C 94 24.59 11.81 -13.02
CA ALA C 94 25.20 12.38 -14.23
C ALA C 94 24.23 12.50 -15.39
N SER C 95 22.97 12.14 -15.20
CA SER C 95 22.00 12.05 -16.30
C SER C 95 21.90 13.37 -17.06
N GLY C 96 21.87 14.48 -16.34
CA GLY C 96 21.68 15.77 -16.98
C GLY C 96 22.87 16.20 -17.82
N LEU C 97 24.07 15.75 -17.45
CA LEU C 97 25.23 16.08 -18.25
C LEU C 97 25.43 15.08 -19.40
N LYS C 98 25.18 13.79 -19.15
CA LYS C 98 25.23 12.84 -20.26
C LYS C 98 24.17 13.18 -21.32
N ALA C 99 23.02 13.67 -20.88
CA ALA C 99 21.99 14.12 -21.83
C ALA C 99 22.53 15.18 -22.78
N ILE C 100 23.32 16.13 -22.26
CA ILE C 100 23.88 17.19 -23.09
C ILE C 100 24.93 16.62 -24.04
N ILE C 101 25.69 15.65 -23.58
CA ILE C 101 26.69 15.00 -24.40
C ILE C 101 26.05 14.31 -25.60
N LEU C 102 25.01 13.51 -25.34
CA LEU C 102 24.28 12.84 -26.42
C LEU C 102 23.66 13.84 -27.37
N GLY C 103 23.14 14.94 -26.84
CA GLY C 103 22.61 16.00 -27.68
C GLY C 103 23.68 16.56 -28.60
N ALA C 104 24.84 16.89 -28.05
CA ALA C 104 25.97 17.32 -28.88
C ALA C 104 26.33 16.27 -29.92
N GLN C 105 26.39 15.01 -29.54
CA GLN C 105 26.79 13.98 -30.49
C GLN C 105 25.80 13.85 -31.63
N THR C 106 24.50 14.09 -31.36
CA THR C 106 23.50 13.99 -32.41
C THR C 106 23.67 15.11 -33.43
N ILE C 107 24.05 16.31 -32.98
CA ILE C 107 24.42 17.36 -33.92
C ILE C 107 25.66 16.95 -34.70
N MET C 108 26.65 16.39 -34.01
CA MET C 108 27.94 16.11 -34.64
C MET C 108 27.85 15.05 -35.74
N THR C 109 26.97 14.07 -35.60
CA THR C 109 26.73 13.07 -36.64
C THR C 109 25.71 13.54 -37.67
N GLY C 110 25.28 14.80 -37.59
CA GLY C 110 24.45 15.37 -38.62
C GLY C 110 22.98 15.05 -38.53
N ASN C 111 22.54 14.39 -37.47
CA ASN C 111 21.15 13.99 -37.39
C ASN C 111 20.23 15.07 -36.85
N ALA C 112 20.82 16.19 -36.40
CA ALA C 112 20.04 17.34 -35.94
C ALA C 112 20.93 18.57 -36.06
N ASP C 113 20.27 19.72 -36.14
CA ASP C 113 20.95 21.01 -36.07
C ASP C 113 20.53 21.83 -34.86
N VAL C 114 19.41 21.48 -34.21
CA VAL C 114 18.92 22.16 -33.01
C VAL C 114 18.48 21.08 -32.02
N VAL C 115 19.15 21.02 -30.88
CA VAL C 115 18.87 20.02 -29.85
C VAL C 115 18.72 20.76 -28.54
N VAL C 116 17.70 20.36 -27.76
CA VAL C 116 17.57 20.79 -26.37
C VAL C 116 17.99 19.62 -25.48
N ALA C 117 18.76 19.91 -24.44
CA ALA C 117 19.24 18.87 -23.55
C ALA C 117 19.29 19.40 -22.13
N GLY C 118 19.21 18.47 -21.18
CA GLY C 118 19.27 18.83 -19.78
C GLY C 118 18.70 17.74 -18.92
N GLY C 119 18.02 18.09 -17.84
CA GLY C 119 17.47 17.10 -16.93
C GLY C 119 16.51 17.71 -15.95
N THR C 120 15.75 16.85 -15.29
CA THR C 120 14.74 17.28 -14.34
C THR C 120 14.64 16.23 -13.24
N GLU C 121 14.19 16.66 -12.07
CA GLU C 121 13.93 15.68 -11.01
C GLU C 121 12.95 16.28 -10.02
N SER C 122 11.97 15.48 -9.61
CA SER C 122 11.07 15.87 -8.55
C SER C 122 11.20 14.81 -7.47
N MET C 123 12.15 14.99 -6.57
CA MET C 123 12.31 13.99 -5.52
C MET C 123 11.11 14.02 -4.57
N SER C 124 10.50 15.21 -4.39
CA SER C 124 9.30 15.33 -3.57
C SER C 124 8.21 14.35 -4.00
N ASN C 125 8.07 14.15 -5.30
CA ASN C 125 6.99 13.33 -5.83
C ASN C 125 7.46 11.95 -6.24
N ALA C 126 8.67 11.56 -5.84
CA ALA C 126 9.07 10.17 -5.94
C ALA C 126 8.15 9.32 -5.08
N PRO C 127 7.53 8.29 -5.63
CA PRO C 127 6.55 7.51 -4.88
C PRO C 127 7.25 6.43 -4.05
N HIS C 128 6.44 5.71 -3.28
CA HIS C 128 6.86 4.45 -2.67
C HIS C 128 6.36 3.28 -3.52
N TYR C 129 7.09 2.17 -3.46
CA TYR C 129 6.77 0.97 -4.24
C TYR C 129 6.19 -0.13 -3.37
N LEU C 130 5.14 -0.77 -3.88
CA LEU C 130 4.71 -2.06 -3.37
C LEU C 130 5.17 -3.13 -4.37
N PRO C 131 6.16 -3.95 -4.04
CA PRO C 131 6.84 -4.73 -5.08
C PRO C 131 6.27 -6.12 -5.38
N ASN C 132 5.48 -6.71 -4.49
CA ASN C 132 5.07 -8.10 -4.71
C ASN C 132 3.55 -8.28 -4.73
N LEU C 133 2.83 -7.31 -5.30
CA LEU C 133 1.37 -7.40 -5.33
C LEU C 133 0.87 -8.35 -6.41
N ARG C 134 1.63 -8.52 -7.49
CA ARG C 134 1.12 -9.30 -8.63
C ARG C 134 1.05 -10.78 -8.29
N THR C 135 2.07 -11.30 -7.62
CA THR C 135 2.09 -12.71 -7.23
C THR C 135 1.55 -12.94 -5.83
N GLY C 136 1.47 -11.91 -5.00
CA GLY C 136 0.88 -12.03 -3.68
C GLY C 136 1.86 -12.50 -2.62
N ALA C 137 1.48 -12.29 -1.36
CA ALA C 137 2.27 -12.69 -0.21
C ALA C 137 1.31 -13.16 0.86
N LYS C 138 1.34 -14.47 1.15
CA LYS C 138 0.21 -15.08 1.82
C LYS C 138 0.14 -14.73 3.31
N TYR C 139 1.29 -14.49 3.95
CA TYR C 139 1.30 -14.26 5.39
C TYR C 139 2.57 -13.53 5.77
N GLY C 140 2.43 -12.49 6.59
CA GLY C 140 3.58 -11.78 7.11
C GLY C 140 3.57 -10.31 6.75
N HIS C 141 4.15 -9.49 7.62
CA HIS C 141 4.29 -8.07 7.32
C HIS C 141 5.07 -7.88 6.04
N GLN C 142 4.67 -6.88 5.25
CA GLN C 142 5.34 -6.58 3.99
C GLN C 142 5.95 -5.18 4.07
N SER C 143 6.65 -4.81 3.02
CA SER C 143 7.45 -3.59 3.02
C SER C 143 7.08 -2.72 1.83
N LEU C 144 7.01 -1.41 2.07
CA LEU C 144 6.91 -0.42 1.02
C LEU C 144 8.28 0.19 0.79
N VAL C 145 8.72 0.20 -0.46
CA VAL C 145 10.04 0.67 -0.83
C VAL C 145 9.97 2.15 -1.13
N ASP C 146 10.83 2.92 -0.49
CA ASP C 146 11.01 4.33 -0.82
C ASP C 146 11.78 4.44 -2.13
N GLY C 147 11.13 4.98 -3.17
CA GLY C 147 11.74 5.03 -4.48
C GLY C 147 13.03 5.83 -4.53
N ILE C 148 13.11 6.89 -3.73
CA ILE C 148 14.34 7.69 -3.65
C ILE C 148 15.50 6.81 -3.20
N MET C 149 15.31 6.09 -2.10
CA MET C 149 16.39 5.25 -1.57
C MET C 149 16.79 4.18 -2.56
N LYS C 150 15.80 3.55 -3.23
CA LYS C 150 16.06 2.36 -4.04
C LYS C 150 16.65 2.73 -5.39
N ASP C 151 16.05 3.70 -6.08
CA ASP C 151 16.47 3.99 -7.44
C ASP C 151 17.40 5.19 -7.51
N GLY C 152 17.45 6.00 -6.47
CA GLY C 152 18.32 7.16 -6.46
C GLY C 152 19.58 7.04 -5.62
N LEU C 153 19.49 6.56 -4.37
CA LEU C 153 20.58 6.76 -3.42
C LEU C 153 21.28 5.48 -2.95
N THR C 154 20.91 4.31 -3.45
CA THR C 154 21.46 3.04 -2.96
C THR C 154 22.30 2.40 -4.06
N ASP C 155 23.57 2.15 -3.77
CA ASP C 155 24.42 1.36 -4.65
C ASP C 155 23.87 -0.05 -4.79
N ALA C 156 23.61 -0.47 -6.04
CA ALA C 156 22.95 -1.74 -6.26
C ALA C 156 23.82 -2.92 -5.83
N GLY C 157 25.14 -2.81 -5.96
CA GLY C 157 26.01 -3.89 -5.58
C GLY C 157 25.98 -4.20 -4.10
N LYS C 158 26.29 -3.21 -3.27
CA LYS C 158 26.48 -3.41 -1.84
C LYS C 158 25.25 -3.07 -1.02
N GLN C 159 24.18 -2.57 -1.64
CA GLN C 159 22.97 -2.15 -0.94
C GLN C 159 23.28 -1.09 0.13
N GLU C 160 24.23 -0.21 -0.18
CA GLU C 160 24.66 0.84 0.71
C GLU C 160 24.22 2.19 0.17
N LEU C 161 23.74 3.06 1.05
CA LEU C 161 23.44 4.43 0.65
C LEU C 161 24.71 5.16 0.25
N MET C 162 24.54 6.21 -0.55
CA MET C 162 25.68 7.00 -1.00
C MET C 162 26.44 7.61 0.18
N GLY C 163 25.71 8.02 1.22
CA GLY C 163 26.36 8.60 2.38
C GLY C 163 27.36 7.67 3.04
N LEU C 164 27.04 6.37 3.07
CA LEU C 164 27.99 5.42 3.63
C LEU C 164 29.23 5.33 2.77
N GLN C 165 29.06 5.32 1.46
CA GLN C 165 30.21 5.34 0.57
C GLN C 165 30.91 6.70 0.59
N ALA C 166 30.21 7.75 1.04
CA ALA C 166 30.89 9.01 1.29
C ALA C 166 31.84 8.89 2.47
N GLU C 167 31.43 8.18 3.53
CA GLU C 167 32.33 7.92 4.64
C GLU C 167 33.57 7.16 4.17
N GLU C 168 33.38 6.21 3.27
CA GLU C 168 34.51 5.52 2.65
C GLU C 168 35.46 6.52 2.00
N CYS C 169 34.90 7.54 1.33
CA CYS C 169 35.72 8.58 0.73
C CYS C 169 36.50 9.35 1.79
N ALA C 170 35.83 9.74 2.87
CA ALA C 170 36.50 10.45 3.95
C ALA C 170 37.66 9.65 4.51
N GLN C 171 37.47 8.34 4.70
CA GLN C 171 38.53 7.51 5.25
C GLN C 171 39.65 7.30 4.24
N ASP C 172 39.30 7.08 2.97
CA ASP C 172 40.31 6.78 1.96
C ASP C 172 41.27 7.95 1.75
N HIS C 173 40.74 9.17 1.79
CA HIS C 173 41.53 10.35 1.44
C HIS C 173 41.73 11.29 2.62
N GLY C 174 41.42 10.84 3.83
CA GLY C 174 41.79 11.53 5.05
C GLY C 174 41.16 12.88 5.28
N PHE C 175 39.84 12.94 5.26
CA PHE C 175 39.11 14.20 5.47
C PHE C 175 38.25 14.08 6.73
N SER C 176 38.49 14.98 7.68
CA SER C 176 37.84 14.94 8.98
C SER C 176 36.43 15.52 8.91
N ARG C 177 35.67 15.26 9.97
CA ARG C 177 34.38 15.92 10.14
C ARG C 177 34.52 17.42 10.05
N GLU C 178 35.56 17.97 10.68
CA GLU C 178 35.73 19.42 10.70
C GLU C 178 36.08 19.97 9.34
N GLN C 179 36.97 19.28 8.60
CA GLN C 179 37.34 19.73 7.26
C GLN C 179 36.13 19.72 6.33
N GLN C 180 35.24 18.73 6.48
CA GLN C 180 34.05 18.67 5.68
C GLN C 180 33.05 19.77 6.07
N ASP C 181 33.02 20.13 7.34
CA ASP C 181 32.13 21.20 7.77
C ASP C 181 32.61 22.56 7.24
N GLU C 182 33.91 22.83 7.32
CA GLU C 182 34.41 24.10 6.85
C GLU C 182 34.26 24.25 5.34
N TYR C 183 34.40 23.14 4.60
CA TYR C 183 34.06 23.22 3.17
C TYR C 183 32.59 23.55 2.98
N ALA C 184 31.71 22.92 3.75
CA ALA C 184 30.28 23.17 3.62
C ALA C 184 29.93 24.62 3.89
N ILE C 185 30.51 25.21 4.93
CA ILE C 185 30.22 26.60 5.26
C ILE C 185 30.72 27.52 4.15
N ARG C 186 31.94 27.27 3.66
CA ARG C 186 32.48 28.08 2.57
C ARG C 186 31.57 28.03 1.34
N THR C 187 31.01 26.88 1.02
CA THR C 187 30.18 26.83 -0.17
C THR C 187 28.82 27.46 0.06
N TYR C 188 28.27 27.34 1.27
CA TYR C 188 27.06 28.09 1.62
C TYR C 188 27.32 29.59 1.53
N GLU C 189 28.45 30.03 2.10
CA GLU C 189 28.82 31.44 2.01
C GLU C 189 28.91 31.90 0.56
N LYS C 190 29.56 31.10 -0.28
CA LYS C 190 29.67 31.48 -1.69
C LYS C 190 28.31 31.55 -2.36
N ALA C 191 27.38 30.65 -2.00
CA ALA C 191 26.06 30.69 -2.61
C ALA C 191 25.25 31.87 -2.09
N GLN C 192 25.34 32.15 -0.79
CA GLN C 192 24.62 33.30 -0.24
C GLN C 192 25.11 34.60 -0.87
N ALA C 193 26.42 34.71 -1.13
CA ALA C 193 26.95 35.94 -1.70
C ALA C 193 26.50 36.13 -3.14
N ALA C 194 26.53 35.05 -3.93
CA ALA C 194 26.06 35.11 -5.31
C ALA C 194 24.59 35.51 -5.36
N GLN C 195 23.78 34.93 -4.47
CA GLN C 195 22.37 35.28 -4.40
C GLN C 195 22.17 36.77 -4.21
N LYS C 196 22.78 37.31 -3.14
CA LYS C 196 22.56 38.71 -2.80
C LYS C 196 23.03 39.64 -3.90
N ALA C 197 24.05 39.24 -4.65
CA ALA C 197 24.57 40.07 -5.72
C ALA C 197 23.80 39.93 -7.03
N GLY C 198 22.70 39.17 -7.05
CA GLY C 198 21.93 38.99 -8.26
C GLY C 198 22.58 38.10 -9.29
N LEU C 199 23.58 37.31 -8.89
CA LEU C 199 24.35 36.57 -9.88
C LEU C 199 23.63 35.33 -10.40
N PHE C 200 22.55 34.90 -9.76
CA PHE C 200 21.70 33.83 -10.31
C PHE C 200 20.51 34.36 -11.08
N ASP C 201 20.24 35.67 -11.03
CA ASP C 201 19.04 36.25 -11.65
C ASP C 201 18.91 35.85 -13.12
N GLU C 202 20.01 35.89 -13.87
CA GLU C 202 19.94 35.59 -15.29
C GLU C 202 19.63 34.12 -15.54
N GLU C 203 20.29 33.21 -14.82
CA GLU C 203 20.13 31.80 -15.16
C GLU C 203 18.80 31.23 -14.67
N ILE C 204 18.23 31.79 -13.59
CA ILE C 204 17.04 31.26 -12.95
C ILE C 204 15.81 31.80 -13.66
N ALA C 205 14.88 30.91 -14.01
CA ALA C 205 13.58 31.30 -14.54
C ALA C 205 12.56 31.14 -13.43
N PRO C 206 12.08 32.22 -12.81
CA PRO C 206 11.18 32.07 -11.66
C PRO C 206 9.91 31.33 -12.03
N ILE C 207 9.30 30.70 -11.02
CA ILE C 207 8.13 29.85 -11.19
C ILE C 207 6.94 30.49 -10.49
N GLN C 208 5.87 30.72 -11.26
CA GLN C 208 4.63 31.30 -10.76
C GLN C 208 3.67 30.17 -10.42
N LEU C 209 3.26 30.09 -9.15
CA LEU C 209 2.36 29.05 -8.68
C LEU C 209 0.97 29.62 -8.38
N PRO C 210 -0.10 29.03 -8.93
CA PRO C 210 -1.45 29.52 -8.62
C PRO C 210 -1.80 29.26 -7.16
N GLY C 211 -2.19 30.32 -6.46
CA GLY C 211 -2.58 30.21 -5.06
C GLY C 211 -3.92 29.54 -4.84
N PRO C 216 -3.75 33.30 -2.56
CA PRO C 216 -2.81 34.23 -3.18
C PRO C 216 -1.69 33.52 -3.95
N ASP C 217 -1.36 34.03 -5.13
CA ASP C 217 -0.34 33.41 -5.96
C ASP C 217 1.03 33.59 -5.33
N VAL C 218 1.91 32.61 -5.55
CA VAL C 218 3.27 32.61 -5.03
C VAL C 218 4.24 32.53 -6.20
N THR C 219 5.36 33.25 -6.07
CA THR C 219 6.44 33.22 -7.06
C THR C 219 7.71 32.72 -6.40
N VAL C 220 8.28 31.65 -6.96
CA VAL C 220 9.54 31.11 -6.49
C VAL C 220 10.64 31.70 -7.37
N THR C 221 11.50 32.53 -6.78
CA THR C 221 12.57 33.19 -7.50
C THR C 221 13.95 32.75 -7.05
N GLN C 222 14.10 32.29 -5.82
CA GLN C 222 15.40 31.95 -5.26
C GLN C 222 15.50 30.46 -5.04
N ASP C 223 16.73 29.94 -5.05
CA ASP C 223 16.99 28.62 -4.49
C ASP C 223 16.65 28.62 -3.01
N GLU C 224 16.05 27.51 -2.56
CA GLU C 224 15.52 27.47 -1.19
C GLU C 224 16.58 27.14 -0.14
N GLU C 225 17.59 26.33 -0.49
CA GLU C 225 18.56 25.83 0.48
C GLU C 225 19.59 26.85 0.98
N PRO C 226 20.14 27.77 0.16
CA PRO C 226 21.27 28.58 0.64
C PRO C 226 20.99 29.37 1.91
N LYS C 227 19.76 29.83 2.13
CA LYS C 227 19.45 30.58 3.34
C LYS C 227 19.51 29.74 4.60
N ASN C 228 19.68 28.43 4.49
CA ASN C 228 19.56 27.55 5.65
C ASN C 228 20.81 27.49 6.51
N LEU C 229 21.94 28.01 6.02
CA LEU C 229 23.21 27.88 6.73
C LEU C 229 23.10 28.41 8.16
N ASN C 230 23.52 27.57 9.11
CA ASN C 230 23.62 27.95 10.52
C ASN C 230 24.94 27.34 10.99
N PRO C 231 26.02 28.11 11.00
CA PRO C 231 27.34 27.50 11.31
C PRO C 231 27.40 26.83 12.67
N GLU C 232 26.75 27.41 13.69
CA GLU C 232 26.75 26.79 15.01
C GLU C 232 26.11 25.41 14.97
N LYS C 233 24.86 25.33 14.51
CA LYS C 233 24.18 24.04 14.41
C LYS C 233 24.92 23.08 13.48
N LEU C 234 25.50 23.60 12.40
CA LEU C 234 26.18 22.76 11.42
C LEU C 234 27.36 22.04 12.04
N ARG C 235 28.18 22.75 12.81
CA ARG C 235 29.37 22.14 13.42
C ARG C 235 29.02 21.24 14.59
N ALA C 236 27.82 21.35 15.14
CA ALA C 236 27.44 20.58 16.32
C ALA C 236 26.52 19.40 16.02
N ILE C 237 25.92 19.34 14.83
CA ILE C 237 24.91 18.31 14.55
C ILE C 237 25.55 16.93 14.55
N LYS C 238 24.72 15.91 14.80
CA LYS C 238 25.19 14.53 14.80
C LYS C 238 25.38 14.01 13.38
N PRO C 239 26.33 13.10 13.16
CA PRO C 239 26.48 12.49 11.84
C PRO C 239 25.26 11.68 11.46
N ALA C 240 25.07 11.52 10.15
CA ALA C 240 23.83 11.01 9.61
C ALA C 240 23.90 9.60 9.04
N PHE C 241 25.09 8.99 8.95
CA PHE C 241 25.23 7.69 8.32
C PHE C 241 26.00 6.71 9.20
N ILE C 242 26.87 7.24 10.06
CA ILE C 242 27.59 6.43 11.04
C ILE C 242 27.44 7.12 12.39
N PRO C 243 26.69 6.54 13.33
CA PRO C 243 26.50 7.19 14.63
C PRO C 243 27.82 7.39 15.35
N GLY C 244 27.89 8.46 16.15
CA GLY C 244 29.06 8.72 16.96
C GLY C 244 30.30 9.14 16.22
N SER C 245 30.83 8.25 15.37
CA SER C 245 32.13 8.43 14.76
C SER C 245 32.09 8.92 13.32
N GLY C 246 30.90 9.08 12.73
CA GLY C 246 30.81 9.49 11.35
C GLY C 246 31.32 10.90 11.13
N THR C 247 31.61 11.20 9.85
CA THR C 247 31.99 12.53 9.42
C THR C 247 30.98 13.19 8.50
N VAL C 248 30.18 12.38 7.79
CA VAL C 248 29.18 12.89 6.87
C VAL C 248 27.91 13.25 7.63
N THR C 249 27.37 14.44 7.36
CA THR C 249 26.18 14.92 8.02
C THR C 249 25.19 15.44 6.98
N ALA C 250 23.97 15.67 7.44
CA ALA C 250 22.99 16.35 6.58
C ALA C 250 23.43 17.75 6.16
N PRO C 251 23.98 18.60 7.03
CA PRO C 251 24.43 19.92 6.56
C PRO C 251 25.59 19.86 5.58
N ASN C 252 26.56 18.96 5.75
CA ASN C 252 27.66 18.94 4.80
C ASN C 252 27.44 17.97 3.64
N SER C 253 26.27 17.35 3.56
CA SER C 253 25.85 16.57 2.40
C SER C 253 24.89 17.39 1.53
N SER C 254 24.77 16.98 0.27
CA SER C 254 23.75 17.59 -0.56
C SER C 254 22.36 17.13 -0.08
N PRO C 255 21.35 17.99 -0.19
CA PRO C 255 19.99 17.59 0.24
C PRO C 255 19.24 16.85 -0.87
N LEU C 256 17.99 16.49 -0.60
CA LEU C 256 17.05 16.08 -1.63
C LEU C 256 16.31 17.32 -2.15
N ASN C 257 16.15 17.40 -3.47
CA ASN C 257 15.65 18.65 -4.06
C ASN C 257 14.86 18.38 -5.34
N ASP C 258 14.11 19.41 -5.74
CA ASP C 258 13.37 19.44 -6.99
C ASP C 258 13.96 20.52 -7.90
N GLY C 259 14.02 20.25 -9.19
CA GLY C 259 14.52 21.25 -10.12
C GLY C 259 14.80 20.73 -11.51
N ALA C 260 14.91 21.64 -12.49
CA ALA C 260 15.27 21.26 -13.84
C ALA C 260 16.23 22.30 -14.41
N ALA C 261 16.99 21.87 -15.42
CA ALA C 261 17.84 22.78 -16.17
C ALA C 261 17.89 22.33 -17.62
N ALA C 262 18.05 23.29 -18.52
CA ALA C 262 18.08 23.00 -19.95
C ALA C 262 19.09 23.88 -20.65
N VAL C 263 19.71 23.34 -21.72
CA VAL C 263 20.55 24.10 -22.62
C VAL C 263 20.06 23.89 -24.05
N VAL C 264 20.30 24.90 -24.90
CA VAL C 264 19.96 24.84 -26.32
C VAL C 264 21.25 24.73 -27.12
N LEU C 265 21.36 23.68 -27.92
CA LEU C 265 22.53 23.41 -28.73
C LEU C 265 22.20 23.59 -30.20
N VAL C 266 23.14 24.17 -30.96
CA VAL C 266 22.97 24.27 -32.40
C VAL C 266 24.28 23.93 -33.09
N SER C 267 24.15 23.48 -34.33
CA SER C 267 25.28 23.27 -35.21
C SER C 267 25.84 24.59 -35.72
N GLU C 268 27.07 24.51 -36.25
CA GLU C 268 27.69 25.66 -36.93
C GLU C 268 26.80 26.20 -38.04
N ALA C 269 26.25 25.30 -38.87
CA ALA C 269 25.45 25.73 -40.00
C ALA C 269 24.19 26.45 -39.55
N LYS C 270 23.52 25.93 -38.52
CA LYS C 270 22.32 26.59 -38.03
C LYS C 270 22.62 27.91 -37.33
N LEU C 271 23.77 27.99 -36.62
CA LEU C 271 24.20 29.28 -36.09
C LEU C 271 24.39 30.31 -37.20
N LYS C 272 24.99 29.89 -38.32
CA LYS C 272 25.25 30.83 -39.42
C LYS C 272 23.97 31.22 -40.13
N GLU C 273 23.09 30.25 -40.40
CA GLU C 273 21.85 30.52 -41.12
C GLU C 273 20.96 31.51 -40.36
N LEU C 274 20.85 31.34 -39.05
CA LEU C 274 19.96 32.18 -38.25
C LEU C 274 20.66 33.37 -37.63
N ASN C 275 21.95 33.55 -37.87
CA ASN C 275 22.72 34.67 -37.31
C ASN C 275 22.55 34.75 -35.79
N LEU C 276 22.83 33.64 -35.12
CA LEU C 276 22.68 33.56 -33.68
C LEU C 276 23.99 33.93 -32.98
N LYS C 277 23.86 34.58 -31.83
CA LYS C 277 25.01 34.91 -30.99
C LYS C 277 25.23 33.75 -30.01
N PRO C 278 26.29 32.98 -30.14
CA PRO C 278 26.47 31.84 -29.24
C PRO C 278 26.91 32.28 -27.86
N VAL C 279 26.43 31.57 -26.84
CA VAL C 279 26.89 31.85 -25.49
C VAL C 279 28.23 31.16 -25.24
N ALA C 280 28.37 29.94 -25.73
CA ALA C 280 29.56 29.15 -25.45
C ALA C 280 29.71 28.09 -26.52
N LYS C 281 30.83 27.39 -26.45
CA LYS C 281 31.15 26.30 -27.37
C LYS C 281 31.55 25.09 -26.55
N ILE C 282 30.96 23.94 -26.85
CA ILE C 282 31.39 22.69 -26.23
C ILE C 282 32.71 22.28 -26.88
N LEU C 283 33.76 22.16 -26.05
CA LEU C 283 35.08 21.78 -26.55
C LEU C 283 35.35 20.29 -26.45
N GLY C 284 34.81 19.62 -25.44
CA GLY C 284 35.07 18.19 -25.27
C GLY C 284 34.35 17.67 -24.05
N TRP C 285 34.39 16.34 -23.90
CA TRP C 285 33.74 15.70 -22.76
C TRP C 285 34.43 14.38 -22.46
N GLY C 286 34.10 13.83 -21.30
CA GLY C 286 34.67 12.57 -20.87
C GLY C 286 33.80 11.85 -19.86
N ASP C 287 33.47 10.59 -20.15
CA ASP C 287 32.86 9.71 -19.19
C ASP C 287 33.92 8.73 -18.69
N ALA C 288 33.84 8.38 -17.40
CA ALA C 288 34.73 7.37 -16.84
C ALA C 288 34.01 6.68 -15.70
N ALA C 289 34.51 5.52 -15.32
CA ALA C 289 33.93 4.77 -14.21
C ALA C 289 35.02 3.94 -13.54
N GLN C 290 34.77 3.57 -12.29
CA GLN C 290 35.66 2.69 -11.53
C GLN C 290 34.81 1.89 -10.56
N GLN C 291 35.44 1.39 -9.49
CA GLN C 291 34.74 0.56 -8.52
C GLN C 291 33.52 1.30 -7.98
N PRO C 292 32.33 0.68 -7.98
CA PRO C 292 31.11 1.40 -7.60
C PRO C 292 31.20 2.16 -6.28
N SER C 293 31.71 1.51 -5.22
CA SER C 293 31.84 2.21 -3.95
C SER C 293 32.85 3.35 -3.99
N LYS C 294 33.68 3.43 -5.03
CA LYS C 294 34.61 4.55 -5.21
C LYS C 294 34.05 5.58 -6.19
N PHE C 295 32.72 5.64 -6.34
CA PHE C 295 32.14 6.59 -7.29
C PHE C 295 32.50 8.03 -6.94
N THR C 296 32.80 8.26 -5.66
CA THR C 296 33.08 9.61 -5.17
C THR C 296 34.22 10.27 -5.94
N THR C 297 35.25 9.51 -6.28
CA THR C 297 36.43 10.06 -6.93
C THR C 297 36.52 9.69 -8.42
N ALA C 298 35.43 9.18 -8.99
CA ALA C 298 35.37 8.99 -10.43
C ALA C 298 35.57 10.28 -11.23
N PRO C 299 35.18 11.48 -10.76
CA PRO C 299 35.54 12.70 -11.50
C PRO C 299 37.03 12.87 -11.71
N ALA C 300 37.86 12.37 -10.78
CA ALA C 300 39.30 12.44 -10.94
C ALA C 300 39.78 11.67 -12.18
N LEU C 301 38.94 10.83 -12.75
CA LEU C 301 39.17 10.21 -14.05
C LEU C 301 38.48 10.94 -15.19
N ALA C 302 37.23 11.34 -15.00
CA ALA C 302 36.45 11.93 -16.09
C ALA C 302 36.97 13.31 -16.47
N ILE C 303 37.37 14.10 -15.48
CA ILE C 303 37.86 15.44 -15.76
C ILE C 303 39.12 15.42 -16.64
N PRO C 304 40.21 14.71 -16.28
CA PRO C 304 41.33 14.62 -17.23
C PRO C 304 40.91 14.12 -18.59
N LYS C 305 39.97 13.17 -18.64
CA LYS C 305 39.54 12.64 -19.92
C LYS C 305 38.85 13.72 -20.74
N ALA C 306 37.95 14.48 -20.12
CA ALA C 306 37.30 15.58 -20.83
C ALA C 306 38.32 16.61 -21.28
N LEU C 307 39.24 16.98 -20.38
CA LEU C 307 40.26 17.96 -20.74
C LEU C 307 41.07 17.50 -21.95
N LYS C 308 41.48 16.24 -21.95
CA LYS C 308 42.24 15.73 -23.09
C LYS C 308 41.41 15.77 -24.36
N HIS C 309 40.13 15.37 -24.27
CA HIS C 309 39.25 15.41 -25.43
C HIS C 309 39.11 16.84 -25.97
N ALA C 310 39.11 17.83 -25.07
CA ALA C 310 38.93 19.23 -25.45
C ALA C 310 40.22 19.91 -25.90
N GLY C 311 41.37 19.24 -25.77
CA GLY C 311 42.65 19.87 -26.02
C GLY C 311 43.01 20.96 -25.05
N VAL C 312 42.60 20.85 -23.79
CA VAL C 312 42.81 21.89 -22.78
C VAL C 312 43.56 21.30 -21.60
N GLY C 313 44.68 21.93 -21.23
CA GLY C 313 45.38 21.54 -20.02
C GLY C 313 44.63 21.98 -18.77
N GLN C 314 44.82 21.21 -17.69
CA GLN C 314 44.07 21.49 -16.46
C GLN C 314 44.32 22.92 -15.97
N ASP C 315 45.57 23.38 -16.03
CA ASP C 315 45.91 24.70 -15.51
C ASP C 315 45.27 25.84 -16.30
N ALA C 316 44.75 25.58 -17.51
CA ALA C 316 44.14 26.64 -18.29
C ALA C 316 42.66 26.87 -17.95
N ILE C 317 42.07 26.00 -17.13
CA ILE C 317 40.67 26.19 -16.76
C ILE C 317 40.55 27.38 -15.82
N ASP C 318 39.62 28.29 -16.13
CA ASP C 318 39.37 29.44 -15.28
C ASP C 318 38.44 29.11 -14.12
N ALA C 319 37.49 28.19 -14.32
CA ALA C 319 36.58 27.81 -13.26
C ALA C 319 36.14 26.37 -13.46
N PHE C 320 36.05 25.63 -12.35
CA PHE C 320 35.52 24.28 -12.33
C PHE C 320 34.21 24.24 -11.56
N GLU C 321 33.26 23.44 -12.06
CA GLU C 321 32.12 22.97 -11.28
C GLU C 321 32.39 21.50 -11.00
N ILE C 322 32.71 21.18 -9.75
CA ILE C 322 32.79 19.80 -9.26
C ILE C 322 31.55 19.58 -8.42
N ASN C 323 30.65 18.73 -8.89
CA ASN C 323 29.37 18.61 -8.20
C ASN C 323 29.56 18.13 -6.77
N GLU C 324 28.86 18.77 -5.85
CA GLU C 324 29.01 18.50 -4.42
C GLU C 324 27.93 17.54 -3.94
N ALA C 325 27.97 16.32 -4.48
CA ALA C 325 27.13 15.27 -3.91
C ALA C 325 27.32 15.21 -2.40
N PHE C 326 28.57 15.38 -1.95
CA PHE C 326 28.91 15.54 -0.55
C PHE C 326 30.07 16.52 -0.48
N SER C 327 30.26 17.14 0.69
CA SER C 327 31.42 18.01 0.83
C SER C 327 32.70 17.23 0.57
N VAL C 328 32.78 16.01 1.09
CA VAL C 328 34.00 15.21 0.94
C VAL C 328 34.27 14.88 -0.53
N VAL C 329 33.22 14.81 -1.37
CA VAL C 329 33.44 14.53 -2.79
C VAL C 329 34.23 15.68 -3.45
N ALA C 330 33.86 16.91 -3.15
CA ALA C 330 34.64 18.04 -3.68
C ALA C 330 36.04 18.04 -3.11
N LEU C 331 36.19 17.77 -1.82
CA LEU C 331 37.51 17.76 -1.21
C LEU C 331 38.41 16.71 -1.86
N ALA C 332 37.89 15.48 -2.00
CA ALA C 332 38.70 14.38 -2.48
C ALA C 332 39.15 14.59 -3.91
N ASN C 333 38.27 15.11 -4.76
CA ASN C 333 38.62 15.31 -6.16
C ASN C 333 39.53 16.51 -6.35
N MET C 334 39.36 17.55 -5.54
CA MET C 334 40.34 18.64 -5.56
C MET C 334 41.70 18.14 -5.13
N LYS C 335 41.75 17.27 -4.11
CA LYS C 335 43.02 16.76 -3.62
C LYS C 335 43.69 15.89 -4.68
N LEU C 336 42.91 15.08 -5.39
CA LEU C 336 43.49 14.15 -6.36
C LEU C 336 43.93 14.84 -7.65
N LEU C 337 43.22 15.88 -8.08
CA LEU C 337 43.55 16.56 -9.32
C LEU C 337 44.49 17.74 -9.12
N GLY C 338 44.72 18.17 -7.88
CA GLY C 338 45.54 19.34 -7.65
C GLY C 338 44.87 20.64 -8.03
N ILE C 339 43.54 20.70 -7.94
CA ILE C 339 42.78 21.89 -8.30
C ILE C 339 42.57 22.71 -7.04
N PRO C 340 43.05 23.96 -6.97
CA PRO C 340 42.84 24.76 -5.76
C PRO C 340 41.38 25.20 -5.61
N GLU C 341 40.91 25.23 -4.36
CA GLU C 341 39.52 25.58 -4.10
C GLU C 341 39.17 26.99 -4.59
N GLU C 342 40.18 27.82 -4.85
CA GLU C 342 39.94 29.15 -5.42
C GLU C 342 39.34 29.09 -6.82
N LYS C 343 39.30 27.93 -7.47
CA LYS C 343 38.77 27.86 -8.83
C LYS C 343 37.55 26.95 -8.94
N VAL C 344 36.94 26.56 -7.82
CA VAL C 344 35.90 25.53 -7.79
C VAL C 344 34.61 26.13 -7.25
N ASN C 345 33.50 25.87 -7.94
CA ASN C 345 32.16 26.20 -7.48
C ASN C 345 32.10 27.61 -6.91
N LEU C 346 32.42 28.58 -7.76
CA LEU C 346 32.62 29.94 -7.29
C LEU C 346 31.34 30.62 -6.83
N HIS C 347 30.18 30.15 -7.27
CA HIS C 347 28.91 30.63 -6.76
C HIS C 347 28.24 29.63 -5.82
N GLY C 348 29.03 28.74 -5.23
CA GLY C 348 28.51 27.68 -4.38
C GLY C 348 28.15 26.44 -5.17
N GLY C 349 28.08 25.31 -4.46
CA GLY C 349 27.69 24.03 -5.05
C GLY C 349 26.43 23.43 -4.44
N ALA C 350 26.14 22.17 -4.78
CA ALA C 350 24.85 21.57 -4.49
C ALA C 350 24.61 21.34 -3.01
N VAL C 351 25.68 21.28 -2.21
CA VAL C 351 25.53 21.22 -0.76
C VAL C 351 24.75 22.43 -0.27
N ALA C 352 24.93 23.58 -0.91
CA ALA C 352 24.22 24.79 -0.54
C ALA C 352 23.06 25.12 -1.46
N ILE C 353 23.11 24.67 -2.71
CA ILE C 353 22.12 25.08 -3.72
C ILE C 353 20.98 24.07 -3.82
N GLY C 354 21.29 22.79 -3.65
CA GLY C 354 20.30 21.76 -3.89
C GLY C 354 20.80 20.80 -4.95
N HIS C 355 20.22 19.61 -5.01
CA HIS C 355 20.76 18.50 -5.79
C HIS C 355 19.59 17.64 -6.29
N PRO C 356 18.80 18.16 -7.25
CA PRO C 356 17.79 17.32 -7.91
C PRO C 356 18.48 16.41 -8.92
N ILE C 357 18.61 15.13 -8.57
CA ILE C 357 19.72 14.34 -9.10
C ILE C 357 19.70 14.25 -10.62
N GLY C 358 18.53 14.04 -11.22
CA GLY C 358 18.49 13.96 -12.67
C GLY C 358 18.77 15.26 -13.41
N ALA C 359 18.74 16.39 -12.70
CA ALA C 359 18.96 17.70 -13.29
C ALA C 359 20.33 18.28 -12.97
N SER C 360 21.00 17.80 -11.92
CA SER C 360 22.18 18.50 -11.40
C SER C 360 23.27 18.62 -12.46
N GLY C 361 23.44 17.61 -13.30
CA GLY C 361 24.47 17.67 -14.32
C GLY C 361 24.28 18.85 -15.26
N ALA C 362 23.03 19.15 -15.61
CA ALA C 362 22.77 20.34 -16.42
C ALA C 362 22.75 21.60 -15.56
N ARG C 363 22.34 21.49 -14.30
CA ARG C 363 22.29 22.63 -13.40
C ARG C 363 23.66 23.29 -13.27
N ILE C 364 24.70 22.49 -13.01
CA ILE C 364 26.03 23.04 -12.76
C ILE C 364 26.61 23.64 -14.04
N LEU C 365 26.21 23.12 -15.21
CA LEU C 365 26.65 23.73 -16.45
CA LEU C 365 26.63 23.71 -16.46
C LEU C 365 26.03 25.10 -16.65
N THR C 366 24.74 25.27 -16.34
CA THR C 366 24.13 26.59 -16.44
CA THR C 366 24.15 26.60 -16.46
C THR C 366 24.86 27.56 -15.52
N THR C 367 25.12 27.13 -14.29
CA THR C 367 25.82 27.96 -13.29
C THR C 367 27.27 28.22 -13.68
N LEU C 368 27.92 27.24 -14.31
CA LEU C 368 29.29 27.44 -14.77
C LEU C 368 29.37 28.54 -15.81
N LEU C 369 28.39 28.60 -16.72
CA LEU C 369 28.36 29.68 -17.69
C LEU C 369 28.22 31.04 -17.01
N GLY C 370 27.40 31.12 -15.95
CA GLY C 370 27.30 32.36 -15.21
C GLY C 370 28.57 32.71 -14.46
N VAL C 371 29.25 31.70 -13.90
CA VAL C 371 30.50 31.94 -13.19
C VAL C 371 31.56 32.48 -14.14
N LEU C 372 31.69 31.86 -15.31
CA LEU C 372 32.68 32.32 -16.28
C LEU C 372 32.43 33.78 -16.66
N LYS C 373 31.16 34.15 -16.85
CA LYS C 373 30.88 35.53 -17.25
C LYS C 373 31.19 36.49 -16.12
N ALA C 374 30.78 36.16 -14.90
CA ALA C 374 30.99 37.07 -13.79
C ALA C 374 32.47 37.22 -13.48
N LYS C 375 33.23 36.13 -13.55
CA LYS C 375 34.63 36.14 -13.16
C LYS C 375 35.57 36.40 -14.34
N LYS C 376 35.04 36.83 -15.48
CA LYS C 376 35.84 37.14 -16.65
C LYS C 376 36.69 35.95 -17.08
N GLY C 377 36.12 34.76 -16.93
CA GLY C 377 36.78 33.56 -17.38
C GLY C 377 36.36 33.17 -18.79
N LYS C 378 37.11 32.23 -19.37
CA LYS C 378 36.85 31.76 -20.73
C LYS C 378 36.65 30.26 -20.80
N LEU C 379 37.49 29.49 -20.11
CA LEU C 379 37.46 28.03 -20.16
C LEU C 379 36.92 27.49 -18.85
N GLY C 380 35.87 26.68 -18.93
CA GLY C 380 35.28 26.07 -17.76
C GLY C 380 35.13 24.57 -17.94
N CYS C 381 35.15 23.85 -16.82
CA CYS C 381 35.00 22.41 -16.82
C CYS C 381 34.03 22.00 -15.72
N ALA C 382 33.01 21.24 -16.08
CA ALA C 382 32.05 20.70 -15.12
C ALA C 382 32.25 19.20 -14.99
N GLY C 383 32.29 18.70 -13.76
CA GLY C 383 32.35 17.27 -13.51
C GLY C 383 31.37 16.82 -12.46
N ILE C 384 30.80 15.63 -12.64
CA ILE C 384 29.76 15.16 -11.74
C ILE C 384 29.85 13.64 -11.64
N CYS C 385 29.93 13.14 -10.40
CA CYS C 385 29.97 11.71 -10.19
C CYS C 385 28.55 11.14 -10.15
N ASN C 386 28.45 9.83 -10.36
CA ASN C 386 27.15 9.18 -10.25
C ASN C 386 27.29 7.84 -9.53
N GLY C 387 26.27 7.53 -8.74
CA GLY C 387 26.24 6.26 -8.04
C GLY C 387 26.39 5.10 -9.00
N GLY C 388 27.09 4.06 -8.56
CA GLY C 388 27.44 2.96 -9.41
C GLY C 388 28.87 3.00 -9.90
N GLY C 389 29.57 4.11 -9.67
CA GLY C 389 30.97 4.22 -10.03
C GLY C 389 31.28 5.16 -11.16
N GLY C 390 30.28 5.82 -11.74
CA GLY C 390 30.52 6.62 -12.92
C GLY C 390 30.79 8.09 -12.63
N ALA C 391 31.23 8.79 -13.68
CA ALA C 391 31.34 10.24 -13.67
C ALA C 391 31.26 10.74 -15.10
N SER C 392 30.77 11.97 -15.26
CA SER C 392 30.77 12.66 -16.54
C SER C 392 31.34 14.06 -16.39
N ALA C 393 32.04 14.53 -17.43
CA ALA C 393 32.69 15.82 -17.40
C ALA C 393 32.62 16.46 -18.77
N LEU C 394 32.59 17.80 -18.78
CA LEU C 394 32.39 18.57 -20.00
C LEU C 394 33.18 19.86 -19.89
N VAL C 395 33.74 20.29 -21.01
CA VAL C 395 34.59 21.47 -21.10
C VAL C 395 33.93 22.45 -22.07
N VAL C 396 33.75 23.70 -21.65
CA VAL C 396 33.13 24.70 -22.51
C VAL C 396 34.06 25.91 -22.62
N GLU C 397 33.91 26.63 -23.73
CA GLU C 397 34.56 27.92 -23.95
CA GLU C 397 34.57 27.92 -23.92
C GLU C 397 33.48 29.00 -23.95
N LEU C 398 33.60 29.98 -23.07
CA LEU C 398 32.67 31.11 -23.11
C LEU C 398 33.07 32.03 -24.26
N LEU C 399 32.09 32.43 -25.06
CA LEU C 399 32.35 33.28 -26.22
C LEU C 399 31.86 34.70 -25.97
N GLY D 1 22.98 10.09 -44.54
CA GLY D 1 24.26 10.78 -44.51
C GLY D 1 25.37 10.01 -43.81
N MET D 2 25.21 8.69 -43.70
CA MET D 2 26.22 7.86 -43.06
C MET D 2 27.43 7.59 -43.95
N SER D 3 27.50 8.19 -45.14
CA SER D 3 28.55 7.83 -46.09
C SER D 3 29.90 8.44 -45.70
N SER D 4 29.90 9.66 -45.15
CA SER D 4 31.13 10.31 -44.73
C SER D 4 31.46 10.08 -43.25
N LEU D 5 30.65 9.31 -42.54
CA LEU D 5 30.84 9.00 -41.14
C LEU D 5 31.60 7.69 -40.97
N PRO D 6 32.29 7.50 -39.83
CA PRO D 6 32.93 6.21 -39.56
C PRO D 6 31.92 5.06 -39.63
N ALA D 7 32.38 3.92 -40.14
CA ALA D 7 31.52 2.76 -40.22
C ALA D 7 31.39 2.10 -38.84
N VAL D 8 30.21 1.54 -38.59
CA VAL D 8 29.92 0.81 -37.36
C VAL D 8 29.48 -0.59 -37.75
N TYR D 9 30.16 -1.60 -37.20
CA TYR D 9 29.93 -2.99 -37.54
C TYR D 9 29.25 -3.70 -36.38
N ILE D 10 28.31 -4.58 -36.70
CA ILE D 10 27.72 -5.47 -35.71
C ILE D 10 28.48 -6.78 -35.77
N VAL D 11 29.11 -7.16 -34.67
CA VAL D 11 29.89 -8.39 -34.64
C VAL D 11 29.16 -9.54 -33.96
N SER D 12 28.11 -9.25 -33.20
CA SER D 12 27.29 -10.32 -32.63
C SER D 12 26.00 -9.73 -32.07
N SER D 13 25.06 -10.62 -31.79
CA SER D 13 23.79 -10.26 -31.19
C SER D 13 23.28 -11.49 -30.43
N ALA D 14 22.47 -11.25 -29.41
CA ALA D 14 21.91 -12.33 -28.64
C ALA D 14 20.69 -11.82 -27.91
N ARG D 15 19.79 -12.74 -27.58
CA ARG D 15 18.61 -12.38 -26.81
C ARG D 15 18.27 -13.53 -25.89
N THR D 16 17.55 -13.23 -24.82
CA THR D 16 16.94 -14.26 -23.98
C THR D 16 15.72 -14.84 -24.69
N PRO D 17 15.26 -16.01 -24.28
CA PRO D 17 13.87 -16.37 -24.59
C PRO D 17 12.97 -15.24 -24.07
N VAL D 18 11.81 -15.08 -24.67
CA VAL D 18 10.85 -14.10 -24.20
C VAL D 18 9.81 -14.81 -23.36
N GLY D 19 9.74 -14.46 -22.08
CA GLY D 19 8.79 -15.10 -21.17
C GLY D 19 7.47 -14.36 -21.10
N SER D 20 6.41 -15.11 -20.85
CA SER D 20 5.10 -14.53 -20.68
C SER D 20 4.98 -13.80 -19.34
N PHE D 21 4.00 -12.91 -19.27
CA PHE D 21 3.75 -12.15 -18.05
C PHE D 21 3.53 -13.08 -16.87
N LEU D 22 4.33 -12.89 -15.82
CA LEU D 22 4.33 -13.77 -14.65
C LEU D 22 4.62 -15.22 -15.05
N GLY D 23 5.45 -15.41 -16.06
CA GLY D 23 5.67 -16.72 -16.64
C GLY D 23 7.06 -17.28 -16.40
N SER D 24 7.69 -17.80 -17.46
CA SER D 24 8.88 -18.62 -17.32
C SER D 24 10.10 -17.86 -16.82
N LEU D 25 10.13 -16.53 -16.97
CA LEU D 25 11.31 -15.75 -16.59
C LEU D 25 10.99 -14.76 -15.49
N SER D 26 9.82 -14.90 -14.85
CA SER D 26 9.33 -13.90 -13.91
C SER D 26 10.15 -13.84 -12.64
N SER D 27 10.95 -14.86 -12.34
CA SER D 27 11.81 -14.82 -11.17
C SER D 27 13.08 -14.00 -11.39
N LEU D 28 13.39 -13.58 -12.62
CA LEU D 28 14.58 -12.80 -12.90
C LEU D 28 14.25 -11.32 -12.98
N THR D 29 15.13 -10.49 -12.43
CA THR D 29 15.06 -9.06 -12.57
C THR D 29 15.50 -8.62 -13.97
N ALA D 30 15.08 -7.42 -14.37
CA ALA D 30 15.53 -6.84 -15.63
C ALA D 30 17.05 -6.83 -15.81
N PRO D 31 17.87 -6.48 -14.80
CA PRO D 31 19.33 -6.53 -15.03
C PRO D 31 19.88 -7.95 -15.12
N GLN D 32 19.20 -8.93 -14.49
CA GLN D 32 19.61 -10.31 -14.68
C GLN D 32 19.36 -10.77 -16.11
N LEU D 33 18.23 -10.36 -16.69
CA LEU D 33 17.97 -10.67 -18.09
C LEU D 33 18.97 -9.98 -19.00
N GLY D 34 19.25 -8.71 -18.71
CA GLY D 34 20.14 -7.95 -19.57
C GLY D 34 21.56 -8.47 -19.52
N ALA D 35 22.06 -8.75 -18.31
CA ALA D 35 23.38 -9.35 -18.18
C ALA D 35 23.48 -10.64 -18.99
N HIS D 36 22.41 -11.43 -19.02
CA HIS D 36 22.44 -12.70 -19.74
C HIS D 36 22.59 -12.48 -21.23
N ALA D 37 21.87 -11.52 -21.80
CA ALA D 37 21.97 -11.27 -23.24
C ALA D 37 23.32 -10.67 -23.59
N ILE D 38 23.83 -9.76 -22.76
CA ILE D 38 25.13 -9.15 -23.00
C ILE D 38 26.22 -10.21 -23.01
N LYS D 39 26.24 -11.06 -21.98
CA LYS D 39 27.27 -12.08 -21.85
C LYS D 39 27.23 -13.05 -23.03
N ALA D 40 26.03 -13.42 -23.48
CA ALA D 40 25.91 -14.36 -24.58
C ALA D 40 26.37 -13.76 -25.90
N ALA D 41 26.05 -12.48 -26.15
CA ALA D 41 26.48 -11.85 -27.39
C ALA D 41 28.00 -11.76 -27.46
N LEU D 42 28.63 -11.40 -26.34
CA LEU D 42 30.08 -11.32 -26.33
C LEU D 42 30.71 -12.69 -26.52
N ALA D 43 30.11 -13.74 -25.95
CA ALA D 43 30.64 -15.09 -26.14
C ALA D 43 30.72 -15.49 -27.61
N LYS D 44 30.00 -14.80 -28.50
CA LYS D 44 30.00 -15.16 -29.91
C LYS D 44 31.12 -14.51 -30.72
N VAL D 45 31.78 -13.49 -30.18
CA VAL D 45 32.79 -12.74 -30.94
C VAL D 45 34.15 -13.38 -30.70
N ASP D 46 34.68 -14.04 -31.74
CA ASP D 46 36.00 -14.67 -31.64
C ASP D 46 37.09 -13.60 -31.81
N GLY D 47 37.96 -13.48 -30.81
CA GLY D 47 39.01 -12.49 -30.80
C GLY D 47 38.72 -11.27 -29.94
N LEU D 48 37.50 -11.15 -29.42
CA LEU D 48 37.12 -10.04 -28.56
C LEU D 48 36.94 -10.53 -27.13
N LYS D 49 37.40 -9.72 -26.17
CA LYS D 49 37.22 -10.06 -24.77
C LYS D 49 36.16 -9.16 -24.15
N PRO D 50 35.42 -9.65 -23.16
CA PRO D 50 34.48 -8.77 -22.45
C PRO D 50 35.14 -7.53 -21.87
N SER D 51 36.42 -7.63 -21.48
CA SER D 51 37.13 -6.47 -20.95
C SER D 51 37.38 -5.40 -22.00
N ASP D 52 37.17 -5.70 -23.29
CA ASP D 52 37.31 -4.70 -24.34
C ASP D 52 36.08 -3.80 -24.48
N VAL D 53 34.95 -4.14 -23.86
CA VAL D 53 33.75 -3.31 -23.98
C VAL D 53 33.96 -2.05 -23.16
N GLN D 54 33.86 -0.89 -23.82
CA GLN D 54 34.16 0.39 -23.22
C GLN D 54 32.93 1.11 -22.72
N GLU D 55 31.77 0.88 -23.34
CA GLU D 55 30.57 1.65 -23.05
C GLU D 55 29.35 0.80 -23.32
N VAL D 56 28.28 1.06 -22.56
CA VAL D 56 27.01 0.34 -22.68
C VAL D 56 25.89 1.37 -22.75
N PHE D 57 24.97 1.18 -23.69
CA PHE D 57 23.68 1.87 -23.70
C PHE D 57 22.61 0.79 -23.64
N PHE D 58 21.76 0.84 -22.61
CA PHE D 58 20.73 -0.19 -22.44
C PHE D 58 19.37 0.44 -22.17
N GLY D 59 18.37 0.01 -22.94
CA GLY D 59 17.03 0.48 -22.77
C GLY D 59 16.29 -0.27 -21.68
N ASN D 60 15.40 0.45 -21.01
CA ASN D 60 14.59 -0.06 -19.92
C ASN D 60 13.53 0.99 -19.63
N VAL D 61 12.26 0.60 -19.55
CA VAL D 61 11.18 1.58 -19.49
C VAL D 61 10.66 1.71 -18.06
N ILE D 62 10.16 0.61 -17.52
CA ILE D 62 9.56 0.61 -16.19
C ILE D 62 10.71 0.27 -15.26
N SER D 63 11.45 1.30 -14.86
CA SER D 63 12.66 1.10 -14.09
C SER D 63 12.43 1.18 -12.58
N ALA D 64 11.20 1.39 -12.12
CA ALA D 64 10.94 1.48 -10.69
C ALA D 64 11.33 0.19 -9.99
N ASN D 65 12.01 0.32 -8.85
CA ASN D 65 12.47 -0.78 -8.02
C ASN D 65 13.52 -1.63 -8.71
N VAL D 66 14.01 -1.20 -9.88
CA VAL D 66 15.13 -1.90 -10.50
C VAL D 66 16.45 -1.55 -9.83
N GLY D 67 16.53 -0.41 -9.14
CA GLY D 67 17.75 0.06 -8.54
C GLY D 67 18.52 1.01 -9.46
N GLN D 68 19.59 1.58 -8.90
CA GLN D 68 20.40 2.57 -9.62
C GLN D 68 20.82 2.07 -10.99
N ASN D 69 20.68 2.93 -12.01
CA ASN D 69 21.16 2.78 -13.39
C ASN D 69 21.03 1.35 -13.90
N PRO D 70 19.84 0.92 -14.34
CA PRO D 70 19.65 -0.45 -14.83
C PRO D 70 20.76 -0.92 -15.76
N ALA D 71 21.17 -0.04 -16.70
CA ALA D 71 22.20 -0.40 -17.66
C ALA D 71 23.51 -0.76 -16.97
N ARG D 72 23.87 -0.04 -15.90
CA ARG D 72 25.09 -0.35 -15.16
C ARG D 72 25.00 -1.73 -14.52
N GLN D 73 23.84 -2.08 -13.99
CA GLN D 73 23.68 -3.41 -13.40
C GLN D 73 23.76 -4.50 -14.47
N CYS D 74 23.23 -4.24 -15.67
CA CYS D 74 23.35 -5.22 -16.74
C CYS D 74 24.81 -5.44 -17.12
N ALA D 75 25.58 -4.37 -17.26
CA ALA D 75 26.97 -4.49 -17.67
C ALA D 75 27.78 -5.25 -16.64
N LEU D 76 27.63 -4.89 -15.36
CA LEU D 76 28.42 -5.54 -14.32
C LEU D 76 27.98 -6.99 -14.13
N GLY D 77 26.67 -7.25 -14.21
CA GLY D 77 26.19 -8.61 -14.12
C GLY D 77 26.72 -9.51 -15.24
N ALA D 78 27.06 -8.92 -16.38
CA ALA D 78 27.60 -9.68 -17.50
C ALA D 78 29.10 -9.87 -17.41
N GLY D 79 29.75 -9.30 -16.40
CA GLY D 79 31.18 -9.44 -16.24
C GLY D 79 32.02 -8.37 -16.89
N LEU D 80 31.40 -7.29 -17.38
CA LEU D 80 32.18 -6.21 -17.96
C LEU D 80 32.95 -5.47 -16.86
N GLU D 81 34.02 -4.79 -17.26
CA GLU D 81 34.89 -4.09 -16.32
C GLU D 81 34.16 -2.93 -15.65
N GLU D 82 34.56 -2.65 -14.40
CA GLU D 82 34.01 -1.50 -13.70
C GLU D 82 34.35 -0.18 -14.37
N SER D 83 35.30 -0.16 -15.31
CA SER D 83 35.60 1.03 -16.08
C SER D 83 34.56 1.33 -17.15
N THR D 84 33.56 0.46 -17.31
CA THR D 84 32.62 0.57 -18.42
C THR D 84 31.64 1.72 -18.23
N ILE D 85 31.45 2.52 -19.28
CA ILE D 85 30.52 3.63 -19.24
CA ILE D 85 30.53 3.64 -19.27
C ILE D 85 29.12 3.11 -19.53
N CYS D 86 28.18 3.41 -18.63
CA CYS D 86 26.84 2.82 -18.70
C CYS D 86 25.75 3.86 -18.57
N THR D 87 24.78 3.82 -19.49
CA THR D 87 23.66 4.74 -19.50
C THR D 87 22.37 3.98 -19.82
N THR D 88 21.32 4.22 -19.04
CA THR D 88 20.01 3.64 -19.27
C THR D 88 19.19 4.62 -20.13
N VAL D 89 18.47 4.07 -21.10
CA VAL D 89 17.77 4.84 -22.11
C VAL D 89 16.29 4.50 -22.05
N ASN D 90 15.43 5.51 -22.15
CA ASN D 90 13.98 5.28 -22.15
C ASN D 90 13.39 6.10 -23.28
N LYS D 91 13.01 5.42 -24.36
CA LYS D 91 12.18 5.96 -25.42
C LYS D 91 10.97 5.05 -25.59
N VAL D 92 10.41 4.64 -24.44
CA VAL D 92 9.33 3.65 -24.34
C VAL D 92 9.68 2.43 -25.21
N CYS D 93 8.74 1.96 -26.03
CA CYS D 93 8.97 0.78 -26.84
C CYS D 93 10.21 0.88 -27.84
N ALA D 94 10.70 2.09 -28.07
CA ALA D 94 11.83 2.26 -28.98
C ALA D 94 13.17 2.27 -28.23
N SER D 95 13.11 2.11 -26.91
CA SER D 95 14.30 2.25 -26.06
C SER D 95 15.45 1.37 -26.54
N GLY D 96 15.15 0.12 -26.89
CA GLY D 96 16.21 -0.81 -27.25
C GLY D 96 16.91 -0.51 -28.56
N LEU D 97 16.20 0.10 -29.51
CA LEU D 97 16.82 0.49 -30.78
C LEU D 97 17.53 1.82 -30.66
N LYS D 98 16.92 2.79 -29.96
CA LYS D 98 17.60 4.06 -29.74
C LYS D 98 18.91 3.85 -28.98
N ALA D 99 18.94 2.88 -28.08
CA ALA D 99 20.19 2.57 -27.38
C ALA D 99 21.27 2.16 -28.38
N ILE D 100 20.90 1.37 -29.38
CA ILE D 100 21.85 0.92 -30.39
C ILE D 100 22.31 2.09 -31.26
N ILE D 101 21.38 2.98 -31.61
CA ILE D 101 21.75 4.16 -32.39
C ILE D 101 22.76 5.00 -31.62
N LEU D 102 22.46 5.24 -30.33
CA LEU D 102 23.35 6.03 -29.46
C LEU D 102 24.69 5.35 -29.29
N GLY D 103 24.70 4.03 -29.21
CA GLY D 103 25.96 3.31 -29.19
C GLY D 103 26.72 3.47 -30.50
N ALA D 104 25.99 3.44 -31.62
CA ALA D 104 26.61 3.65 -32.92
C ALA D 104 27.21 5.05 -33.03
N GLN D 105 26.49 6.07 -32.53
CA GLN D 105 27.00 7.43 -32.63
C GLN D 105 28.25 7.62 -31.78
N THR D 106 28.36 6.89 -30.67
CA THR D 106 29.49 7.03 -29.76
C THR D 106 30.76 6.47 -30.37
N ILE D 107 30.65 5.42 -31.18
CA ILE D 107 31.77 4.97 -32.00
C ILE D 107 32.09 6.00 -33.08
N MET D 108 31.05 6.55 -33.70
CA MET D 108 31.25 7.48 -34.82
C MET D 108 31.93 8.77 -34.38
N THR D 109 31.68 9.23 -33.16
CA THR D 109 32.38 10.42 -32.67
C THR D 109 33.74 10.09 -32.07
N GLY D 110 34.18 8.84 -32.19
CA GLY D 110 35.50 8.45 -31.74
C GLY D 110 35.65 8.23 -30.26
N ASN D 111 34.54 8.22 -29.51
CA ASN D 111 34.64 8.10 -28.05
C ASN D 111 34.68 6.66 -27.57
N ALA D 112 34.37 5.69 -28.44
CA ALA D 112 34.57 4.29 -28.12
C ALA D 112 34.91 3.55 -29.40
N ASP D 113 35.53 2.38 -29.24
CA ASP D 113 35.73 1.47 -30.35
C ASP D 113 34.96 0.16 -30.20
N VAL D 114 34.45 -0.11 -28.99
CA VAL D 114 33.66 -1.30 -28.71
C VAL D 114 32.49 -0.88 -27.82
N VAL D 115 31.27 -1.04 -28.31
CA VAL D 115 30.08 -0.70 -27.54
C VAL D 115 29.13 -1.88 -27.53
N VAL D 116 28.52 -2.13 -26.38
CA VAL D 116 27.41 -3.07 -26.25
C VAL D 116 26.14 -2.25 -26.07
N ALA D 117 25.10 -2.56 -26.84
CA ALA D 117 23.84 -1.84 -26.74
C ALA D 117 22.68 -2.80 -26.87
N GLY D 118 21.56 -2.43 -26.28
CA GLY D 118 20.36 -3.25 -26.33
C GLY D 118 19.32 -2.77 -25.35
N GLY D 119 18.57 -3.70 -24.80
CA GLY D 119 17.49 -3.35 -23.90
C GLY D 119 17.01 -4.56 -23.13
N THR D 120 16.35 -4.27 -22.02
CA THR D 120 15.81 -5.30 -21.13
C THR D 120 14.51 -4.80 -20.52
N GLU D 121 13.63 -5.74 -20.17
CA GLU D 121 12.42 -5.37 -19.44
C GLU D 121 11.95 -6.58 -18.66
N SER D 122 11.63 -6.37 -17.38
CA SER D 122 10.92 -7.39 -16.61
C SER D 122 9.56 -6.79 -16.25
N MET D 123 8.58 -6.97 -17.15
CA MET D 123 7.26 -6.44 -16.85
C MET D 123 6.63 -7.21 -15.70
N SER D 124 7.01 -8.48 -15.53
CA SER D 124 6.56 -9.27 -14.39
C SER D 124 6.86 -8.57 -13.07
N ASN D 125 8.08 -8.06 -12.94
CA ASN D 125 8.53 -7.47 -11.69
C ASN D 125 8.37 -5.96 -11.66
N ALA D 126 7.51 -5.42 -12.50
CA ALA D 126 7.15 -4.02 -12.39
C ALA D 126 6.26 -3.84 -11.16
N PRO D 127 6.57 -2.90 -10.28
CA PRO D 127 5.83 -2.79 -9.02
C PRO D 127 4.56 -1.97 -9.18
N HIS D 128 3.85 -1.78 -8.06
CA HIS D 128 2.81 -0.79 -7.94
C HIS D 128 3.31 0.39 -7.13
N TYR D 129 2.67 1.54 -7.32
CA TYR D 129 3.11 2.79 -6.71
C TYR D 129 2.11 3.28 -5.69
N LEU D 130 2.64 3.80 -4.59
CA LEU D 130 1.88 4.51 -3.58
C LEU D 130 2.34 5.97 -3.61
N PRO D 131 1.59 6.86 -4.27
CA PRO D 131 2.15 8.17 -4.64
C PRO D 131 2.01 9.31 -3.64
N ASN D 132 1.22 9.19 -2.58
CA ASN D 132 0.99 10.31 -1.67
CA ASN D 132 0.98 10.31 -1.67
C ASN D 132 1.40 10.00 -0.24
N LEU D 133 2.31 9.05 -0.03
CA LEU D 133 2.70 8.70 1.33
C LEU D 133 3.61 9.75 1.97
N ARG D 134 4.34 10.55 1.19
CA ARG D 134 5.22 11.56 1.80
C ARG D 134 4.43 12.68 2.45
N THR D 135 3.50 13.29 1.71
CA THR D 135 2.70 14.36 2.27
C THR D 135 1.49 13.84 3.03
N GLY D 136 1.03 12.64 2.70
CA GLY D 136 -0.15 12.09 3.33
C GLY D 136 -1.43 12.50 2.64
N ALA D 137 -2.49 11.77 2.95
CA ALA D 137 -3.83 12.01 2.42
C ALA D 137 -4.79 11.73 3.56
N LYS D 138 -5.45 12.76 4.09
CA LYS D 138 -6.06 12.66 5.42
C LYS D 138 -7.30 11.76 5.45
N TYR D 139 -8.10 11.73 4.37
CA TYR D 139 -9.35 10.98 4.41
C TYR D 139 -9.80 10.64 2.99
N GLY D 140 -10.14 9.38 2.77
CA GLY D 140 -10.60 8.91 1.47
C GLY D 140 -9.80 7.72 0.97
N HIS D 141 -10.43 6.92 0.13
CA HIS D 141 -9.73 5.83 -0.55
C HIS D 141 -8.65 6.38 -1.47
N GLN D 142 -7.55 5.64 -1.57
CA GLN D 142 -6.42 6.02 -2.40
C GLN D 142 -6.14 4.91 -3.41
N SER D 143 -5.32 5.24 -4.40
CA SER D 143 -5.01 4.32 -5.49
C SER D 143 -3.61 3.76 -5.34
N LEU D 144 -3.47 2.48 -5.65
CA LEU D 144 -2.18 1.86 -5.89
C LEU D 144 -2.00 1.79 -7.40
N VAL D 145 -1.01 2.52 -7.91
CA VAL D 145 -0.88 2.72 -9.35
C VAL D 145 -0.08 1.56 -9.95
N ASP D 146 -0.67 0.88 -10.94
CA ASP D 146 0.06 -0.17 -11.64
C ASP D 146 1.14 0.45 -12.52
N GLY D 147 2.39 0.12 -12.25
CA GLY D 147 3.49 0.78 -12.93
C GLY D 147 3.57 0.49 -14.42
N ILE D 148 3.11 -0.70 -14.82
CA ILE D 148 3.04 -1.01 -16.24
C ILE D 148 2.07 -0.07 -16.94
N MET D 149 0.87 0.08 -16.38
CA MET D 149 -0.11 0.99 -16.96
C MET D 149 0.42 2.41 -17.00
N LYS D 150 0.99 2.87 -15.88
CA LYS D 150 1.31 4.29 -15.71
C LYS D 150 2.54 4.71 -16.52
N ASP D 151 3.64 3.98 -16.36
CA ASP D 151 4.91 4.33 -16.97
C ASP D 151 5.16 3.60 -18.27
N GLY D 152 4.38 2.55 -18.56
CA GLY D 152 4.57 1.81 -19.79
C GLY D 152 3.51 1.98 -20.86
N LEU D 153 2.22 1.90 -20.49
CA LEU D 153 1.19 1.70 -21.49
C LEU D 153 0.15 2.81 -21.58
N THR D 154 0.34 3.94 -20.90
CA THR D 154 -0.64 5.03 -20.95
C THR D 154 -0.02 6.26 -21.60
N ASP D 155 -0.72 6.79 -22.61
CA ASP D 155 -0.33 8.08 -23.17
C ASP D 155 -0.48 9.16 -22.11
N ALA D 156 0.58 9.95 -21.92
CA ALA D 156 0.58 10.96 -20.86
C ALA D 156 -0.45 12.05 -21.12
N GLY D 157 -0.55 12.51 -22.36
CA GLY D 157 -1.49 13.56 -22.71
C GLY D 157 -2.93 13.20 -22.47
N LYS D 158 -3.46 12.25 -23.25
CA LYS D 158 -4.88 11.92 -23.22
C LYS D 158 -5.24 10.84 -22.20
N GLN D 159 -4.27 10.30 -21.47
CA GLN D 159 -4.53 9.34 -20.40
C GLN D 159 -5.24 8.09 -20.90
N GLU D 160 -4.85 7.60 -22.09
CA GLU D 160 -5.44 6.40 -22.67
C GLU D 160 -4.38 5.31 -22.81
N LEU D 161 -4.81 4.07 -22.59
CA LEU D 161 -3.95 2.92 -22.83
C LEU D 161 -3.58 2.84 -24.31
N MET D 162 -2.42 2.23 -24.58
CA MET D 162 -2.00 2.04 -25.97
C MET D 162 -3.06 1.28 -26.76
N GLY D 163 -3.73 0.32 -26.13
CA GLY D 163 -4.74 -0.45 -26.81
C GLY D 163 -5.88 0.41 -27.34
N LEU D 164 -6.25 1.43 -26.58
CA LEU D 164 -7.32 2.32 -27.04
C LEU D 164 -6.89 3.12 -28.25
N GLN D 165 -5.63 3.56 -28.28
CA GLN D 165 -5.11 4.26 -29.44
C GLN D 165 -4.86 3.33 -30.61
N ALA D 166 -4.67 2.03 -30.34
CA ALA D 166 -4.68 1.03 -31.40
C ALA D 166 -6.03 1.02 -32.11
N GLU D 167 -7.13 1.09 -31.36
CA GLU D 167 -8.45 1.20 -31.98
C GLU D 167 -8.52 2.40 -32.91
N GLU D 168 -8.00 3.54 -32.44
CA GLU D 168 -7.92 4.73 -33.28
C GLU D 168 -7.18 4.42 -34.57
N CYS D 169 -6.12 3.62 -34.50
CA CYS D 169 -5.40 3.22 -35.69
C CYS D 169 -6.26 2.34 -36.60
N ALA D 170 -7.12 1.51 -36.02
CA ALA D 170 -8.02 0.68 -36.82
C ALA D 170 -9.06 1.55 -37.52
N GLN D 171 -9.66 2.49 -36.80
CA GLN D 171 -10.63 3.39 -37.41
C GLN D 171 -9.99 4.27 -38.48
N ASP D 172 -8.80 4.82 -38.19
CA ASP D 172 -8.18 5.77 -39.11
C ASP D 172 -7.84 5.12 -40.44
N HIS D 173 -7.39 3.87 -40.42
CA HIS D 173 -6.86 3.24 -41.63
C HIS D 173 -7.69 2.06 -42.11
N GLY D 174 -8.84 1.80 -41.49
CA GLY D 174 -9.83 0.89 -42.05
C GLY D 174 -9.52 -0.60 -41.98
N PHE D 175 -9.20 -1.10 -40.79
CA PHE D 175 -8.95 -2.52 -40.59
C PHE D 175 -9.98 -3.10 -39.64
N SER D 176 -10.49 -4.29 -39.99
CA SER D 176 -11.55 -4.93 -39.25
C SER D 176 -10.99 -5.84 -38.16
N ARG D 177 -11.89 -6.26 -37.26
CA ARG D 177 -11.57 -7.31 -36.31
C ARG D 177 -11.00 -8.54 -37.03
N GLU D 178 -11.66 -8.96 -38.10
CA GLU D 178 -11.25 -10.16 -38.83
C GLU D 178 -9.89 -9.97 -39.50
N GLN D 179 -9.63 -8.81 -40.10
CA GLN D 179 -8.34 -8.57 -40.73
C GLN D 179 -7.21 -8.61 -39.71
N GLN D 180 -7.40 -7.97 -38.56
CA GLN D 180 -6.38 -8.03 -37.50
C GLN D 180 -6.19 -9.47 -37.02
N ASP D 181 -7.29 -10.22 -36.90
CA ASP D 181 -7.20 -11.60 -36.44
C ASP D 181 -6.44 -12.48 -37.43
N GLU D 182 -6.69 -12.29 -38.73
CA GLU D 182 -6.01 -13.11 -39.73
C GLU D 182 -4.53 -12.76 -39.79
N TYR D 183 -4.18 -11.49 -39.59
CA TYR D 183 -2.78 -11.12 -39.45
C TYR D 183 -2.16 -11.80 -38.23
N ALA D 184 -2.87 -11.74 -37.09
CA ALA D 184 -2.40 -12.40 -35.87
C ALA D 184 -2.12 -13.88 -36.12
N ILE D 185 -3.07 -14.57 -36.76
CA ILE D 185 -2.90 -15.99 -36.99
C ILE D 185 -1.67 -16.25 -37.85
N ARG D 186 -1.50 -15.46 -38.92
CA ARG D 186 -0.35 -15.66 -39.80
C ARG D 186 0.96 -15.46 -39.06
N THR D 187 1.07 -14.42 -38.23
CA THR D 187 2.32 -14.17 -37.55
C THR D 187 2.60 -15.21 -36.48
N TYR D 188 1.55 -15.78 -35.88
CA TYR D 188 1.74 -16.89 -34.97
C TYR D 188 2.26 -18.11 -35.71
N GLU D 189 1.65 -18.43 -36.84
CA GLU D 189 2.11 -19.56 -37.63
C GLU D 189 3.52 -19.35 -38.13
N LYS D 190 3.90 -18.11 -38.44
CA LYS D 190 5.28 -17.85 -38.82
C LYS D 190 6.21 -18.04 -37.63
N ALA D 191 5.80 -17.58 -36.46
CA ALA D 191 6.61 -17.81 -35.25
C ALA D 191 6.74 -19.30 -34.96
N GLN D 192 5.64 -20.05 -35.08
CA GLN D 192 5.70 -21.48 -34.76
C GLN D 192 6.52 -22.25 -35.78
N ALA D 193 6.50 -21.86 -37.07
CA ALA D 193 7.30 -22.55 -38.07
C ALA D 193 8.78 -22.27 -37.91
N ALA D 194 9.14 -21.06 -37.47
CA ALA D 194 10.54 -20.76 -37.17
C ALA D 194 11.02 -21.48 -35.92
N GLN D 195 10.19 -21.50 -34.87
CA GLN D 195 10.51 -22.31 -33.70
C GLN D 195 10.85 -23.75 -34.08
N LYS D 196 10.06 -24.34 -34.97
CA LYS D 196 10.14 -25.77 -35.25
C LYS D 196 11.35 -26.14 -36.09
N ALA D 197 11.77 -25.23 -36.97
CA ALA D 197 12.96 -25.41 -37.79
C ALA D 197 14.23 -24.95 -37.09
N GLY D 198 14.16 -24.67 -35.78
CA GLY D 198 15.32 -24.22 -35.05
C GLY D 198 15.91 -22.89 -35.50
N LEU D 199 15.11 -22.05 -36.15
CA LEU D 199 15.65 -20.79 -36.69
C LEU D 199 15.88 -19.75 -35.61
N PHE D 200 15.30 -19.91 -34.42
CA PHE D 200 15.63 -19.05 -33.29
C PHE D 200 16.79 -19.58 -32.45
N ASP D 201 17.32 -20.75 -32.78
CA ASP D 201 18.28 -21.41 -31.90
C ASP D 201 19.55 -20.59 -31.73
N GLU D 202 20.03 -19.95 -32.80
CA GLU D 202 21.30 -19.24 -32.72
C GLU D 202 21.17 -17.97 -31.91
N GLU D 203 20.10 -17.21 -32.13
CA GLU D 203 19.96 -15.91 -31.46
C GLU D 203 19.60 -16.04 -29.99
N ILE D 204 18.86 -17.08 -29.62
CA ILE D 204 18.45 -17.27 -28.23
C ILE D 204 19.61 -17.90 -27.47
N ALA D 205 19.92 -17.31 -26.31
CA ALA D 205 20.76 -17.97 -25.31
C ALA D 205 19.88 -18.52 -24.22
N PRO D 206 19.70 -19.84 -24.11
CA PRO D 206 18.80 -20.39 -23.08
C PRO D 206 19.23 -19.98 -21.68
N ILE D 207 18.26 -19.98 -20.77
CA ILE D 207 18.47 -19.53 -19.42
C ILE D 207 18.27 -20.70 -18.47
N GLN D 208 19.17 -20.85 -17.51
CA GLN D 208 19.11 -21.90 -16.52
C GLN D 208 18.73 -21.30 -15.18
N LEU D 209 17.60 -21.74 -14.63
CA LEU D 209 17.18 -21.30 -13.31
C LEU D 209 17.67 -22.32 -12.27
N PRO D 210 18.66 -21.98 -11.46
CA PRO D 210 19.12 -22.92 -10.43
C PRO D 210 18.01 -23.27 -9.46
N GLY D 211 17.92 -24.56 -9.14
CA GLY D 211 16.94 -25.01 -8.17
C GLY D 211 17.38 -24.68 -6.76
N PHE D 212 16.42 -24.26 -5.93
CA PHE D 212 16.67 -24.04 -4.53
C PHE D 212 17.01 -25.37 -3.84
N ARG D 213 17.18 -25.31 -2.52
CA ARG D 213 17.62 -26.45 -1.72
C ARG D 213 16.76 -27.70 -1.91
N LYS D 215 14.89 -28.93 -5.08
CA LYS D 215 14.19 -28.48 -6.29
C LYS D 215 15.08 -28.56 -7.53
N PRO D 216 14.57 -29.19 -8.59
CA PRO D 216 15.36 -29.38 -9.81
C PRO D 216 15.60 -28.07 -10.56
N ASP D 217 16.72 -28.04 -11.28
CA ASP D 217 17.02 -26.93 -12.17
C ASP D 217 16.03 -26.88 -13.32
N VAL D 218 15.81 -25.69 -13.86
CA VAL D 218 14.92 -25.47 -14.99
C VAL D 218 15.69 -24.72 -16.07
N THR D 219 15.65 -25.21 -17.30
CA THR D 219 16.20 -24.48 -18.44
C THR D 219 15.06 -23.96 -19.29
N VAL D 220 15.08 -22.66 -19.56
CA VAL D 220 14.12 -22.02 -20.46
C VAL D 220 14.82 -21.83 -21.79
N THR D 221 14.31 -22.50 -22.83
CA THR D 221 14.93 -22.47 -24.15
CA THR D 221 14.92 -22.50 -24.16
C THR D 221 14.11 -21.76 -25.21
N GLN D 222 12.78 -21.82 -25.13
CA GLN D 222 11.90 -21.28 -26.16
C GLN D 222 11.18 -20.03 -25.69
N ASP D 223 10.83 -19.17 -26.63
CA ASP D 223 9.83 -18.15 -26.38
C ASP D 223 8.52 -18.79 -25.98
N GLU D 224 7.86 -18.20 -24.99
CA GLU D 224 6.72 -18.87 -24.36
C GLU D 224 5.42 -18.64 -25.10
N GLU D 225 5.26 -17.50 -25.76
CA GLU D 225 3.96 -17.15 -26.34
C GLU D 225 3.58 -17.95 -27.59
N PRO D 226 4.49 -18.21 -28.56
CA PRO D 226 4.05 -18.82 -29.84
C PRO D 226 3.15 -20.03 -29.70
N LYS D 227 3.40 -20.91 -28.74
CA LYS D 227 2.57 -22.11 -28.62
C LYS D 227 1.13 -21.81 -28.22
N ASN D 228 0.81 -20.57 -27.80
CA ASN D 228 -0.52 -20.29 -27.29
C ASN D 228 -1.56 -20.07 -28.37
N LEU D 229 -1.18 -20.13 -29.65
CA LEU D 229 -2.15 -19.92 -30.72
C LEU D 229 -3.29 -20.92 -30.62
N ASN D 230 -4.51 -20.41 -30.68
CA ASN D 230 -5.73 -21.22 -30.74
C ASN D 230 -6.67 -20.48 -31.67
N PRO D 231 -6.71 -20.84 -32.96
CA PRO D 231 -7.44 -20.01 -33.93
C PRO D 231 -8.93 -19.87 -33.63
N GLU D 232 -9.58 -20.93 -33.16
CA GLU D 232 -11.00 -20.82 -32.86
C GLU D 232 -11.24 -19.88 -31.67
N LYS D 233 -10.48 -20.06 -30.59
CA LYS D 233 -10.63 -19.18 -29.43
C LYS D 233 -10.23 -17.76 -29.78
N LEU D 234 -9.22 -17.59 -30.65
CA LEU D 234 -8.77 -16.25 -31.02
C LEU D 234 -9.86 -15.49 -31.77
N ARG D 235 -10.52 -16.16 -32.71
CA ARG D 235 -11.53 -15.50 -33.54
C ARG D 235 -12.83 -15.25 -32.78
N ALA D 236 -12.99 -15.82 -31.58
CA ALA D 236 -14.24 -15.71 -30.84
C ALA D 236 -14.11 -14.92 -29.55
N ILE D 237 -12.91 -14.45 -29.20
CA ILE D 237 -12.74 -13.75 -27.94
C ILE D 237 -13.34 -12.35 -28.02
N LYS D 238 -13.73 -11.82 -26.86
CA LYS D 238 -14.30 -10.48 -26.80
C LYS D 238 -13.21 -9.44 -27.02
N PRO D 239 -13.59 -8.21 -27.39
CA PRO D 239 -12.61 -7.13 -27.46
C PRO D 239 -12.04 -6.80 -26.09
N ALA D 240 -10.86 -6.22 -26.07
CA ALA D 240 -10.15 -5.98 -24.82
C ALA D 240 -10.08 -4.51 -24.42
N PHE D 241 -10.54 -3.58 -25.26
CA PHE D 241 -10.43 -2.16 -24.95
C PHE D 241 -11.69 -1.35 -25.24
N ILE D 242 -12.61 -1.86 -26.04
CA ILE D 242 -13.91 -1.23 -26.28
C ILE D 242 -14.94 -2.36 -26.27
N PRO D 243 -15.82 -2.41 -25.26
CA PRO D 243 -16.77 -3.54 -25.18
C PRO D 243 -17.57 -3.80 -26.44
N GLY D 244 -18.17 -2.77 -27.02
CA GLY D 244 -19.11 -2.98 -28.12
C GLY D 244 -18.48 -3.22 -29.47
N SER D 245 -18.05 -2.13 -30.11
CA SER D 245 -17.52 -2.17 -31.47
C SER D 245 -16.03 -2.47 -31.51
N GLY D 246 -15.45 -2.99 -30.43
CA GLY D 246 -14.01 -3.15 -30.36
C GLY D 246 -13.50 -4.13 -31.41
N THR D 247 -12.28 -3.86 -31.89
CA THR D 247 -11.58 -4.75 -32.80
C THR D 247 -10.26 -5.26 -32.25
N VAL D 248 -9.71 -4.64 -31.22
CA VAL D 248 -8.41 -5.00 -30.68
C VAL D 248 -8.61 -5.98 -29.53
N THR D 249 -7.89 -7.10 -29.57
CA THR D 249 -8.06 -8.17 -28.60
C THR D 249 -6.72 -8.53 -27.99
N ALA D 250 -6.79 -9.23 -26.85
CA ALA D 250 -5.55 -9.74 -26.25
C ALA D 250 -4.78 -10.64 -27.21
N PRO D 251 -5.40 -11.60 -27.91
CA PRO D 251 -4.62 -12.42 -28.84
C PRO D 251 -4.06 -11.67 -30.04
N ASN D 252 -4.70 -10.59 -30.52
CA ASN D 252 -4.17 -9.87 -31.67
C ASN D 252 -3.40 -8.60 -31.26
N SER D 253 -3.22 -8.37 -29.96
CA SER D 253 -2.28 -7.39 -29.46
C SER D 253 -0.99 -8.09 -29.03
N SER D 254 0.07 -7.32 -28.84
CA SER D 254 1.23 -7.90 -28.19
C SER D 254 0.88 -8.16 -26.71
N PRO D 255 1.52 -9.16 -26.09
CA PRO D 255 1.28 -9.40 -24.66
C PRO D 255 2.21 -8.60 -23.77
N LEU D 256 2.13 -8.79 -22.44
CA LEU D 256 3.15 -8.31 -21.51
C LEU D 256 4.19 -9.41 -21.33
N ASN D 257 5.47 -9.05 -21.42
CA ASN D 257 6.53 -10.05 -21.51
C ASN D 257 7.81 -9.57 -20.81
N ASP D 258 8.69 -10.54 -20.55
CA ASP D 258 10.01 -10.33 -19.98
C ASP D 258 11.06 -10.80 -20.98
N GLY D 259 12.16 -10.08 -21.06
CA GLY D 259 13.26 -10.51 -21.91
C GLY D 259 14.26 -9.40 -22.10
N ALA D 260 15.40 -9.77 -22.69
CA ALA D 260 16.45 -8.82 -23.02
C ALA D 260 17.11 -9.23 -24.33
N ALA D 261 17.71 -8.26 -25.01
CA ALA D 261 18.51 -8.48 -26.20
C ALA D 261 19.68 -7.50 -26.22
N ALA D 262 20.76 -7.89 -26.90
CA ALA D 262 21.99 -7.09 -26.95
C ALA D 262 22.70 -7.32 -28.27
N VAL D 263 23.41 -6.29 -28.72
CA VAL D 263 24.30 -6.37 -29.88
C VAL D 263 25.65 -5.80 -29.48
N VAL D 264 26.70 -6.24 -30.17
CA VAL D 264 28.06 -5.78 -29.92
C VAL D 264 28.52 -5.00 -31.14
N LEU D 265 28.93 -3.76 -30.91
CA LEU D 265 29.29 -2.81 -31.95
C LEU D 265 30.78 -2.51 -31.92
N VAL D 266 31.37 -2.35 -33.11
CA VAL D 266 32.81 -2.15 -33.24
C VAL D 266 33.07 -1.16 -34.37
N SER D 267 34.12 -0.36 -34.21
CA SER D 267 34.60 0.54 -35.25
C SER D 267 35.40 -0.21 -36.31
N GLU D 268 35.59 0.47 -37.45
CA GLU D 268 36.40 -0.07 -38.53
C GLU D 268 37.79 -0.44 -38.04
N ALA D 269 38.42 0.44 -37.27
CA ALA D 269 39.80 0.21 -36.85
C ALA D 269 39.91 -0.95 -35.86
N LYS D 270 38.95 -1.05 -34.93
CA LYS D 270 39.00 -2.14 -33.96
C LYS D 270 38.73 -3.48 -34.63
N LEU D 271 37.81 -3.50 -35.61
CA LEU D 271 37.52 -4.73 -36.33
C LEU D 271 38.78 -5.28 -36.98
N LYS D 272 39.56 -4.41 -37.63
CA LYS D 272 40.77 -4.85 -38.33
C LYS D 272 41.89 -5.20 -37.34
N GLU D 273 42.12 -4.33 -36.35
CA GLU D 273 43.12 -4.60 -35.32
C GLU D 273 42.96 -6.00 -34.74
N LEU D 274 41.74 -6.38 -34.35
CA LEU D 274 41.50 -7.67 -33.73
C LEU D 274 41.11 -8.75 -34.74
N ASN D 275 40.96 -8.39 -36.01
CA ASN D 275 40.64 -9.33 -37.08
C ASN D 275 39.32 -10.07 -36.78
N LEU D 276 38.25 -9.29 -36.64
CA LEU D 276 36.94 -9.83 -36.30
C LEU D 276 36.11 -10.04 -37.56
N LYS D 277 35.33 -11.11 -37.59
CA LYS D 277 34.38 -11.32 -38.68
C LYS D 277 33.11 -10.55 -38.35
N PRO D 278 32.80 -9.49 -39.09
CA PRO D 278 31.58 -8.72 -38.79
C PRO D 278 30.34 -9.46 -39.27
N VAL D 279 29.29 -9.44 -38.45
CA VAL D 279 28.04 -10.06 -38.87
C VAL D 279 27.27 -9.14 -39.80
N ALA D 280 27.19 -7.86 -39.46
CA ALA D 280 26.46 -6.90 -40.28
C ALA D 280 27.08 -5.53 -40.09
N LYS D 281 26.64 -4.60 -40.93
CA LYS D 281 27.09 -3.22 -40.91
C LYS D 281 25.87 -2.32 -40.78
N ILE D 282 25.94 -1.32 -39.91
CA ILE D 282 24.84 -0.37 -39.80
C ILE D 282 24.97 0.64 -40.93
N LEU D 283 23.93 0.75 -41.76
CA LEU D 283 23.95 1.68 -42.88
C LEU D 283 23.25 2.99 -42.58
N GLY D 284 22.23 2.98 -41.73
CA GLY D 284 21.54 4.22 -41.42
C GLY D 284 20.51 4.00 -40.33
N TRP D 285 19.93 5.10 -39.88
CA TRP D 285 18.89 5.05 -38.88
C TRP D 285 18.06 6.33 -38.97
N GLY D 286 16.93 6.32 -38.26
CA GLY D 286 16.00 7.43 -38.29
C GLY D 286 15.00 7.41 -37.17
N ASP D 287 14.85 8.55 -36.49
CA ASP D 287 13.83 8.75 -35.48
C ASP D 287 12.79 9.71 -36.05
N ALA D 288 11.53 9.46 -35.71
CA ALA D 288 10.46 10.34 -36.15
C ALA D 288 9.40 10.37 -35.07
N ALA D 289 8.57 11.41 -35.12
CA ALA D 289 7.50 11.57 -34.15
C ALA D 289 6.36 12.36 -34.77
N GLN D 290 5.16 12.10 -34.29
CA GLN D 290 3.96 12.82 -34.72
C GLN D 290 3.01 12.89 -33.53
N GLN D 291 1.73 13.15 -33.80
CA GLN D 291 0.73 13.26 -32.74
C GLN D 291 0.78 12.05 -31.81
N PRO D 292 0.81 12.25 -30.49
CA PRO D 292 0.92 11.10 -29.57
C PRO D 292 -0.06 9.97 -29.83
N SER D 293 -1.35 10.27 -29.96
CA SER D 293 -2.29 9.17 -30.23
C SER D 293 -2.13 8.59 -31.63
N LYS D 294 -1.28 9.16 -32.47
CA LYS D 294 -0.98 8.62 -33.78
C LYS D 294 0.33 7.84 -33.83
N PHE D 295 0.87 7.46 -32.66
CA PHE D 295 2.18 6.81 -32.61
C PHE D 295 2.19 5.53 -33.45
N THR D 296 1.04 4.91 -33.63
CA THR D 296 0.95 3.63 -34.34
C THR D 296 1.56 3.70 -35.73
N THR D 297 1.36 4.81 -36.43
CA THR D 297 1.87 4.98 -37.79
C THR D 297 3.11 5.85 -37.85
N ALA D 298 3.68 6.21 -36.71
CA ALA D 298 4.95 6.91 -36.69
C ALA D 298 6.08 6.15 -37.39
N PRO D 299 6.10 4.81 -37.45
CA PRO D 299 7.13 4.15 -38.26
C PRO D 299 7.05 4.46 -39.75
N ALA D 300 5.88 4.87 -40.25
CA ALA D 300 5.78 5.28 -41.64
C ALA D 300 6.57 6.55 -41.92
N LEU D 301 7.03 7.24 -40.89
CA LEU D 301 7.99 8.33 -41.02
C LEU D 301 9.41 7.89 -40.71
N ALA D 302 9.60 7.13 -39.63
CA ALA D 302 10.95 6.75 -39.23
C ALA D 302 11.62 5.85 -40.26
N ILE D 303 10.86 4.97 -40.90
CA ILE D 303 11.40 4.00 -41.86
C ILE D 303 11.88 4.70 -43.13
N PRO D 304 11.08 5.56 -43.79
CA PRO D 304 11.64 6.30 -44.93
C PRO D 304 12.81 7.18 -44.53
N LYS D 305 12.77 7.77 -43.33
CA LYS D 305 13.89 8.59 -42.87
C LYS D 305 15.14 7.74 -42.74
N ALA D 306 15.02 6.59 -42.06
CA ALA D 306 16.17 5.69 -41.93
C ALA D 306 16.69 5.26 -43.30
N LEU D 307 15.78 4.93 -44.22
CA LEU D 307 16.20 4.51 -45.55
C LEU D 307 16.98 5.62 -46.25
N LYS D 308 16.49 6.86 -46.17
CA LYS D 308 17.18 7.99 -46.79
C LYS D 308 18.55 8.19 -46.17
N HIS D 309 18.63 8.08 -44.85
CA HIS D 309 19.90 8.22 -44.14
C HIS D 309 20.91 7.17 -44.60
N ALA D 310 20.44 5.99 -44.99
CA ALA D 310 21.32 4.90 -45.38
C ALA D 310 21.69 4.92 -46.85
N GLY D 311 21.02 5.74 -47.66
CA GLY D 311 21.25 5.71 -49.09
C GLY D 311 20.70 4.49 -49.79
N VAL D 312 19.71 3.81 -49.21
CA VAL D 312 19.12 2.63 -49.80
C VAL D 312 17.66 2.90 -50.12
N GLY D 313 17.16 2.25 -51.18
CA GLY D 313 15.77 2.38 -51.56
C GLY D 313 14.89 1.36 -50.85
N GLN D 314 13.62 1.74 -50.66
CA GLN D 314 12.69 0.86 -49.97
C GLN D 314 12.58 -0.49 -50.66
N ASP D 315 12.57 -0.51 -51.99
CA ASP D 315 12.43 -1.75 -52.72
C ASP D 315 13.69 -2.59 -52.72
N ALA D 316 14.82 -2.05 -52.26
CA ALA D 316 16.05 -2.82 -52.18
C ALA D 316 16.10 -3.70 -50.94
N ILE D 317 15.27 -3.40 -49.94
CA ILE D 317 15.30 -4.12 -48.67
C ILE D 317 14.80 -5.55 -48.89
N ASP D 318 15.53 -6.52 -48.36
CA ASP D 318 15.14 -7.92 -48.47
C ASP D 318 14.20 -8.38 -47.37
N ALA D 319 14.28 -7.76 -46.18
CA ALA D 319 13.40 -8.14 -45.07
C ALA D 319 13.17 -6.93 -44.18
N PHE D 320 11.93 -6.75 -43.76
CA PHE D 320 11.54 -5.69 -42.83
C PHE D 320 11.11 -6.32 -41.51
N GLU D 321 11.46 -5.66 -40.41
CA GLU D 321 10.91 -5.97 -39.09
C GLU D 321 10.11 -4.75 -38.65
N ILE D 322 8.78 -4.82 -38.81
CA ILE D 322 7.86 -3.81 -38.33
C ILE D 322 7.24 -4.34 -37.03
N ASN D 323 7.63 -3.75 -35.89
CA ASN D 323 7.30 -4.34 -34.60
C ASN D 323 5.80 -4.34 -34.35
N GLU D 324 5.31 -5.42 -33.75
CA GLU D 324 3.88 -5.65 -33.59
C GLU D 324 3.43 -5.31 -32.16
N ALA D 325 3.47 -4.02 -31.85
CA ALA D 325 2.76 -3.54 -30.67
C ALA D 325 1.32 -4.04 -30.69
N PHE D 326 0.69 -3.96 -31.85
CA PHE D 326 -0.62 -4.55 -32.11
C PHE D 326 -0.61 -5.08 -33.55
N SER D 327 -1.46 -6.07 -33.82
CA SER D 327 -1.61 -6.53 -35.20
C SER D 327 -1.89 -5.37 -36.13
N VAL D 328 -2.79 -4.47 -35.72
CA VAL D 328 -3.21 -3.36 -36.57
C VAL D 328 -2.06 -2.38 -36.83
N VAL D 329 -1.05 -2.33 -35.95
CA VAL D 329 0.10 -1.46 -36.19
C VAL D 329 0.87 -1.93 -37.42
N ALA D 330 1.14 -3.23 -37.51
CA ALA D 330 1.84 -3.73 -38.68
C ALA D 330 0.99 -3.57 -39.94
N LEU D 331 -0.32 -3.82 -39.84
CA LEU D 331 -1.19 -3.66 -41.00
C LEU D 331 -1.17 -2.22 -41.50
N ALA D 332 -1.24 -1.25 -40.58
CA ALA D 332 -1.36 0.15 -40.99
C ALA D 332 -0.05 0.68 -41.56
N ASN D 333 1.08 0.23 -41.02
CA ASN D 333 2.36 0.66 -41.55
C ASN D 333 2.68 -0.01 -42.88
N MET D 334 2.26 -1.27 -43.06
CA MET D 334 2.39 -1.87 -44.38
C MET D 334 1.53 -1.13 -45.39
N LYS D 335 0.34 -0.70 -44.97
CA LYS D 335 -0.56 0.00 -45.89
C LYS D 335 0.06 1.32 -46.35
N LEU D 336 0.50 2.14 -45.39
CA LEU D 336 0.97 3.48 -45.73
C LEU D 336 2.25 3.42 -46.56
N LEU D 337 3.16 2.51 -46.22
CA LEU D 337 4.47 2.46 -46.86
C LEU D 337 4.48 1.64 -48.14
N GLY D 338 3.40 0.93 -48.44
CA GLY D 338 3.39 0.07 -49.62
C GLY D 338 4.34 -1.10 -49.54
N ILE D 339 4.43 -1.75 -48.39
CA ILE D 339 5.31 -2.90 -48.18
C ILE D 339 4.43 -4.15 -48.15
N PRO D 340 4.67 -5.14 -49.02
CA PRO D 340 3.87 -6.36 -48.98
C PRO D 340 4.19 -7.19 -47.74
N GLU D 341 3.17 -7.87 -47.23
CA GLU D 341 3.35 -8.66 -46.01
C GLU D 341 4.39 -9.77 -46.20
N GLU D 342 4.69 -10.16 -47.45
CA GLU D 342 5.62 -11.24 -47.72
C GLU D 342 7.08 -10.86 -47.46
N LYS D 343 7.37 -9.61 -47.09
CA LYS D 343 8.71 -9.20 -46.70
C LYS D 343 8.74 -8.69 -45.27
N VAL D 344 7.70 -8.96 -44.49
CA VAL D 344 7.54 -8.41 -43.15
C VAL D 344 7.55 -9.55 -42.13
N ASN D 345 8.31 -9.36 -41.05
CA ASN D 345 8.42 -10.29 -39.93
C ASN D 345 8.37 -11.75 -40.38
N LEU D 346 9.40 -12.19 -41.10
CA LEU D 346 9.35 -13.52 -41.71
C LEU D 346 9.44 -14.65 -40.70
N HIS D 347 9.82 -14.37 -39.45
CA HIS D 347 9.80 -15.38 -38.40
C HIS D 347 8.75 -15.10 -37.34
N GLY D 348 7.77 -14.25 -37.67
CA GLY D 348 6.75 -13.87 -36.72
C GLY D 348 7.11 -12.57 -36.04
N GLY D 349 6.13 -12.02 -35.31
CA GLY D 349 6.30 -10.73 -34.66
C GLY D 349 5.91 -10.79 -33.19
N ALA D 350 5.95 -9.62 -32.56
CA ALA D 350 5.78 -9.53 -31.11
C ALA D 350 4.40 -10.00 -30.66
N VAL D 351 3.39 -9.93 -31.53
CA VAL D 351 2.07 -10.46 -31.19
C VAL D 351 2.17 -11.93 -30.80
N ALA D 352 3.08 -12.67 -31.47
CA ALA D 352 3.28 -14.08 -31.21
C ALA D 352 4.55 -14.36 -30.42
N ILE D 353 5.56 -13.50 -30.51
CA ILE D 353 6.83 -13.76 -29.81
C ILE D 353 6.87 -13.14 -28.41
N GLY D 354 6.20 -12.01 -28.21
CA GLY D 354 6.28 -11.29 -26.94
C GLY D 354 6.82 -9.88 -27.09
N HIS D 355 6.55 -9.00 -26.13
CA HIS D 355 6.86 -7.57 -26.25
C HIS D 355 7.41 -7.01 -24.94
N PRO D 356 8.64 -7.40 -24.55
CA PRO D 356 9.30 -6.76 -23.39
C PRO D 356 9.70 -5.35 -23.78
N ILE D 357 8.92 -4.34 -23.38
CA ILE D 357 8.90 -3.09 -24.13
C ILE D 357 10.29 -2.48 -24.25
N GLY D 358 11.06 -2.47 -23.16
CA GLY D 358 12.38 -1.86 -23.21
C GLY D 358 13.39 -2.62 -24.05
N ALA D 359 13.13 -3.90 -24.33
CA ALA D 359 14.03 -4.74 -25.09
C ALA D 359 13.63 -4.90 -26.56
N SER D 360 12.36 -4.70 -26.90
CA SER D 360 11.87 -5.14 -28.21
C SER D 360 12.60 -4.45 -29.36
N GLY D 361 13.03 -3.19 -29.17
CA GLY D 361 13.76 -2.52 -30.24
C GLY D 361 15.06 -3.22 -30.59
N ALA D 362 15.70 -3.85 -29.60
CA ALA D 362 16.89 -4.66 -29.86
C ALA D 362 16.54 -6.09 -30.22
N ARG D 363 15.45 -6.62 -29.65
CA ARG D 363 15.03 -7.97 -29.98
C ARG D 363 14.73 -8.10 -31.48
N ILE D 364 14.07 -7.11 -32.07
CA ILE D 364 13.66 -7.26 -33.46
C ILE D 364 14.86 -7.16 -34.41
N LEU D 365 15.87 -6.38 -34.05
CA LEU D 365 17.10 -6.37 -34.83
C LEU D 365 17.82 -7.72 -34.75
N THR D 366 17.83 -8.33 -33.56
CA THR D 366 18.41 -9.65 -33.42
C THR D 366 17.71 -10.66 -34.31
N THR D 367 16.38 -10.63 -34.31
CA THR D 367 15.60 -11.53 -35.17
C THR D 367 15.81 -11.18 -36.63
N LEU D 368 15.90 -9.87 -36.96
CA LEU D 368 16.11 -9.49 -38.35
C LEU D 368 17.41 -10.04 -38.91
N LEU D 369 18.49 -10.00 -38.12
CA LEU D 369 19.75 -10.59 -38.58
C LEU D 369 19.59 -12.08 -38.87
N GLY D 370 18.77 -12.77 -38.08
CA GLY D 370 18.53 -14.18 -38.33
C GLY D 370 17.64 -14.42 -39.54
N VAL D 371 16.66 -13.54 -39.74
CA VAL D 371 15.83 -13.61 -40.94
C VAL D 371 16.67 -13.40 -42.19
N LEU D 372 17.62 -12.46 -42.13
CA LEU D 372 18.48 -12.20 -43.28
C LEU D 372 19.35 -13.40 -43.62
N LYS D 373 19.93 -14.02 -42.60
CA LYS D 373 20.77 -15.20 -42.84
C LYS D 373 19.93 -16.36 -43.36
N ALA D 374 18.79 -16.63 -42.72
CA ALA D 374 18.01 -17.80 -43.07
C ALA D 374 17.34 -17.67 -44.43
N LYS D 375 16.93 -16.47 -44.81
CA LYS D 375 16.20 -16.26 -46.05
C LYS D 375 17.07 -15.69 -47.16
N LYS D 376 18.40 -15.73 -47.02
CA LYS D 376 19.35 -15.32 -48.05
C LYS D 376 19.11 -13.88 -48.50
N GLY D 377 19.41 -12.96 -47.58
CA GLY D 377 19.17 -11.55 -47.82
C GLY D 377 20.38 -10.73 -47.38
N LYS D 378 20.42 -9.50 -47.87
CA LYS D 378 21.53 -8.59 -47.60
C LYS D 378 21.11 -7.32 -46.87
N LEU D 379 19.97 -6.74 -47.23
CA LEU D 379 19.52 -5.48 -46.66
C LEU D 379 18.28 -5.69 -45.82
N GLY D 380 18.29 -5.15 -44.61
CA GLY D 380 17.16 -5.27 -43.71
C GLY D 380 16.91 -3.95 -43.01
N CYS D 381 15.63 -3.70 -42.72
CA CYS D 381 15.22 -2.51 -41.99
C CYS D 381 14.34 -2.92 -40.83
N ALA D 382 14.60 -2.37 -39.64
CA ALA D 382 13.79 -2.61 -38.45
C ALA D 382 13.14 -1.30 -38.03
N GLY D 383 11.84 -1.35 -37.75
CA GLY D 383 11.11 -0.19 -37.29
C GLY D 383 10.25 -0.52 -36.10
N ILE D 384 10.12 0.44 -35.19
CA ILE D 384 9.34 0.22 -33.97
C ILE D 384 8.79 1.57 -33.51
N CYS D 385 7.47 1.62 -33.31
CA CYS D 385 6.83 2.80 -32.75
C CYS D 385 6.98 2.82 -31.24
N ASN D 386 6.73 3.98 -30.65
CA ASN D 386 6.72 4.09 -29.19
C ASN D 386 5.63 5.02 -28.75
N GLY D 387 5.07 4.75 -27.58
CA GLY D 387 4.03 5.61 -27.03
C GLY D 387 4.53 7.02 -26.81
N GLY D 388 3.62 7.98 -26.95
CA GLY D 388 3.97 9.38 -26.98
C GLY D 388 4.07 9.96 -28.37
N GLY D 389 4.08 9.12 -29.41
CA GLY D 389 4.06 9.60 -30.77
C GLY D 389 5.33 9.34 -31.58
N GLY D 390 6.29 8.60 -31.05
CA GLY D 390 7.57 8.45 -31.69
C GLY D 390 7.74 7.11 -32.41
N ALA D 391 8.84 7.01 -33.17
CA ALA D 391 9.27 5.78 -33.79
C ALA D 391 10.77 5.86 -34.04
N SER D 392 11.41 4.69 -34.11
CA SER D 392 12.81 4.59 -34.50
C SER D 392 12.96 3.47 -35.51
N ALA D 393 13.93 3.63 -36.42
CA ALA D 393 14.16 2.68 -37.49
C ALA D 393 15.66 2.58 -37.77
N LEU D 394 16.09 1.41 -38.24
CA LEU D 394 17.51 1.14 -38.44
C LEU D 394 17.70 0.27 -39.67
N VAL D 395 18.73 0.57 -40.46
CA VAL D 395 19.04 -0.16 -41.68
C VAL D 395 20.37 -0.87 -41.50
N VAL D 396 20.43 -2.14 -41.94
CA VAL D 396 21.63 -2.96 -41.77
C VAL D 396 21.90 -3.71 -43.06
N GLU D 397 23.18 -3.96 -43.31
CA GLU D 397 23.62 -4.80 -44.42
C GLU D 397 24.25 -6.05 -43.83
N LEU D 398 23.72 -7.21 -44.19
CA LEU D 398 24.35 -8.47 -43.78
C LEU D 398 25.60 -8.69 -44.61
N LEU D 399 26.67 -9.07 -43.95
CA LEU D 399 27.98 -9.15 -44.59
C LEU D 399 28.38 -10.60 -44.77
#